data_8T6L
#
_entry.id   8T6L
#
_cell.length_a   1.00
_cell.length_b   1.00
_cell.length_c   1.00
_cell.angle_alpha   90.00
_cell.angle_beta   90.00
_cell.angle_gamma   90.00
#
_symmetry.space_group_name_H-M   'P 1'
#
loop_
_entity.id
_entity.type
_entity.pdbx_description
1 polymer 'Sodium channel protein type 5 subunit alpha,Green fluorescent protein'
2 branched alpha-D-mannopyranose-(1-3)-beta-D-mannopyranose-(1-4)-2-acetamido-2-deoxy-beta-D-glucopyranose-(1-3)-2-acetamido-2-deoxy-beta-D-glucopyranose
3 branched 2-acetamido-2-deoxy-beta-D-glucopyranose-(1-4)-2-acetamido-2-deoxy-beta-D-glucopyranose
4 branched alpha-D-mannopyranose-(1-6)-alpha-D-mannopyranose-(1-6)-beta-D-mannopyranose-(1-4)-2-acetamido-2-deoxy-beta-D-glucopyranose-(1-4)-2-acetamido-2-deoxy-beta-D-glucopyranose
5 non-polymer 2-acetamido-2-deoxy-beta-D-glucopyranose
6 non-polymer 1-palmitoyl-2-oleoyl-sn-glycero-3-phosphocholine
7 non-polymer 'CHOLESTEROL HEMISUCCINATE'
8 non-polymer (3beta,14beta,17beta,25R)-3-[4-methoxy-3-(methoxymethyl)butoxy]spirost-5-en
9 non-polymer '(1R)-1-[(5aR,7aR,9R,11aS,11bS,12R,13aR)-9,12-dihydroxy-2,11a-dimethyl-1,2,3,4,7a,8,9,10,11,11a,12,13-dodecahydro-7H-9,11b-epoxy-13a,5a-prop[1]enophenanthro[2,1-f][1,4]oxazepin-14-yl]ethyl benzoate'
10 water water
#
_entity_poly.entity_id   1
_entity_poly.type   'polypeptide(L)'
_entity_poly.pdbx_seq_one_letter_code
;MANLLLPRGTSSFRRFTRESLAAIEKRMAEKQTRGGSATSQESREGLQEEEAPRPQLDLQASKKLPDLYGNPPRELIGEP
LEDLDPFYSTQKTFIVLNKGKTIFRFSATNALYVLSPFHPVRRAAVKILVHSLFSMLIMCTILTNCVFMAQHDPPPWTKY
VEYTFTAIYTFESLVKILARGFCLHAFTFLRDPWNWLDFSVIVMAYTTEFVDLDNVSALRTFRVLRALKTISVISGLKTI
VGALIQSVKKLADVMVLTVFCLSVFALIGLQLFMGNLRHKCVRNFTELNGTNGSVEADGLVWNSLDVYLNDPANYLLKNG
TTDVLLCGNSSDAGTCPEGYRCLKAGENPDHGYTSFDSFAWAFLALFRLMTQDCWERLYQQTLRSAGKIYMIFFMLVIFL
GSFYLVNLILAVVAMAYEEQNQATIAETEEKEKRFQEAMEMLKKEHEALTIRGVDTVSRSSRQRALSAVSVLTSALEELE
ESHRKCPPCWNRFAQHYLIWECCPLWMSIKQKVKFVVMDPFADLTITMCIVLNTLFMALEHYNMTAEFEEMLQVGNLVFT
GIFTAEMTFKIIALDPYYYFQQGWNIFDSIIVILSLMELGLSRMGNLSVLRSFRLLRVFKLAKSWPTLNTLIKIIGNSVG
ALGNLTLVLAIIVFIFAVVGMQLFGKNYSELRHRISDSGLLPRWHMMDFFHAFLIIFRILCGEWIETMWDCMEVSGQSLC
LLVFLLVMVIGNLVVLNLFLALLLSSFSADNLTAPDEDGEMNNLQLALARIQRGLRFVKRTTWDFCCGILRRRPKKPAAL
ATHSQLPSCITAPRSPPPPEVEKVPPARKETRFEEDKRPGQGTPGDSEPVCVPIAVAESDTEDQEEDEENSGKVWWRLRK
TCYRIVEHSWFETFIIFMILLSSGALAFEDIYLEERKTIKVLLEYADKMFTYVFVLEMLLKWVAYGFKKYFTNAWCWLDF
LIVDVSLVSLVANTLGFAEMGPIKSLRTLRALRPLRALSRFEGMRVVVNALVGAIPSIMNVLLVCLIFWLIFSIMGVNLF
AGKFGRCINQTEGDLPLNYTIVNNKSECESFNVTGELYWTKVKVNFDNVGAGYLALLQVATFKGWMDIMYAAVDSRGYEE
QPQWEDNLYMYIYFVVFIIFGSFFTLNLFIGVIIDNFNQQKKKLGGQDIFMTEEQKKYYNAMKKLGSKKPQKPIPRPLNK
YQGFIFDIVTKQAFDVTIMFLICLNMVTMMVETDDQSPEKVNILAKINLLFVAIFTGECIVKMAALRHYYFTNSWNIFDF
VVVILSIVGTVLSDIIQKYFFSPTLFRVIRLARIGRILRLIRGAKGIRTLLFALMMSLPALFNIGLLLFLVMFIYSIFGM
ANFAYVKWEAGIDDMFNFQTFANSMLCLFQITTSAGWDGLLSPILNTGPPYCDPNLPNSNGSRGNCGSPAVGILFFTTYI
IISFLIVVNMYIAIILENFSVATEESTEPLSEDDFDMFYEIWEKFDPEATQFIEYLALSDFADALSEPLRIAKPNQISLI
NMDLPMVSGDRIHCMDILFAFTKRVLGESGEMDALKIQMEEKFMAANPSKISYEPITTTLRRKHEEVSATVIQRAFRRHL
LQRSVKHASFLFRVDLEVLFQGPGSMVSKGEELFTGVVPILVELDGDVNGHKFSVSGEGEGDATYGKLTLKFICTTGKLP
VPWPTLVTTLTYGVQCFSRYPDHMKQHDFFKSAMPEGYVQERTIFFKDDGNYKTRAEVKFEGDTLVNRIELKGIDFKEDG
NILGHKLEYNYNSHNVYIMADKQKNGIKVNFKIRHNIEDGSVQLADHYQQNTPIGDGPVLLPDNHYLSTQSALSKDPNEK
RDHMVLLEFVTAAGITLGMDELYKGSDYKDDDDK
;
_entity_poly.pdbx_strand_id   A
#
loop_
_chem_comp.id
_chem_comp.type
_chem_comp.name
_chem_comp.formula
9Z9 non-polymer (3beta,14beta,17beta,25R)-3-[4-methoxy-3-(methoxymethyl)butoxy]spirost-5-en 'C34 H56 O5'
BMA D-saccharide, beta linking beta-D-mannopyranose 'C6 H12 O6'
LBN non-polymer 1-palmitoyl-2-oleoyl-sn-glycero-3-phosphocholine 'C42 H82 N O8 P'
MAN D-saccharide, alpha linking alpha-D-mannopyranose 'C6 H12 O6'
NAG D-saccharide, beta linking 2-acetamido-2-deoxy-beta-D-glucopyranose 'C8 H15 N O6'
Y01 non-polymer 'CHOLESTEROL HEMISUCCINATE' 'C31 H50 O4'
YIJ non-polymer '(1R)-1-[(5aR,7aR,9R,11aS,11bS,12R,13aR)-9,12-dihydroxy-2,11a-dimethyl-1,2,3,4,7a,8,9,10,11,11a,12,13-dodecahydro-7H-9,11b-epoxy-13a,5a-prop[1]enophenanthro[2,1-f][1,4]oxazepin-14-yl]ethyl benzoate' 'C31 H39 N O6'
#
# COMPACT_ATOMS: atom_id res chain seq x y z
N SER A 11 -3.75 -54.72 -19.85
CA SER A 11 -3.92 -55.83 -18.94
C SER A 11 -4.61 -55.39 -17.65
N SER A 12 -4.08 -54.33 -17.04
CA SER A 12 -4.67 -53.81 -15.81
C SER A 12 -6.08 -53.29 -16.05
N PHE A 13 -6.28 -52.57 -17.16
CA PHE A 13 -7.59 -52.02 -17.47
C PHE A 13 -8.47 -53.06 -18.15
N ARG A 14 -9.74 -53.09 -17.77
CA ARG A 14 -10.70 -54.01 -18.34
C ARG A 14 -12.10 -53.47 -18.13
N ARG A 15 -13.03 -53.97 -18.93
CA ARG A 15 -14.42 -53.56 -18.79
C ARG A 15 -15.00 -54.08 -17.48
N PHE A 16 -15.75 -53.23 -16.79
CA PHE A 16 -16.35 -53.60 -15.52
C PHE A 16 -17.35 -54.75 -15.72
N THR A 17 -17.28 -55.72 -14.83
CA THR A 17 -18.13 -56.91 -14.90
C THR A 17 -18.73 -57.19 -13.53
N ARG A 18 -19.87 -57.88 -13.53
CA ARG A 18 -20.53 -58.22 -12.28
C ARG A 18 -19.69 -59.19 -11.45
N GLU A 19 -18.91 -60.06 -12.10
CA GLU A 19 -18.03 -60.95 -11.36
C GLU A 19 -16.94 -60.16 -10.65
N SER A 20 -16.42 -59.10 -11.28
CA SER A 20 -15.45 -58.24 -10.61
C SER A 20 -16.08 -57.52 -9.42
N LEU A 21 -17.33 -57.08 -9.57
CA LEU A 21 -18.03 -56.46 -8.45
C LEU A 21 -18.20 -57.46 -7.30
N ALA A 22 -18.55 -58.70 -7.63
CA ALA A 22 -18.64 -59.73 -6.60
C ALA A 22 -17.29 -59.99 -5.93
N ALA A 23 -16.21 -59.96 -6.70
CA ALA A 23 -14.88 -60.14 -6.12
C ALA A 23 -14.54 -58.99 -5.17
N ILE A 24 -14.89 -57.77 -5.55
CA ILE A 24 -14.71 -56.64 -4.64
C ILE A 24 -15.55 -56.82 -3.39
N GLU A 25 -16.75 -57.41 -3.54
CA GLU A 25 -17.58 -57.72 -2.38
C GLU A 25 -16.88 -58.73 -1.47
N LYS A 26 -16.27 -59.77 -2.04
CA LYS A 26 -15.54 -60.72 -1.20
C LYS A 26 -14.39 -60.04 -0.48
N ARG A 27 -13.69 -59.13 -1.19
CA ARG A 27 -12.58 -58.40 -0.57
C ARG A 27 -13.05 -57.59 0.63
N MET A 28 -14.15 -56.84 0.45
CA MET A 28 -14.76 -56.15 1.58
C MET A 28 -15.20 -57.13 2.66
N ALA A 29 -15.48 -58.37 2.26
CA ALA A 29 -15.93 -59.38 3.22
C ALA A 29 -14.80 -59.76 4.19
N GLU A 30 -13.62 -60.15 3.67
CA GLU A 30 -12.61 -60.56 4.65
C GLU A 30 -11.94 -59.33 5.24
N LYS A 31 -12.11 -58.17 4.60
CA LYS A 31 -11.65 -56.93 5.20
C LYS A 31 -12.39 -56.64 6.50
N GLN A 32 -13.68 -56.94 6.54
CA GLN A 32 -14.48 -56.74 7.75
C GLN A 32 -14.44 -57.98 8.64
N PRO A 53 -1.34 -48.01 4.29
CA PRO A 53 -2.53 -47.33 4.80
C PRO A 53 -2.68 -45.92 4.22
N ARG A 54 -2.46 -45.78 2.91
CA ARG A 54 -2.51 -44.46 2.28
C ARG A 54 -2.64 -44.62 0.77
N PRO A 55 -3.54 -43.88 0.13
CA PRO A 55 -3.71 -44.02 -1.32
C PRO A 55 -2.55 -43.39 -2.08
N GLN A 56 -2.34 -43.89 -3.31
CA GLN A 56 -1.26 -43.41 -4.15
C GLN A 56 -1.57 -42.01 -4.68
N LEU A 57 -0.56 -41.14 -4.65
CA LEU A 57 -0.72 -39.78 -5.15
C LEU A 57 -0.94 -39.77 -6.67
N ASP A 58 -0.23 -40.64 -7.39
CA ASP A 58 -0.35 -40.68 -8.85
C ASP A 58 -1.71 -41.17 -9.30
N LEU A 59 -2.50 -41.76 -8.41
CA LEU A 59 -3.82 -42.29 -8.76
C LEU A 59 -4.95 -41.43 -8.22
N GLN A 60 -4.66 -40.24 -7.71
CA GLN A 60 -5.71 -39.37 -7.20
C GLN A 60 -6.57 -38.84 -8.34
N ALA A 61 -7.78 -38.44 -8.00
CA ALA A 61 -8.73 -37.93 -8.99
C ALA A 61 -8.25 -36.59 -9.56
N SER A 62 -8.70 -36.31 -10.78
CA SER A 62 -8.37 -35.07 -11.48
C SER A 62 -6.86 -34.90 -11.66
N LYS A 63 -6.17 -36.02 -11.87
CA LYS A 63 -4.73 -36.02 -12.11
C LYS A 63 -4.41 -36.95 -13.27
N LYS A 64 -3.31 -36.65 -13.95
CA LYS A 64 -2.89 -37.45 -15.09
C LYS A 64 -2.38 -38.82 -14.63
N LEU A 65 -2.62 -39.83 -15.46
CA LEU A 65 -2.21 -41.19 -15.16
C LEU A 65 -0.80 -41.43 -15.69
N PRO A 66 0.09 -42.02 -14.88
CA PRO A 66 1.44 -42.32 -15.37
C PRO A 66 1.41 -43.32 -16.52
N ASP A 67 2.39 -43.18 -17.42
CA ASP A 67 2.45 -44.02 -18.61
C ASP A 67 2.90 -45.46 -18.31
N LEU A 68 3.29 -45.75 -17.07
CA LEU A 68 3.72 -47.10 -16.73
C LEU A 68 2.59 -48.11 -16.92
N TYR A 69 1.37 -47.74 -16.53
CA TYR A 69 0.23 -48.63 -16.69
C TYR A 69 -0.18 -48.80 -18.14
N GLY A 70 0.26 -47.92 -19.03
CA GLY A 70 -0.02 -48.04 -20.44
C GLY A 70 -1.17 -47.15 -20.87
N ASN A 71 -1.17 -46.78 -22.15
CA ASN A 71 -2.23 -45.96 -22.69
C ASN A 71 -3.52 -46.77 -22.81
N PRO A 72 -4.63 -46.30 -22.23
CA PRO A 72 -5.89 -47.04 -22.33
C PRO A 72 -6.34 -47.16 -23.78
N PRO A 73 -6.93 -48.28 -24.14
CA PRO A 73 -7.41 -48.45 -25.52
C PRO A 73 -8.56 -47.50 -25.83
N ARG A 74 -8.70 -47.19 -27.12
CA ARG A 74 -9.77 -46.29 -27.55
C ARG A 74 -11.15 -46.86 -27.26
N GLU A 75 -11.27 -48.19 -27.18
CA GLU A 75 -12.54 -48.81 -26.85
C GLU A 75 -12.83 -48.82 -25.36
N LEU A 76 -11.85 -48.50 -24.52
CA LEU A 76 -12.02 -48.47 -23.08
C LEU A 76 -12.08 -47.07 -22.50
N ILE A 77 -11.81 -46.03 -23.29
CA ILE A 77 -11.88 -44.66 -22.80
C ILE A 77 -13.33 -44.29 -22.55
N GLY A 78 -13.60 -43.74 -21.37
CA GLY A 78 -14.96 -43.39 -21.01
C GLY A 78 -15.83 -44.57 -20.63
N GLU A 79 -15.23 -45.68 -20.22
CA GLU A 79 -15.96 -46.89 -19.84
C GLU A 79 -15.56 -47.31 -18.44
N PRO A 80 -16.45 -47.97 -17.70
CA PRO A 80 -16.12 -48.37 -16.33
C PRO A 80 -15.00 -49.40 -16.30
N LEU A 81 -13.97 -49.11 -15.51
CA LEU A 81 -12.83 -50.01 -15.34
C LEU A 81 -12.59 -50.25 -13.86
N GLU A 82 -11.99 -51.40 -13.57
CA GLU A 82 -11.72 -51.77 -12.18
C GLU A 82 -10.70 -50.83 -11.57
N ASP A 83 -10.80 -50.65 -10.25
CA ASP A 83 -9.89 -49.77 -9.55
C ASP A 83 -8.46 -50.30 -9.56
N LEU A 84 -7.50 -49.39 -9.60
CA LEU A 84 -6.08 -49.72 -9.64
C LEU A 84 -5.43 -49.67 -8.26
N ASP A 85 -5.76 -48.67 -7.46
CA ASP A 85 -5.14 -48.51 -6.15
C ASP A 85 -5.66 -49.56 -5.18
N PRO A 86 -4.78 -50.35 -4.55
CA PRO A 86 -5.26 -51.34 -3.56
C PRO A 86 -5.93 -50.71 -2.34
N PHE A 87 -5.68 -49.43 -2.06
CA PHE A 87 -6.29 -48.79 -0.91
C PHE A 87 -7.81 -48.75 -1.03
N TYR A 88 -8.32 -48.43 -2.21
CA TYR A 88 -9.75 -48.44 -2.45
C TYR A 88 -10.25 -49.77 -2.99
N SER A 89 -9.37 -50.77 -3.13
CA SER A 89 -9.80 -52.07 -3.62
C SER A 89 -10.75 -52.75 -2.65
N THR A 90 -10.58 -52.50 -1.35
CA THR A 90 -11.49 -53.08 -0.36
C THR A 90 -12.91 -52.57 -0.54
N GLN A 91 -13.06 -51.28 -0.79
CA GLN A 91 -14.37 -50.68 -0.99
C GLN A 91 -14.79 -50.74 -2.45
N LYS A 92 -16.04 -50.36 -2.71
CA LYS A 92 -16.63 -50.44 -4.04
C LYS A 92 -16.35 -49.13 -4.77
N THR A 93 -15.26 -49.10 -5.53
CA THR A 93 -14.89 -47.94 -6.33
C THR A 93 -14.45 -48.40 -7.71
N PHE A 94 -14.58 -47.51 -8.69
CA PHE A 94 -14.11 -47.80 -10.04
C PHE A 94 -13.62 -46.51 -10.70
N ILE A 95 -12.89 -46.70 -11.80
CA ILE A 95 -12.06 -45.66 -12.41
C ILE A 95 -12.42 -45.51 -13.87
N VAL A 96 -12.40 -44.27 -14.36
CA VAL A 96 -12.53 -43.97 -15.77
C VAL A 96 -11.47 -42.95 -16.17
N LEU A 97 -11.21 -42.88 -17.48
CA LEU A 97 -10.26 -41.94 -18.04
C LEU A 97 -10.80 -41.41 -19.37
N ASN A 98 -10.40 -40.20 -19.72
CA ASN A 98 -10.77 -39.56 -20.97
C ASN A 98 -9.60 -39.64 -21.96
N LYS A 99 -9.74 -38.93 -23.08
CA LYS A 99 -8.65 -38.88 -24.07
C LYS A 99 -7.39 -38.28 -23.46
N GLY A 100 -7.56 -37.32 -22.55
CA GLY A 100 -6.43 -36.73 -21.86
C GLY A 100 -5.87 -37.56 -20.73
N LYS A 101 -6.49 -38.70 -20.44
CA LYS A 101 -6.02 -39.64 -19.42
C LYS A 101 -5.96 -38.99 -18.05
N THR A 102 -7.09 -38.42 -17.64
CA THR A 102 -7.26 -37.89 -16.29
C THR A 102 -7.99 -38.91 -15.45
N ILE A 103 -7.39 -39.28 -14.32
CA ILE A 103 -7.94 -40.36 -13.49
C ILE A 103 -9.20 -39.85 -12.83
N PHE A 104 -10.31 -40.58 -12.99
CA PHE A 104 -11.58 -40.22 -12.37
C PHE A 104 -12.06 -41.40 -11.55
N ARG A 105 -12.30 -41.15 -10.26
CA ARG A 105 -12.72 -42.17 -9.30
C ARG A 105 -14.20 -41.94 -8.98
N PHE A 106 -15.07 -42.81 -9.49
CA PHE A 106 -16.49 -42.69 -9.18
C PHE A 106 -16.90 -43.71 -8.12
N SER A 107 -18.19 -43.80 -7.88
CA SER A 107 -18.76 -44.64 -6.85
C SER A 107 -19.41 -45.87 -7.48
N ALA A 108 -19.15 -47.05 -6.90
CA ALA A 108 -19.71 -48.29 -7.41
C ALA A 108 -20.96 -48.74 -6.69
N THR A 109 -21.22 -48.22 -5.48
CA THR A 109 -22.45 -48.56 -4.78
C THR A 109 -23.65 -47.96 -5.52
N ASN A 110 -24.81 -48.58 -5.32
CA ASN A 110 -26.03 -48.19 -6.02
C ASN A 110 -26.34 -46.71 -5.79
N ALA A 111 -26.29 -45.92 -6.87
CA ALA A 111 -26.62 -44.51 -6.79
C ALA A 111 -28.13 -44.35 -6.69
N LEU A 112 -28.57 -43.53 -5.74
CA LEU A 112 -29.99 -43.28 -5.47
C LEU A 112 -30.74 -44.57 -5.13
N TYR A 113 -30.02 -45.61 -4.71
CA TYR A 113 -30.54 -46.90 -4.27
C TYR A 113 -31.24 -47.68 -5.38
N VAL A 114 -31.30 -47.16 -6.60
CA VAL A 114 -32.00 -47.84 -7.69
C VAL A 114 -31.06 -48.02 -8.88
N LEU A 115 -30.09 -47.11 -9.01
CA LEU A 115 -29.21 -47.09 -10.17
C LEU A 115 -27.97 -47.94 -9.91
N SER A 116 -27.91 -49.10 -10.55
CA SER A 116 -26.72 -49.93 -10.47
C SER A 116 -25.61 -49.32 -11.34
N PRO A 117 -24.34 -49.54 -10.97
CA PRO A 117 -23.24 -48.98 -11.77
C PRO A 117 -23.18 -49.51 -13.19
N PHE A 118 -23.79 -50.66 -13.46
CA PHE A 118 -23.79 -51.26 -14.79
C PHE A 118 -25.02 -50.88 -15.60
N HIS A 119 -25.87 -50.00 -15.07
CA HIS A 119 -27.08 -49.60 -15.78
C HIS A 119 -26.71 -48.86 -17.07
N PRO A 120 -27.42 -49.11 -18.17
CA PRO A 120 -27.10 -48.38 -19.42
C PRO A 120 -27.24 -46.88 -19.29
N VAL A 121 -28.23 -46.39 -18.55
CA VAL A 121 -28.39 -44.95 -18.40
C VAL A 121 -27.26 -44.36 -17.54
N ARG A 122 -26.86 -45.08 -16.49
CA ARG A 122 -25.72 -44.64 -15.69
C ARG A 122 -24.44 -44.67 -16.50
N ARG A 123 -24.27 -45.70 -17.34
CA ARG A 123 -23.09 -45.75 -18.20
C ARG A 123 -23.07 -44.60 -19.18
N ALA A 124 -24.22 -44.23 -19.73
CA ALA A 124 -24.30 -43.05 -20.59
C ALA A 124 -24.01 -41.78 -19.80
N ALA A 125 -24.51 -41.71 -18.57
CA ALA A 125 -24.30 -40.50 -17.76
C ALA A 125 -22.83 -40.30 -17.43
N VAL A 126 -22.14 -41.37 -17.02
CA VAL A 126 -20.73 -41.22 -16.67
C VAL A 126 -19.90 -40.94 -17.91
N LYS A 127 -20.32 -41.44 -19.07
CA LYS A 127 -19.62 -41.13 -20.32
C LYS A 127 -19.67 -39.63 -20.62
N ILE A 128 -20.84 -39.00 -20.42
CA ILE A 128 -20.96 -37.57 -20.67
C ILE A 128 -20.33 -36.76 -19.54
N LEU A 129 -20.16 -37.33 -18.36
CA LEU A 129 -19.55 -36.58 -17.25
C LEU A 129 -18.06 -36.39 -17.49
N VAL A 130 -17.40 -37.39 -18.08
CA VAL A 130 -15.95 -37.32 -18.32
C VAL A 130 -15.61 -36.65 -19.64
N HIS A 131 -16.61 -36.37 -20.50
CA HIS A 131 -16.35 -35.78 -21.79
C HIS A 131 -15.82 -34.36 -21.63
N SER A 132 -14.72 -34.05 -22.31
CA SER A 132 -14.16 -32.70 -22.24
C SER A 132 -15.06 -31.69 -22.92
N LEU A 133 -15.88 -32.12 -23.89
CA LEU A 133 -16.82 -31.21 -24.52
C LEU A 133 -17.89 -30.75 -23.55
N PHE A 134 -18.32 -31.62 -22.63
CA PHE A 134 -19.30 -31.23 -21.63
C PHE A 134 -18.75 -30.15 -20.72
N SER A 135 -17.48 -30.27 -20.33
CA SER A 135 -16.88 -29.25 -19.48
C SER A 135 -16.81 -27.90 -20.20
N MET A 136 -16.48 -27.91 -21.49
CA MET A 136 -16.46 -26.67 -22.25
C MET A 136 -17.86 -26.08 -22.39
N LEU A 137 -18.90 -26.92 -22.44
CA LEU A 137 -20.26 -26.42 -22.51
C LEU A 137 -20.62 -25.60 -21.27
N ILE A 138 -20.24 -26.10 -20.09
CA ILE A 138 -20.51 -25.37 -18.86
C ILE A 138 -19.66 -24.10 -18.79
N MET A 139 -18.41 -24.19 -19.25
CA MET A 139 -17.52 -23.03 -19.20
C MET A 139 -18.05 -21.88 -20.06
N CYS A 140 -18.53 -22.20 -21.27
CA CYS A 140 -19.08 -21.16 -22.13
C CYS A 140 -20.36 -20.58 -21.56
N THR A 141 -21.20 -21.42 -20.95
CA THR A 141 -22.45 -20.94 -20.37
C THR A 141 -22.18 -19.98 -19.22
N ILE A 142 -21.20 -20.29 -18.37
CA ILE A 142 -20.88 -19.42 -17.25
C ILE A 142 -20.38 -18.07 -17.75
N LEU A 143 -19.53 -18.07 -18.77
CA LEU A 143 -19.02 -16.82 -19.31
C LEU A 143 -20.13 -15.96 -19.90
N THR A 144 -21.09 -16.59 -20.60
CA THR A 144 -22.24 -15.85 -21.10
C THR A 144 -23.09 -15.32 -19.96
N ASN A 145 -23.25 -16.13 -18.90
CA ASN A 145 -24.01 -15.67 -17.74
C ASN A 145 -23.29 -14.53 -17.02
N CYS A 146 -21.97 -14.58 -16.97
CA CYS A 146 -21.21 -13.51 -16.32
C CYS A 146 -21.38 -12.20 -17.08
N VAL A 147 -21.49 -12.27 -18.41
CA VAL A 147 -21.74 -11.07 -19.20
C VAL A 147 -23.13 -10.52 -18.89
N PHE A 148 -24.12 -11.40 -18.76
CA PHE A 148 -25.49 -10.96 -18.53
C PHE A 148 -25.72 -10.44 -17.12
N MET A 149 -24.85 -10.79 -16.17
CA MET A 149 -24.99 -10.28 -14.81
C MET A 149 -24.36 -8.91 -14.61
N ALA A 150 -23.60 -8.42 -15.59
CA ALA A 150 -22.96 -7.13 -15.49
C ALA A 150 -23.78 -6.00 -16.10
N GLN A 151 -24.98 -6.29 -16.59
CA GLN A 151 -25.84 -5.31 -17.22
C GLN A 151 -26.84 -4.78 -16.19
N HIS A 152 -26.65 -3.53 -15.77
CA HIS A 152 -27.62 -2.89 -14.90
C HIS A 152 -28.89 -2.56 -15.68
N ASP A 153 -30.04 -2.74 -15.03
CA ASP A 153 -31.35 -2.58 -15.67
C ASP A 153 -31.42 -3.42 -16.93
N PRO A 154 -31.48 -4.75 -16.82
CA PRO A 154 -31.48 -5.61 -18.01
C PRO A 154 -32.76 -5.46 -18.80
N PRO A 155 -32.74 -5.75 -20.09
CA PRO A 155 -33.96 -5.69 -20.90
C PRO A 155 -34.96 -6.73 -20.46
N PRO A 156 -36.25 -6.52 -20.69
CA PRO A 156 -37.27 -7.45 -20.18
C PRO A 156 -37.27 -8.81 -20.87
N TRP A 157 -36.53 -8.98 -21.96
CA TRP A 157 -36.51 -10.25 -22.67
C TRP A 157 -35.53 -11.25 -22.09
N THR A 158 -34.81 -10.89 -21.02
CA THR A 158 -33.80 -11.77 -20.45
C THR A 158 -34.39 -12.85 -19.53
N LYS A 159 -35.71 -12.88 -19.36
CA LYS A 159 -36.30 -13.90 -18.49
C LYS A 159 -36.08 -15.30 -19.06
N TYR A 160 -36.16 -15.45 -20.38
CA TYR A 160 -35.89 -16.75 -20.99
C TYR A 160 -34.44 -17.15 -20.82
N VAL A 161 -33.52 -16.19 -20.90
CA VAL A 161 -32.10 -16.49 -20.73
C VAL A 161 -31.83 -17.00 -19.32
N GLU A 162 -32.48 -16.40 -18.32
CA GLU A 162 -32.36 -16.91 -16.96
C GLU A 162 -32.94 -18.31 -16.84
N TYR A 163 -34.07 -18.56 -17.52
CA TYR A 163 -34.64 -19.91 -17.53
C TYR A 163 -33.69 -20.89 -18.21
N THR A 164 -33.09 -20.49 -19.33
CA THR A 164 -32.18 -21.37 -20.04
C THR A 164 -30.95 -21.69 -19.19
N PHE A 165 -30.40 -20.69 -18.50
CA PHE A 165 -29.26 -20.94 -17.62
C PHE A 165 -29.66 -21.83 -16.45
N THR A 166 -30.87 -21.63 -15.92
CA THR A 166 -31.37 -22.52 -14.87
C THR A 166 -31.53 -23.94 -15.39
N ALA A 167 -32.05 -24.10 -16.60
CA ALA A 167 -32.23 -25.43 -17.16
C ALA A 167 -30.89 -26.13 -17.39
N ILE A 168 -29.91 -25.40 -17.92
CA ILE A 168 -28.60 -25.99 -18.18
C ILE A 168 -27.93 -26.39 -16.87
N TYR A 169 -27.97 -25.50 -15.87
CA TYR A 169 -27.31 -25.78 -14.60
C TYR A 169 -27.96 -26.96 -13.89
N THR A 170 -29.29 -27.05 -13.94
CA THR A 170 -29.96 -28.22 -13.37
C THR A 170 -29.69 -29.47 -14.20
N PHE A 171 -29.54 -29.33 -15.51
CA PHE A 171 -29.23 -30.48 -16.36
C PHE A 171 -27.87 -31.07 -16.01
N GLU A 172 -26.85 -30.21 -15.86
CA GLU A 172 -25.53 -30.71 -15.49
C GLU A 172 -25.50 -31.17 -14.05
N SER A 173 -26.32 -30.57 -13.17
CA SER A 173 -26.41 -31.05 -11.80
C SER A 173 -27.08 -32.43 -11.75
N LEU A 174 -28.10 -32.63 -12.58
CA LEU A 174 -28.77 -33.94 -12.62
C LEU A 174 -27.82 -35.04 -13.09
N VAL A 175 -26.85 -34.69 -13.94
CA VAL A 175 -25.88 -35.68 -14.40
C VAL A 175 -25.06 -36.20 -13.22
N LYS A 176 -24.65 -35.30 -12.33
CA LYS A 176 -23.88 -35.73 -11.16
C LYS A 176 -24.70 -36.63 -10.26
N ILE A 177 -25.99 -36.32 -10.07
CA ILE A 177 -26.85 -37.16 -9.25
C ILE A 177 -27.06 -38.52 -9.92
N LEU A 178 -27.14 -38.53 -11.24
CA LEU A 178 -27.38 -39.76 -11.99
C LEU A 178 -26.12 -40.58 -12.21
N ALA A 179 -24.97 -40.12 -11.74
CA ALA A 179 -23.71 -40.82 -11.96
C ALA A 179 -22.96 -41.17 -10.69
N ARG A 180 -23.14 -40.41 -9.62
CA ARG A 180 -22.35 -40.60 -8.40
C ARG A 180 -23.17 -40.84 -7.15
N GLY A 181 -24.48 -40.61 -7.17
CA GLY A 181 -25.29 -40.67 -5.96
C GLY A 181 -25.54 -39.29 -5.40
N PHE A 182 -26.05 -39.26 -4.16
CA PHE A 182 -26.35 -37.99 -3.51
C PHE A 182 -25.47 -37.73 -2.30
N CYS A 183 -25.56 -38.57 -1.25
CA CYS A 183 -24.74 -38.35 -0.06
C CYS A 183 -24.27 -39.62 0.64
N LEU A 184 -24.56 -40.82 0.11
CA LEU A 184 -24.51 -42.00 0.95
C LEU A 184 -23.15 -42.71 0.94
N HIS A 185 -22.52 -42.87 -0.23
CA HIS A 185 -21.34 -43.72 -0.35
C HIS A 185 -20.13 -42.88 -0.76
N ALA A 186 -19.20 -42.72 0.18
CA ALA A 186 -17.86 -42.17 -0.05
C ALA A 186 -17.83 -41.06 -1.09
N PHE A 187 -17.15 -41.31 -2.21
CA PHE A 187 -17.05 -40.32 -3.29
C PHE A 187 -18.42 -40.14 -3.90
N THR A 188 -19.07 -39.02 -3.58
CA THR A 188 -20.43 -38.75 -4.00
C THR A 188 -20.53 -37.28 -4.37
N PHE A 189 -21.71 -36.87 -4.87
CA PHE A 189 -21.90 -35.49 -5.27
C PHE A 189 -21.68 -34.54 -4.11
N LEU A 190 -22.52 -34.64 -3.08
CA LEU A 190 -22.37 -33.77 -1.92
C LEU A 190 -21.33 -34.32 -0.96
N ARG A 191 -20.13 -34.59 -1.47
CA ARG A 191 -19.00 -34.99 -0.64
C ARG A 191 -17.84 -34.02 -0.75
N ASP A 192 -17.39 -33.74 -1.97
CA ASP A 192 -16.38 -32.70 -2.16
C ASP A 192 -16.99 -31.34 -1.86
N PRO A 193 -16.28 -30.48 -1.11
CA PRO A 193 -16.87 -29.19 -0.72
C PRO A 193 -17.27 -28.33 -1.90
N TRP A 194 -16.61 -28.46 -3.04
CA TRP A 194 -16.90 -27.59 -4.18
C TRP A 194 -18.26 -27.90 -4.80
N ASN A 195 -18.71 -29.16 -4.73
CA ASN A 195 -19.98 -29.52 -5.35
C ASN A 195 -21.18 -29.00 -4.57
N TRP A 196 -20.98 -28.58 -3.32
CA TRP A 196 -22.07 -27.92 -2.58
C TRP A 196 -22.48 -26.63 -3.25
N LEU A 197 -21.55 -25.97 -3.94
CA LEU A 197 -21.86 -24.70 -4.60
C LEU A 197 -22.90 -24.88 -5.70
N ASP A 198 -22.77 -25.95 -6.50
CA ASP A 198 -23.72 -26.18 -7.57
C ASP A 198 -25.11 -26.50 -7.03
N PHE A 199 -25.18 -27.33 -5.98
CA PHE A 199 -26.47 -27.68 -5.40
C PHE A 199 -27.14 -26.46 -4.77
N SER A 200 -26.35 -25.60 -4.11
CA SER A 200 -26.91 -24.39 -3.53
C SER A 200 -27.45 -23.45 -4.60
N VAL A 201 -26.74 -23.36 -5.73
CA VAL A 201 -27.14 -22.43 -6.79
C VAL A 201 -28.48 -22.85 -7.40
N ILE A 202 -28.64 -24.13 -7.69
CA ILE A 202 -29.86 -24.58 -8.36
C ILE A 202 -31.05 -24.51 -7.42
N VAL A 203 -30.86 -24.85 -6.14
CA VAL A 203 -31.98 -24.81 -5.20
C VAL A 203 -32.37 -23.37 -4.88
N MET A 204 -31.40 -22.44 -4.89
CA MET A 204 -31.72 -21.05 -4.64
C MET A 204 -32.35 -20.39 -5.86
N ALA A 205 -31.92 -20.77 -7.06
CA ALA A 205 -32.50 -20.22 -8.27
C ALA A 205 -33.97 -20.61 -8.40
N TYR A 206 -34.29 -21.88 -8.11
CA TYR A 206 -35.68 -22.33 -8.17
C TYR A 206 -36.52 -21.72 -7.06
N THR A 207 -35.92 -21.45 -5.90
CA THR A 207 -36.66 -20.81 -4.81
C THR A 207 -37.11 -19.42 -5.21
N THR A 208 -36.25 -18.67 -5.92
CA THR A 208 -36.63 -17.35 -6.39
C THR A 208 -37.80 -17.44 -7.37
N GLU A 209 -37.78 -18.44 -8.26
CA GLU A 209 -38.89 -18.63 -9.19
C GLU A 209 -40.19 -18.94 -8.45
N PHE A 210 -40.12 -19.66 -7.34
CA PHE A 210 -41.30 -19.98 -6.55
C PHE A 210 -41.94 -18.71 -5.99
N VAL A 216 -36.50 -5.20 -1.84
CA VAL A 216 -36.77 -6.62 -1.73
C VAL A 216 -36.10 -7.38 -2.87
N SER A 217 -36.03 -6.75 -4.04
CA SER A 217 -35.43 -7.36 -5.23
C SER A 217 -33.92 -7.44 -5.17
N ALA A 218 -33.29 -7.10 -4.04
CA ALA A 218 -31.84 -7.18 -3.90
C ALA A 218 -31.36 -8.57 -3.49
N LEU A 219 -32.27 -9.52 -3.28
CA LEU A 219 -31.86 -10.88 -2.96
C LEU A 219 -31.30 -11.63 -4.16
N ARG A 220 -31.40 -11.05 -5.37
CA ARG A 220 -30.80 -11.65 -6.55
C ARG A 220 -29.28 -11.56 -6.56
N THR A 221 -28.69 -10.88 -5.58
CA THR A 221 -27.23 -10.80 -5.51
C THR A 221 -26.60 -12.17 -5.33
N PHE A 222 -27.36 -13.14 -4.79
CA PHE A 222 -26.85 -14.49 -4.64
C PHE A 222 -26.60 -15.17 -5.98
N ARG A 223 -27.21 -14.66 -7.07
CA ARG A 223 -27.01 -15.26 -8.38
C ARG A 223 -25.60 -15.06 -8.91
N VAL A 224 -24.86 -14.07 -8.39
CA VAL A 224 -23.49 -13.85 -8.84
C VAL A 224 -22.54 -14.92 -8.35
N LEU A 225 -22.98 -15.77 -7.42
CA LEU A 225 -22.15 -16.89 -6.97
C LEU A 225 -21.94 -17.93 -8.06
N ARG A 226 -22.69 -17.86 -9.16
CA ARG A 226 -22.45 -18.75 -10.29
C ARG A 226 -21.10 -18.48 -10.94
N ALA A 227 -20.50 -17.31 -10.68
CA ALA A 227 -19.17 -17.04 -11.21
C ALA A 227 -18.10 -17.83 -10.46
N LEU A 228 -18.35 -18.18 -9.20
CA LEU A 228 -17.44 -19.06 -8.47
C LEU A 228 -17.35 -20.43 -9.13
N LYS A 229 -18.36 -20.84 -9.91
CA LYS A 229 -18.32 -22.13 -10.57
C LYS A 229 -17.20 -22.23 -11.60
N THR A 230 -16.67 -21.09 -12.04
CA THR A 230 -15.53 -21.11 -12.96
C THR A 230 -14.32 -21.77 -12.31
N ILE A 231 -14.12 -21.54 -11.02
CA ILE A 231 -13.00 -22.17 -10.31
C ILE A 231 -13.14 -23.68 -10.30
N SER A 232 -14.38 -24.17 -10.15
CA SER A 232 -14.59 -25.62 -10.10
C SER A 232 -14.37 -26.26 -11.46
N VAL A 233 -14.78 -25.59 -12.54
CA VAL A 233 -14.67 -26.17 -13.87
C VAL A 233 -13.21 -26.35 -14.26
N ILE A 234 -12.39 -25.35 -14.02
CA ILE A 234 -10.96 -25.40 -14.36
C ILE A 234 -10.22 -26.01 -13.19
N SER A 235 -9.62 -27.20 -13.42
CA SER A 235 -8.91 -27.88 -12.33
C SER A 235 -7.71 -27.06 -11.86
N GLY A 236 -7.13 -26.25 -12.73
CA GLY A 236 -6.00 -25.42 -12.34
C GLY A 236 -6.36 -24.38 -11.29
N LEU A 237 -7.57 -23.83 -11.37
CA LEU A 237 -7.97 -22.78 -10.43
C LEU A 237 -8.28 -23.35 -9.05
N LYS A 238 -8.70 -24.62 -8.98
CA LYS A 238 -9.08 -25.20 -7.69
C LYS A 238 -7.88 -25.31 -6.76
N THR A 239 -6.72 -25.70 -7.28
CA THR A 239 -5.54 -25.85 -6.44
C THR A 239 -5.07 -24.49 -5.91
N ILE A 240 -5.17 -23.44 -6.73
CA ILE A 240 -4.74 -22.12 -6.30
C ILE A 240 -5.60 -21.63 -5.14
N VAL A 241 -6.92 -21.84 -5.22
CA VAL A 241 -7.80 -21.46 -4.12
C VAL A 241 -7.44 -22.24 -2.86
N GLY A 242 -7.13 -23.53 -3.01
CA GLY A 242 -6.66 -24.30 -1.87
C GLY A 242 -5.36 -23.76 -1.31
N ALA A 243 -4.49 -23.24 -2.18
CA ALA A 243 -3.25 -22.63 -1.71
C ALA A 243 -3.52 -21.30 -0.99
N LEU A 244 -4.52 -20.55 -1.46
CA LEU A 244 -4.87 -19.29 -0.80
C LEU A 244 -5.42 -19.55 0.60
N ILE A 245 -6.22 -20.61 0.77
CA ILE A 245 -6.74 -20.94 2.09
C ILE A 245 -5.60 -21.35 3.03
N GLN A 246 -4.64 -22.11 2.51
CA GLN A 246 -3.49 -22.50 3.32
C GLN A 246 -2.68 -21.28 3.75
N SER A 247 -2.53 -20.30 2.85
CA SER A 247 -1.77 -19.11 3.20
C SER A 247 -2.44 -18.34 4.34
N VAL A 248 -3.78 -18.20 4.28
CA VAL A 248 -4.48 -17.50 5.35
C VAL A 248 -4.63 -18.35 6.60
N LYS A 249 -4.47 -19.67 6.48
CA LYS A 249 -4.50 -20.52 7.67
C LYS A 249 -3.26 -20.31 8.53
N LYS A 250 -2.11 -20.07 7.91
CA LYS A 250 -0.88 -19.76 8.62
C LYS A 250 -0.78 -18.28 8.97
N LEU A 251 -1.82 -17.74 9.61
CA LEU A 251 -1.83 -16.33 9.98
C LEU A 251 -2.58 -16.08 11.29
N ALA A 252 -2.96 -17.13 12.02
CA ALA A 252 -3.74 -16.94 13.23
C ALA A 252 -2.95 -16.16 14.29
N ASP A 253 -1.67 -16.47 14.44
CA ASP A 253 -0.85 -15.76 15.42
C ASP A 253 -0.68 -14.29 15.04
N VAL A 254 -0.49 -14.01 13.76
CA VAL A 254 -0.34 -12.62 13.32
C VAL A 254 -1.67 -11.88 13.42
N MET A 255 -2.76 -12.53 12.99
CA MET A 255 -4.07 -11.88 13.04
C MET A 255 -4.50 -11.60 14.47
N VAL A 256 -4.21 -12.51 15.39
CA VAL A 256 -4.52 -12.26 16.80
C VAL A 256 -3.68 -11.11 17.32
N LEU A 257 -2.39 -11.07 16.97
CA LEU A 257 -1.54 -9.95 17.37
C LEU A 257 -2.01 -8.65 16.72
N THR A 258 -2.44 -8.71 15.47
CA THR A 258 -2.94 -7.51 14.80
C THR A 258 -4.17 -6.98 15.50
N VAL A 259 -5.11 -7.86 15.86
CA VAL A 259 -6.30 -7.42 16.58
C VAL A 259 -5.93 -6.92 17.97
N PHE A 260 -5.01 -7.62 18.65
CA PHE A 260 -4.59 -7.21 19.98
C PHE A 260 -3.89 -5.85 19.95
N CYS A 261 -3.02 -5.64 18.96
CA CYS A 261 -2.35 -4.34 18.85
C CYS A 261 -3.33 -3.22 18.54
N LEU A 262 -4.26 -3.47 17.61
CA LEU A 262 -5.24 -2.43 17.27
C LEU A 262 -6.16 -2.13 18.44
N SER A 263 -6.58 -3.16 19.17
CA SER A 263 -7.47 -2.93 20.31
C SER A 263 -6.74 -2.21 21.43
N VAL A 264 -5.48 -2.56 21.68
CA VAL A 264 -4.71 -1.87 22.72
C VAL A 264 -4.49 -0.42 22.34
N PHE A 265 -4.13 -0.15 21.08
CA PHE A 265 -3.92 1.23 20.65
C PHE A 265 -5.24 2.00 20.60
N ALA A 266 -6.35 1.33 20.29
CA ALA A 266 -7.64 2.02 20.26
C ALA A 266 -8.02 2.54 21.64
N LEU A 267 -7.75 1.74 22.68
CA LEU A 267 -8.02 2.20 24.04
C LEU A 267 -7.12 3.36 24.43
N ILE A 268 -5.90 3.40 23.91
CA ILE A 268 -5.02 4.55 24.14
C ILE A 268 -5.57 5.78 23.43
N GLY A 269 -5.98 5.62 22.17
CA GLY A 269 -6.57 6.74 21.44
C GLY A 269 -7.91 7.16 22.02
N LEU A 270 -8.70 6.19 22.48
CA LEU A 270 -10.01 6.51 23.04
C LEU A 270 -9.90 7.39 24.27
N GLN A 271 -8.95 7.08 25.16
CA GLN A 271 -8.82 7.83 26.40
C GLN A 271 -8.09 9.16 26.22
N LEU A 272 -7.49 9.40 25.06
CA LEU A 272 -6.75 10.62 24.80
C LEU A 272 -7.51 11.63 23.97
N PHE A 273 -8.25 11.18 22.95
CA PHE A 273 -9.00 12.06 22.06
C PHE A 273 -10.49 11.78 22.17
N MET A 274 -11.00 11.59 23.38
CA MET A 274 -12.42 11.31 23.60
C MET A 274 -13.20 12.59 23.39
N GLY A 275 -13.85 12.72 22.24
CA GLY A 275 -14.65 13.89 21.94
C GLY A 275 -13.88 15.10 21.48
N ASN A 276 -12.59 14.95 21.16
CA ASN A 276 -11.82 16.09 20.69
C ASN A 276 -12.20 16.50 19.28
N LEU A 277 -12.62 15.54 18.45
CA LEU A 277 -12.95 15.84 17.06
C LEU A 277 -14.27 16.59 16.92
N ARG A 278 -15.05 16.72 17.98
CA ARG A 278 -16.28 17.51 17.94
C ARG A 278 -16.03 19.01 18.12
N HIS A 279 -14.79 19.41 18.42
CA HIS A 279 -14.50 20.82 18.63
C HIS A 279 -14.76 21.62 17.36
N LYS A 280 -15.52 22.70 17.48
CA LYS A 280 -15.88 23.52 16.34
C LYS A 280 -15.85 24.98 16.75
N CYS A 281 -15.54 25.86 15.79
CA CYS A 281 -15.44 27.29 16.05
C CYS A 281 -16.85 27.88 16.06
N VAL A 282 -17.56 27.65 17.17
CA VAL A 282 -18.91 28.17 17.32
C VAL A 282 -18.86 29.69 17.44
N ARG A 283 -19.76 30.35 16.72
CA ARG A 283 -19.82 31.81 16.75
C ARG A 283 -20.12 32.31 18.16
N ASN A 284 -19.54 33.46 18.50
CA ASN A 284 -19.72 34.03 19.83
C ASN A 284 -21.18 34.41 20.04
N PHE A 285 -21.65 34.23 21.27
CA PHE A 285 -23.03 34.52 21.63
C PHE A 285 -23.07 35.14 23.02
N THR A 286 -24.20 35.77 23.32
CA THR A 286 -24.46 36.31 24.65
C THR A 286 -25.83 35.84 25.12
N GLU A 287 -25.94 35.59 26.42
CA GLU A 287 -27.16 35.05 27.00
C GLU A 287 -28.03 36.21 27.48
N LEU A 288 -29.27 36.25 27.01
CA LEU A 288 -30.20 37.29 27.42
C LEU A 288 -30.63 37.09 28.87
N ASN A 289 -30.87 38.20 29.56
CA ASN A 289 -31.32 38.14 30.94
C ASN A 289 -32.76 37.63 30.99
N GLY A 290 -32.99 36.63 31.84
CA GLY A 290 -34.30 36.04 31.94
C GLY A 290 -34.69 35.35 30.64
N THR A 291 -36.00 35.42 30.33
CA THR A 291 -36.57 34.84 29.11
C THR A 291 -36.22 33.36 28.98
N ASN A 292 -36.29 32.64 30.11
CA ASN A 292 -36.03 31.21 30.16
C ASN A 292 -34.65 30.87 29.60
N GLY A 293 -33.66 31.71 29.91
CA GLY A 293 -32.29 31.45 29.49
C GLY A 293 -32.09 31.45 27.98
N SER A 294 -32.76 32.37 27.28
CA SER A 294 -32.58 32.46 25.84
C SER A 294 -31.21 33.00 25.49
N VAL A 295 -30.70 32.59 24.33
CA VAL A 295 -29.39 33.01 23.83
C VAL A 295 -29.58 33.67 22.47
N GLU A 296 -28.87 34.77 22.24
CA GLU A 296 -29.00 35.54 21.02
C GLU A 296 -27.68 35.57 20.27
N ALA A 297 -27.79 35.65 18.95
CA ALA A 297 -26.66 35.83 18.06
C ALA A 297 -26.43 37.34 17.86
N ASP A 298 -25.64 37.71 16.86
CA ASP A 298 -25.39 39.12 16.59
C ASP A 298 -26.69 39.87 16.34
N GLY A 299 -27.57 39.30 15.52
CA GLY A 299 -28.82 39.94 15.20
C GLY A 299 -30.05 39.08 15.43
N LEU A 300 -29.86 37.77 15.49
CA LEU A 300 -30.97 36.83 15.65
C LEU A 300 -31.05 36.34 17.09
N VAL A 301 -32.15 35.67 17.40
CA VAL A 301 -32.43 35.16 18.73
C VAL A 301 -32.82 33.69 18.63
N TRP A 302 -32.20 32.86 19.45
CA TRP A 302 -32.50 31.44 19.52
C TRP A 302 -33.21 31.11 20.83
N ASN A 303 -34.11 30.13 20.77
CA ASN A 303 -34.90 29.78 21.95
C ASN A 303 -34.04 29.22 23.07
N SER A 304 -33.07 28.37 22.74
CA SER A 304 -32.25 27.73 23.76
C SER A 304 -30.84 27.55 23.23
N LEU A 305 -29.90 27.37 24.16
CA LEU A 305 -28.49 27.18 23.78
C LEU A 305 -28.30 25.89 23.02
N ASP A 306 -29.01 24.83 23.42
CA ASP A 306 -28.89 23.54 22.72
C ASP A 306 -29.30 23.70 21.26
N VAL A 307 -30.43 24.37 21.02
CA VAL A 307 -30.88 24.60 19.65
C VAL A 307 -29.91 25.50 18.90
N TYR A 308 -29.40 26.54 19.57
CA TYR A 308 -28.52 27.49 18.92
C TYR A 308 -27.22 26.83 18.46
N LEU A 309 -26.53 26.14 19.38
CA LEU A 309 -25.19 25.68 19.07
C LEU A 309 -25.23 24.54 18.07
N ASN A 310 -26.24 23.67 18.14
CA ASN A 310 -26.37 22.56 17.20
C ASN A 310 -26.65 23.03 15.79
N ASP A 311 -27.03 24.29 15.59
CA ASP A 311 -27.25 24.82 14.26
C ASP A 311 -25.95 24.77 13.46
N PRO A 312 -25.99 24.38 12.18
CA PRO A 312 -24.78 24.36 11.36
C PRO A 312 -24.47 25.66 10.64
N ALA A 313 -25.28 26.70 10.83
CA ALA A 313 -25.11 27.96 10.12
C ALA A 313 -24.30 28.98 10.91
N ASN A 314 -23.83 28.65 12.11
CA ASN A 314 -23.03 29.57 12.91
C ASN A 314 -21.63 29.03 13.19
N TYR A 315 -21.20 27.98 12.51
CA TYR A 315 -19.83 27.50 12.63
C TYR A 315 -18.94 28.30 11.68
N LEU A 316 -17.69 27.87 11.54
CA LEU A 316 -16.76 28.51 10.61
C LEU A 316 -16.19 27.43 9.70
N LEU A 317 -16.41 27.58 8.40
CA LEU A 317 -15.87 26.64 7.42
C LEU A 317 -14.39 26.92 7.20
N LYS A 318 -13.62 25.87 7.00
CA LYS A 318 -12.20 26.02 6.69
C LYS A 318 -12.04 26.69 5.33
N ASN A 319 -10.93 27.41 5.18
CA ASN A 319 -10.66 28.10 3.93
C ASN A 319 -10.56 27.11 2.77
N GLY A 320 -11.27 27.40 1.69
CA GLY A 320 -11.27 26.54 0.53
C GLY A 320 -12.24 25.39 0.63
N THR A 321 -11.93 24.41 1.46
CA THR A 321 -12.76 23.23 1.58
C THR A 321 -14.05 23.54 2.33
N THR A 322 -15.02 22.63 2.20
CA THR A 322 -16.27 22.74 2.95
C THR A 322 -16.22 21.88 4.21
N ASP A 323 -15.30 22.24 5.09
CA ASP A 323 -15.07 21.53 6.34
C ASP A 323 -15.17 22.50 7.51
N VAL A 324 -15.82 22.08 8.58
CA VAL A 324 -15.92 22.90 9.78
C VAL A 324 -14.57 22.95 10.47
N LEU A 325 -14.12 24.16 10.79
CA LEU A 325 -12.79 24.35 11.35
C LEU A 325 -12.78 23.90 12.81
N LEU A 326 -11.95 22.91 13.12
CA LEU A 326 -11.76 22.48 14.49
C LEU A 326 -10.84 23.45 15.23
N CYS A 327 -10.82 23.33 16.56
CA CYS A 327 -10.01 24.20 17.39
C CYS A 327 -9.64 23.47 18.66
N GLY A 328 -9.05 24.18 19.61
CA GLY A 328 -8.66 23.59 20.88
C GLY A 328 -8.22 24.61 21.90
N ASN A 329 -8.55 24.36 23.16
CA ASN A 329 -8.13 25.26 24.24
C ASN A 329 -6.66 25.12 24.58
N SER A 330 -5.98 24.09 24.07
CA SER A 330 -4.57 23.90 24.36
C SER A 330 -3.74 24.98 23.67
N SER A 331 -2.51 25.15 24.16
CA SER A 331 -1.62 26.17 23.61
C SER A 331 -1.05 25.79 22.26
N ASP A 332 -1.18 24.53 21.84
CA ASP A 332 -0.63 24.09 20.56
C ASP A 332 -1.69 23.89 19.49
N ALA A 333 -2.95 23.70 19.86
CA ALA A 333 -4.00 23.44 18.89
C ALA A 333 -4.33 24.72 18.11
N GLY A 334 -5.27 24.60 17.18
CA GLY A 334 -5.64 25.72 16.34
C GLY A 334 -6.41 26.78 17.11
N THR A 335 -6.54 27.94 16.47
CA THR A 335 -7.23 29.08 17.04
C THR A 335 -8.31 29.56 16.08
N CYS A 336 -9.49 29.87 16.63
CA CYS A 336 -10.54 30.48 15.83
C CYS A 336 -10.25 31.97 15.65
N PRO A 337 -10.70 32.56 14.54
CA PRO A 337 -10.47 34.00 14.32
C PRO A 337 -11.29 34.87 15.26
N GLU A 338 -11.18 36.19 15.10
CA GLU A 338 -11.90 37.11 15.96
C GLU A 338 -13.41 36.93 15.82
N GLY A 339 -14.10 36.96 16.96
CA GLY A 339 -15.54 36.77 16.98
C GLY A 339 -16.01 35.34 17.10
N TYR A 340 -15.09 34.38 17.17
CA TYR A 340 -15.42 32.97 17.26
C TYR A 340 -14.76 32.37 18.48
N ARG A 341 -15.40 31.33 19.04
CA ARG A 341 -14.90 30.66 20.23
C ARG A 341 -14.89 29.15 20.00
N CYS A 342 -14.08 28.46 20.79
CA CYS A 342 -13.97 27.01 20.71
C CYS A 342 -14.96 26.38 21.69
N LEU A 343 -15.85 25.54 21.17
CA LEU A 343 -16.84 24.87 22.00
C LEU A 343 -16.90 23.40 21.58
N LYS A 344 -17.20 22.54 22.56
CA LYS A 344 -17.09 21.11 22.35
C LYS A 344 -18.21 20.58 21.46
N ALA A 345 -19.43 21.03 21.67
CA ALA A 345 -20.58 20.36 21.07
C ALA A 345 -20.63 20.54 19.56
N GLY A 346 -21.13 19.52 18.89
CA GLY A 346 -21.14 19.42 17.44
C GLY A 346 -21.42 18.00 17.04
N GLU A 347 -21.56 17.78 15.73
CA GLU A 347 -21.95 16.43 15.32
C GLU A 347 -20.74 15.51 15.23
N ASN A 348 -19.88 15.68 14.22
CA ASN A 348 -18.62 14.97 14.06
C ASN A 348 -17.95 15.41 12.76
N PRO A 349 -16.69 15.07 12.53
CA PRO A 349 -16.12 15.24 11.19
C PRO A 349 -16.46 14.06 10.28
N ASP A 350 -16.32 14.31 8.98
CA ASP A 350 -16.50 13.29 7.94
C ASP A 350 -17.88 12.62 8.05
N HIS A 351 -18.92 13.45 8.08
CA HIS A 351 -20.33 13.04 8.14
C HIS A 351 -20.70 12.33 9.43
N GLY A 352 -19.77 12.13 10.35
CA GLY A 352 -20.04 11.42 11.58
C GLY A 352 -19.31 10.10 11.74
N TYR A 353 -18.50 9.68 10.77
CA TYR A 353 -17.84 8.38 10.83
C TYR A 353 -16.38 8.46 11.25
N THR A 354 -15.86 9.66 11.52
CA THR A 354 -14.47 9.84 11.95
C THR A 354 -14.51 10.44 13.35
N SER A 355 -14.41 9.58 14.36
CA SER A 355 -14.48 10.05 15.75
C SER A 355 -13.79 9.02 16.64
N PHE A 356 -13.41 9.48 17.83
CA PHE A 356 -12.82 8.63 18.85
C PHE A 356 -13.71 8.47 20.08
N ASP A 357 -15.00 8.84 19.96
CA ASP A 357 -15.87 8.88 21.13
C ASP A 357 -16.07 7.50 21.73
N SER A 358 -16.29 6.48 20.90
CA SER A 358 -16.54 5.13 21.36
C SER A 358 -15.47 4.19 20.83
N PHE A 359 -15.35 3.03 21.47
CA PHE A 359 -14.36 2.05 21.05
C PHE A 359 -14.66 1.52 19.66
N ALA A 360 -15.94 1.43 19.28
CA ALA A 360 -16.29 1.00 17.93
C ALA A 360 -15.75 1.97 16.89
N TRP A 361 -15.89 3.27 17.14
CA TRP A 361 -15.33 4.26 16.23
C TRP A 361 -13.82 4.33 16.36
N ALA A 362 -13.29 4.11 17.56
CA ALA A 362 -11.83 4.15 17.76
C ALA A 362 -11.14 3.03 16.98
N PHE A 363 -11.75 1.85 16.93
CA PHE A 363 -11.15 0.75 16.18
C PHE A 363 -11.12 1.06 14.69
N LEU A 364 -12.23 1.55 14.14
CA LEU A 364 -12.28 1.88 12.72
C LEU A 364 -11.34 3.03 12.39
N ALA A 365 -11.31 4.07 13.24
CA ALA A 365 -10.46 5.22 13.00
C ALA A 365 -8.98 4.87 13.15
N LEU A 366 -8.65 3.70 13.69
CA LEU A 366 -7.27 3.29 13.84
C LEU A 366 -6.89 2.15 12.91
N PHE A 367 -7.84 1.30 12.52
CA PHE A 367 -7.60 0.36 11.44
C PHE A 367 -7.31 1.09 10.14
N ARG A 368 -7.95 2.25 9.94
CA ARG A 368 -7.62 3.08 8.79
C ARG A 368 -6.19 3.61 8.91
N LEU A 369 -5.75 3.95 10.12
CA LEU A 369 -4.36 4.33 10.34
C LEU A 369 -3.43 3.16 10.05
N MET A 370 -3.86 1.95 10.40
CA MET A 370 -3.07 0.75 10.11
C MET A 370 -2.88 0.59 8.60
N THR A 371 -3.93 0.80 7.82
CA THR A 371 -3.85 0.69 6.37
C THR A 371 -3.23 1.92 5.73
N GLN A 372 -3.13 3.03 6.47
CA GLN A 372 -2.63 4.30 5.96
C GLN A 372 -3.44 4.79 4.76
N ASP A 373 -4.75 4.61 4.84
CA ASP A 373 -5.67 5.10 3.82
C ASP A 373 -6.23 6.43 4.29
N CYS A 374 -5.78 7.52 3.67
CA CYS A 374 -6.19 8.87 4.04
C CYS A 374 -5.95 9.13 5.52
N TRP A 375 -4.82 8.62 6.03
CA TRP A 375 -4.49 8.82 7.44
C TRP A 375 -4.05 10.24 7.74
N GLU A 376 -3.59 10.97 6.72
CA GLU A 376 -3.19 12.36 6.95
C GLU A 376 -4.39 13.25 7.25
N ARG A 377 -5.59 12.86 6.82
CA ARG A 377 -6.77 13.63 7.18
C ARG A 377 -7.07 13.51 8.66
N LEU A 378 -6.91 12.33 9.23
CA LEU A 378 -7.05 12.17 10.67
C LEU A 378 -5.85 12.73 11.42
N TYR A 379 -4.67 12.70 10.78
CA TYR A 379 -3.47 13.27 11.38
C TYR A 379 -3.63 14.77 11.59
N GLN A 380 -4.17 15.48 10.60
CA GLN A 380 -4.36 16.92 10.73
C GLN A 380 -5.54 17.28 11.61
N GLN A 381 -6.61 16.47 11.59
CA GLN A 381 -7.78 16.78 12.40
C GLN A 381 -7.49 16.64 13.88
N THR A 382 -6.75 15.60 14.27
CA THR A 382 -6.48 15.39 15.68
C THR A 382 -5.48 16.41 16.22
N LEU A 383 -4.46 16.75 15.42
CA LEU A 383 -3.51 17.77 15.84
C LEU A 383 -4.19 19.13 15.94
N ARG A 384 -5.09 19.44 15.01
CA ARG A 384 -5.80 20.71 15.04
C ARG A 384 -6.67 20.82 16.28
N SER A 385 -7.32 19.72 16.67
CA SER A 385 -8.25 19.74 17.79
C SER A 385 -7.55 19.56 19.14
N ALA A 386 -6.74 18.51 19.26
CA ALA A 386 -6.10 18.22 20.54
C ALA A 386 -4.86 19.08 20.77
N GLY A 387 -3.87 18.93 19.89
CA GLY A 387 -2.65 19.70 20.02
C GLY A 387 -1.58 19.16 19.11
N LYS A 388 -0.54 19.98 18.91
CA LYS A 388 0.55 19.58 18.04
C LYS A 388 1.45 18.53 18.68
N ILE A 389 1.53 18.52 20.01
CA ILE A 389 2.38 17.55 20.70
C ILE A 389 1.87 16.13 20.52
N TYR A 390 0.59 15.96 20.18
CA TYR A 390 0.02 14.62 20.02
C TYR A 390 0.44 13.95 18.72
N MET A 391 1.38 14.50 17.95
CA MET A 391 1.93 13.75 16.82
C MET A 391 2.83 12.61 17.28
N ILE A 392 3.24 12.61 18.56
CA ILE A 392 4.00 11.48 19.10
C ILE A 392 3.16 10.22 19.06
N PHE A 393 1.86 10.34 19.37
CA PHE A 393 0.96 9.21 19.29
C PHE A 393 0.86 8.68 17.86
N PHE A 394 0.81 9.57 16.88
CA PHE A 394 0.72 9.14 15.49
C PHE A 394 2.01 8.50 15.01
N MET A 395 3.15 8.91 15.56
CA MET A 395 4.41 8.27 15.19
C MET A 395 4.44 6.81 15.64
N LEU A 396 3.93 6.52 16.84
CA LEU A 396 3.96 5.15 17.34
C LEU A 396 2.92 4.28 16.65
N VAL A 397 1.74 4.84 16.36
CA VAL A 397 0.72 4.07 15.66
C VAL A 397 1.19 3.71 14.25
N ILE A 398 1.81 4.65 13.56
CA ILE A 398 2.29 4.38 12.20
C ILE A 398 3.43 3.38 12.22
N PHE A 399 4.21 3.34 13.30
CA PHE A 399 5.33 2.40 13.39
C PHE A 399 4.91 1.08 14.03
N LEU A 400 4.44 1.12 15.28
CA LEU A 400 4.11 -0.10 15.99
C LEU A 400 2.85 -0.77 15.45
N GLY A 401 2.00 -0.02 14.76
CA GLY A 401 0.76 -0.59 14.28
C GLY A 401 0.69 -0.74 12.77
N SER A 402 1.28 0.20 12.03
CA SER A 402 1.17 0.19 10.57
C SER A 402 2.41 -0.35 9.88
N PHE A 403 3.58 0.25 10.12
CA PHE A 403 4.78 -0.14 9.39
C PHE A 403 5.24 -1.53 9.79
N TYR A 404 5.31 -1.79 11.10
CA TYR A 404 5.81 -3.08 11.57
C TYR A 404 4.80 -4.20 11.37
N LEU A 405 3.52 -3.92 11.65
CA LEU A 405 2.52 -4.98 11.64
C LEU A 405 2.18 -5.42 10.21
N VAL A 406 2.04 -4.45 9.29
CA VAL A 406 1.79 -4.79 7.90
C VAL A 406 2.96 -5.58 7.33
N ASN A 407 4.18 -5.14 7.62
CA ASN A 407 5.37 -5.87 7.17
C ASN A 407 5.43 -7.25 7.80
N LEU A 408 5.00 -7.38 9.05
CA LEU A 408 4.91 -8.70 9.68
C LEU A 408 3.93 -9.59 8.92
N ILE A 409 2.80 -9.03 8.50
CA ILE A 409 1.84 -9.79 7.69
C ILE A 409 2.48 -10.24 6.39
N LEU A 410 3.19 -9.32 5.72
CA LEU A 410 3.81 -9.64 4.44
C LEU A 410 4.95 -10.63 4.60
N ALA A 411 5.66 -10.60 5.73
CA ALA A 411 6.75 -11.54 5.94
C ALA A 411 6.24 -12.97 6.07
N VAL A 412 5.08 -13.15 6.72
CA VAL A 412 4.55 -14.49 6.92
C VAL A 412 4.06 -15.09 5.60
N VAL A 413 3.41 -14.28 4.77
CA VAL A 413 2.91 -14.77 3.49
C VAL A 413 4.06 -15.25 2.61
N ALA A 414 5.15 -14.49 2.58
CA ALA A 414 6.33 -14.93 1.85
C ALA A 414 6.90 -16.21 2.44
N MET A 415 6.92 -16.30 3.77
CA MET A 415 7.38 -17.53 4.43
C MET A 415 6.46 -18.71 4.11
N ALA A 416 5.14 -18.48 4.15
CA ALA A 416 4.20 -19.55 3.86
C ALA A 416 4.31 -20.01 2.41
N TYR A 417 4.49 -19.08 1.47
CA TYR A 417 4.64 -19.44 0.07
C TYR A 417 5.94 -20.23 -0.15
N GLU A 418 7.02 -19.85 0.53
CA GLU A 418 8.27 -20.58 0.38
C GLU A 418 8.14 -22.02 0.85
N GLU A 419 7.22 -22.28 1.79
CA GLU A 419 7.02 -23.65 2.26
C GLU A 419 6.32 -24.50 1.22
N GLN A 420 5.28 -23.99 0.58
CA GLN A 420 4.58 -24.75 -0.45
C GLN A 420 5.38 -24.83 -1.74
N ASN A 421 6.20 -23.82 -2.03
CA ASN A 421 7.05 -23.87 -3.20
C ASN A 421 8.08 -24.99 -3.08
N GLN A 422 8.66 -25.16 -1.89
CA GLN A 422 9.61 -26.24 -1.68
C GLN A 422 8.95 -27.60 -1.84
N ALA A 423 7.74 -27.76 -1.29
CA ALA A 423 7.04 -29.03 -1.41
C ALA A 423 6.67 -29.32 -2.87
N THR A 424 6.23 -28.30 -3.60
CA THR A 424 5.87 -28.51 -5.00
C THR A 424 7.09 -28.94 -5.82
N ILE A 425 8.23 -28.30 -5.59
CA ILE A 425 9.46 -28.72 -6.26
C ILE A 425 9.86 -30.12 -5.80
N ALA A 426 9.62 -30.44 -4.52
CA ALA A 426 9.96 -31.76 -4.00
C ALA A 426 9.17 -32.86 -4.70
N GLU A 427 7.89 -32.61 -4.98
CA GLU A 427 7.06 -33.60 -5.66
C GLU A 427 7.55 -33.89 -7.07
N THR A 428 8.24 -32.94 -7.71
CA THR A 428 8.83 -33.21 -9.01
C THR A 428 10.11 -34.04 -8.88
N GLU A 429 10.87 -33.82 -7.81
CA GLU A 429 12.12 -34.56 -7.62
C GLU A 429 11.85 -36.04 -7.43
N GLU A 430 10.85 -36.38 -6.62
CA GLU A 430 10.53 -37.79 -6.38
C GLU A 430 9.99 -38.47 -7.64
N LYS A 431 9.30 -37.72 -8.50
CA LYS A 431 8.81 -38.28 -9.74
C LYS A 431 9.96 -38.70 -10.65
N GLU A 432 10.99 -37.87 -10.74
CA GLU A 432 12.15 -38.21 -11.57
C GLU A 432 12.94 -39.38 -11.00
N LYS A 433 13.01 -39.49 -9.67
CA LYS A 433 13.76 -40.59 -9.06
C LYS A 433 13.13 -41.93 -9.40
N ARG A 434 11.80 -42.03 -9.33
CA ARG A 434 11.13 -43.26 -9.71
C ARG A 434 11.30 -43.56 -11.19
N PHE A 435 11.24 -42.55 -12.04
CA PHE A 435 11.41 -42.72 -13.47
C PHE A 435 12.89 -42.88 -13.81
N CYS A 502 14.75 -17.59 -63.32
CA CYS A 502 15.14 -16.56 -62.35
C CYS A 502 15.38 -17.17 -60.98
N CYS A 503 15.12 -18.48 -60.86
CA CYS A 503 15.35 -19.16 -59.58
C CYS A 503 16.80 -19.11 -59.13
N PRO A 504 17.81 -19.41 -59.96
CA PRO A 504 19.19 -19.23 -59.49
C PRO A 504 19.52 -17.79 -59.14
N LEU A 505 18.95 -16.82 -59.85
CA LEU A 505 19.15 -15.42 -59.49
C LEU A 505 18.48 -15.11 -58.15
N TRP A 506 17.29 -15.67 -57.91
CA TRP A 506 16.61 -15.47 -56.64
C TRP A 506 17.42 -16.05 -55.49
N MET A 507 18.00 -17.23 -55.68
CA MET A 507 18.85 -17.82 -54.65
C MET A 507 20.11 -16.99 -54.43
N SER A 508 20.69 -16.46 -55.51
CA SER A 508 21.91 -15.67 -55.39
C SER A 508 21.67 -14.40 -54.57
N ILE A 509 20.55 -13.72 -54.83
CA ILE A 509 20.23 -12.52 -54.05
C ILE A 509 19.68 -12.86 -52.67
N LYS A 510 19.14 -14.07 -52.50
CA LYS A 510 18.63 -14.48 -51.19
C LYS A 510 19.77 -14.58 -50.17
N GLN A 511 20.89 -15.18 -50.56
CA GLN A 511 22.03 -15.28 -49.65
C GLN A 511 22.77 -13.96 -49.51
N LYS A 512 22.75 -13.11 -50.53
CA LYS A 512 23.45 -11.83 -50.45
C LYS A 512 22.84 -10.93 -49.39
N VAL A 513 21.52 -10.81 -49.37
CA VAL A 513 20.86 -10.02 -48.33
C VAL A 513 20.93 -10.72 -46.99
N LYS A 514 21.06 -12.05 -46.99
CA LYS A 514 21.24 -12.77 -45.74
C LYS A 514 22.57 -12.40 -45.08
N PHE A 515 23.61 -12.20 -45.89
CA PHE A 515 24.91 -11.79 -45.35
C PHE A 515 24.80 -10.43 -44.67
N VAL A 516 24.08 -9.50 -45.28
CA VAL A 516 23.95 -8.16 -44.71
C VAL A 516 23.09 -8.17 -43.46
N VAL A 517 21.98 -8.93 -43.48
CA VAL A 517 21.02 -8.88 -42.39
C VAL A 517 21.63 -9.41 -41.09
N MET A 518 22.31 -10.56 -41.17
CA MET A 518 22.87 -11.17 -39.98
C MET A 518 24.07 -10.41 -39.42
N ASP A 519 24.66 -9.52 -40.22
CA ASP A 519 25.83 -8.77 -39.77
C ASP A 519 25.51 -7.98 -38.50
N PRO A 520 26.35 -8.07 -37.47
CA PRO A 520 26.02 -7.41 -36.19
C PRO A 520 25.87 -5.90 -36.30
N PHE A 521 26.56 -5.26 -37.24
CA PHE A 521 26.41 -3.82 -37.39
C PHE A 521 25.00 -3.43 -37.82
N ALA A 522 24.32 -4.30 -38.59
CA ALA A 522 22.95 -4.03 -38.97
C ALA A 522 22.03 -4.03 -37.76
N ASP A 523 22.20 -4.99 -36.85
CA ASP A 523 21.38 -5.03 -35.65
C ASP A 523 21.67 -3.86 -34.73
N LEU A 524 22.94 -3.47 -34.60
CA LEU A 524 23.28 -2.34 -33.75
C LEU A 524 22.67 -1.05 -34.28
N THR A 525 22.69 -0.85 -35.60
CA THR A 525 22.06 0.32 -36.18
C THR A 525 20.55 0.30 -35.97
N ILE A 526 19.93 -0.87 -36.01
CA ILE A 526 18.50 -0.97 -35.74
C ILE A 526 18.21 -0.55 -34.31
N THR A 527 19.02 -1.03 -33.35
CA THR A 527 18.84 -0.62 -31.97
C THR A 527 19.08 0.87 -31.80
N MET A 528 20.10 1.41 -32.47
CA MET A 528 20.33 2.85 -32.44
C MET A 528 19.17 3.60 -33.09
N CYS A 529 18.62 3.05 -34.18
CA CYS A 529 17.45 3.66 -34.79
C CYS A 529 16.25 3.63 -33.87
N ILE A 530 16.08 2.53 -33.12
CA ILE A 530 14.99 2.44 -32.15
C ILE A 530 15.15 3.49 -31.07
N VAL A 531 16.37 3.68 -30.56
CA VAL A 531 16.62 4.68 -29.53
C VAL A 531 16.31 6.08 -30.06
N LEU A 532 16.77 6.38 -31.28
CA LEU A 532 16.48 7.69 -31.86
C LEU A 532 14.98 7.87 -32.11
N ASN A 533 14.31 6.82 -32.58
CA ASN A 533 12.89 6.93 -32.87
C ASN A 533 12.08 7.20 -31.62
N THR A 534 12.40 6.53 -30.51
CA THR A 534 11.69 6.77 -29.26
C THR A 534 12.10 8.07 -28.60
N LEU A 535 13.16 8.72 -29.08
CA LEU A 535 13.59 10.02 -28.58
C LEU A 535 13.14 11.18 -29.47
N PHE A 536 13.15 10.97 -30.79
CA PHE A 536 12.64 12.01 -31.69
C PHE A 536 11.15 12.25 -31.47
N MET A 537 10.37 11.19 -31.31
CA MET A 537 8.95 11.32 -31.05
C MET A 537 8.66 11.73 -29.61
N ALA A 538 9.67 11.73 -28.75
CA ALA A 538 9.52 12.31 -27.42
C ALA A 538 9.58 13.84 -27.43
N LEU A 539 9.92 14.46 -28.56
CA LEU A 539 9.95 15.91 -28.67
C LEU A 539 8.56 16.46 -28.94
N GLU A 540 7.59 16.09 -28.10
CA GLU A 540 6.21 16.51 -28.26
C GLU A 540 5.79 17.33 -27.05
N HIS A 541 5.15 18.46 -27.31
CA HIS A 541 4.67 19.34 -26.24
C HIS A 541 3.30 19.88 -26.64
N TYR A 542 2.79 20.82 -25.85
CA TYR A 542 1.48 21.39 -26.11
C TYR A 542 1.54 22.49 -27.16
N ASN A 543 2.30 23.55 -26.88
CA ASN A 543 2.37 24.72 -27.75
C ASN A 543 3.43 24.44 -28.81
N MET A 544 3.00 23.83 -29.92
CA MET A 544 3.88 23.53 -31.03
C MET A 544 3.75 24.61 -32.11
N THR A 545 4.53 24.46 -33.18
CA THR A 545 4.49 25.37 -34.31
C THR A 545 4.29 24.56 -35.59
N ALA A 546 4.05 25.28 -36.69
CA ALA A 546 3.84 24.62 -37.97
C ALA A 546 5.09 23.87 -38.42
N GLU A 547 6.27 24.49 -38.26
CA GLU A 547 7.50 23.82 -38.66
C GLU A 547 7.82 22.63 -37.77
N PHE A 548 7.59 22.76 -36.46
CA PHE A 548 7.91 21.68 -35.54
C PHE A 548 7.01 20.46 -35.77
N GLU A 549 5.71 20.69 -35.97
CA GLU A 549 4.80 19.58 -36.22
C GLU A 549 5.14 18.87 -37.52
N GLU A 550 5.47 19.64 -38.57
CA GLU A 550 5.86 19.04 -39.83
C GLU A 550 7.13 18.22 -39.70
N MET A 551 8.12 18.74 -38.97
CA MET A 551 9.36 18.01 -38.77
C MET A 551 9.13 16.71 -38.00
N LEU A 552 8.30 16.77 -36.94
CA LEU A 552 7.97 15.56 -36.21
C LEU A 552 7.17 14.59 -37.07
N GLN A 553 6.21 15.12 -37.85
CA GLN A 553 5.43 14.26 -38.73
C GLN A 553 6.30 13.63 -39.81
N VAL A 554 7.19 14.41 -40.41
CA VAL A 554 8.08 13.89 -41.45
C VAL A 554 8.99 12.81 -40.87
N GLY A 555 9.46 13.01 -39.64
CA GLY A 555 10.28 12.01 -38.98
C GLY A 555 9.56 10.69 -38.73
N ASN A 556 8.22 10.69 -38.76
CA ASN A 556 7.49 9.46 -38.54
C ASN A 556 7.61 8.51 -39.73
N LEU A 557 7.44 9.03 -40.95
CA LEU A 557 7.54 8.16 -42.12
C LEU A 557 8.96 7.65 -42.34
N VAL A 558 9.96 8.51 -42.10
CA VAL A 558 11.34 8.10 -42.33
C VAL A 558 11.74 7.00 -41.35
N PHE A 559 11.24 7.05 -40.10
CA PHE A 559 11.51 5.97 -39.16
C PHE A 559 10.66 4.74 -39.45
N THR A 560 9.40 4.95 -39.84
CA THR A 560 8.57 3.82 -40.24
C THR A 560 9.08 3.17 -41.51
N GLY A 561 9.54 3.98 -42.46
CA GLY A 561 10.06 3.42 -43.71
C GLY A 561 11.30 2.58 -43.51
N ILE A 562 12.17 3.00 -42.58
CA ILE A 562 13.39 2.23 -42.29
C ILE A 562 13.03 0.86 -41.72
N PHE A 563 12.07 0.84 -40.78
CA PHE A 563 11.68 -0.43 -40.17
C PHE A 563 11.05 -1.38 -41.18
N THR A 564 10.27 -0.85 -42.12
CA THR A 564 9.70 -1.69 -43.16
C THR A 564 10.78 -2.30 -44.04
N ALA A 565 11.81 -1.51 -44.38
CA ALA A 565 12.92 -2.03 -45.17
C ALA A 565 13.65 -3.14 -44.42
N GLU A 566 13.84 -2.98 -43.12
CA GLU A 566 14.45 -4.04 -42.32
C GLU A 566 13.58 -5.29 -42.31
N MET A 567 12.26 -5.10 -42.16
CA MET A 567 11.34 -6.24 -42.23
C MET A 567 11.33 -6.85 -43.62
N THR A 568 11.32 -6.02 -44.66
CA THR A 568 11.32 -6.53 -46.03
C THR A 568 12.62 -7.26 -46.34
N PHE A 569 13.76 -6.73 -45.88
CA PHE A 569 15.03 -7.42 -46.11
C PHE A 569 15.14 -8.70 -45.29
N LYS A 570 14.51 -8.75 -44.12
CA LYS A 570 14.64 -9.93 -43.26
C LYS A 570 13.77 -11.08 -43.77
N ILE A 571 12.59 -10.77 -44.31
CA ILE A 571 11.69 -11.83 -44.78
C ILE A 571 12.29 -12.58 -45.96
N ILE A 572 13.14 -11.91 -46.74
CA ILE A 572 13.74 -12.55 -47.92
C ILE A 572 15.14 -13.06 -47.62
N ALA A 573 15.75 -12.63 -46.52
CA ALA A 573 17.14 -12.97 -46.26
C ALA A 573 17.29 -14.42 -45.83
N LEU A 574 16.71 -14.79 -44.69
CA LEU A 574 16.96 -16.12 -44.15
C LEU A 574 16.06 -17.16 -44.81
N ASP A 575 14.74 -17.03 -44.62
CA ASP A 575 13.67 -17.84 -45.21
C ASP A 575 12.34 -17.25 -44.79
N PRO A 576 11.35 -17.16 -45.69
CA PRO A 576 10.03 -16.63 -45.29
C PRO A 576 9.41 -17.39 -44.13
N TYR A 577 9.52 -18.71 -44.12
CA TYR A 577 8.98 -19.50 -43.01
C TYR A 577 9.89 -19.44 -41.79
N TYR A 578 11.21 -19.44 -42.01
CA TYR A 578 12.14 -19.36 -40.89
C TYR A 578 12.16 -17.96 -40.29
N TYR A 579 11.60 -16.97 -41.01
CA TYR A 579 11.60 -15.60 -40.52
C TYR A 579 10.80 -15.48 -39.23
N PHE A 580 9.65 -16.16 -39.14
CA PHE A 580 8.78 -16.05 -37.99
C PHE A 580 9.50 -16.46 -36.71
N GLN A 581 9.85 -17.75 -36.61
CA GLN A 581 10.74 -18.33 -35.59
C GLN A 581 10.41 -17.75 -34.21
N GLN A 582 11.39 -17.20 -33.49
CA GLN A 582 11.21 -16.70 -32.14
C GLN A 582 10.36 -15.43 -32.20
N GLY A 583 9.63 -15.16 -31.11
CA GLY A 583 8.66 -14.07 -31.11
C GLY A 583 9.26 -12.69 -31.30
N TRP A 584 10.57 -12.55 -31.10
CA TRP A 584 11.24 -11.28 -31.37
C TRP A 584 11.02 -10.85 -32.82
N ASN A 585 11.13 -11.81 -33.75
CA ASN A 585 10.78 -11.53 -35.13
C ASN A 585 9.27 -11.38 -35.31
N ILE A 586 8.49 -12.12 -34.52
CA ILE A 586 7.04 -12.02 -34.59
C ILE A 586 6.57 -10.66 -34.08
N PHE A 587 7.16 -10.21 -32.97
CA PHE A 587 6.74 -8.94 -32.37
C PHE A 587 7.01 -7.77 -33.29
N ASP A 588 8.15 -7.80 -33.99
CA ASP A 588 8.51 -6.73 -34.92
C ASP A 588 7.52 -6.65 -36.07
N SER A 589 7.05 -7.81 -36.55
CA SER A 589 6.17 -7.83 -37.70
C SER A 589 4.82 -7.18 -37.40
N ILE A 590 4.22 -7.51 -36.25
CA ILE A 590 2.90 -6.98 -35.94
C ILE A 590 2.96 -5.49 -35.67
N ILE A 591 4.03 -5.02 -35.02
CA ILE A 591 4.16 -3.60 -34.73
C ILE A 591 4.35 -2.79 -36.01
N VAL A 592 5.20 -3.29 -36.92
CA VAL A 592 5.49 -2.54 -38.14
C VAL A 592 4.27 -2.48 -39.05
N ILE A 593 3.44 -3.52 -39.05
CA ILE A 593 2.23 -3.47 -39.87
C ILE A 593 1.12 -2.70 -39.16
N LEU A 594 1.18 -2.62 -37.83
CA LEU A 594 0.24 -1.77 -37.10
C LEU A 594 0.47 -0.30 -37.44
N SER A 595 1.73 0.11 -37.55
CA SER A 595 2.04 1.48 -37.95
C SER A 595 1.59 1.75 -39.37
N LEU A 596 1.75 0.78 -40.27
CA LEU A 596 1.31 0.95 -41.65
C LEU A 596 -0.20 1.13 -41.72
N MET A 597 -0.94 0.39 -40.90
CA MET A 597 -2.39 0.57 -40.84
C MET A 597 -2.74 1.98 -40.37
N GLU A 598 -2.02 2.48 -39.36
CA GLU A 598 -2.24 3.84 -38.90
C GLU A 598 -1.91 4.86 -39.99
N LEU A 599 -0.79 4.65 -40.70
CA LEU A 599 -0.42 5.56 -41.77
C LEU A 599 -1.42 5.52 -42.91
N GLY A 600 -1.90 4.32 -43.27
CA GLY A 600 -2.93 4.22 -44.29
C GLY A 600 -4.24 4.83 -43.84
N LEU A 601 -4.58 4.68 -42.57
CA LEU A 601 -5.79 5.29 -42.02
C LEU A 601 -5.65 6.79 -41.86
N SER A 602 -4.41 7.32 -41.89
CA SER A 602 -4.19 8.74 -41.66
C SER A 602 -4.88 9.62 -42.70
N ARG A 603 -5.22 9.07 -43.86
CA ARG A 603 -5.98 9.84 -44.85
C ARG A 603 -7.34 10.22 -44.30
N MET A 604 -8.00 9.29 -43.60
CA MET A 604 -9.27 9.55 -42.93
C MET A 604 -9.14 9.48 -41.42
N GLY A 605 -7.92 9.63 -40.89
CA GLY A 605 -7.67 9.45 -39.48
C GLY A 605 -8.00 10.66 -38.61
N ASN A 606 -9.28 10.90 -38.36
CA ASN A 606 -9.66 11.94 -37.42
C ASN A 606 -9.20 11.58 -36.00
N LEU A 607 -9.31 10.31 -35.62
CA LEU A 607 -8.90 9.82 -34.31
C LEU A 607 -7.70 8.89 -34.52
N SER A 608 -6.50 9.46 -34.44
CA SER A 608 -5.25 8.72 -34.61
C SER A 608 -4.57 8.61 -33.27
N VAL A 609 -4.52 7.40 -32.72
CA VAL A 609 -3.85 7.17 -31.44
C VAL A 609 -2.91 5.97 -31.58
N LEU A 610 -3.02 5.26 -32.70
CA LEU A 610 -2.18 4.08 -32.92
C LEU A 610 -0.71 4.43 -33.10
N ARG A 611 -0.40 5.69 -33.41
CA ARG A 611 1.00 6.11 -33.52
C ARG A 611 1.73 6.04 -32.19
N SER A 612 0.99 6.01 -31.07
CA SER A 612 1.60 5.87 -29.76
C SER A 612 2.03 4.45 -29.44
N PHE A 613 1.70 3.49 -30.29
CA PHE A 613 2.09 2.09 -30.09
C PHE A 613 3.45 1.77 -30.69
N ARG A 614 4.08 2.73 -31.37
CA ARG A 614 5.44 2.52 -31.87
C ARG A 614 6.48 2.51 -30.75
N LEU A 615 6.13 3.02 -29.57
CA LEU A 615 7.06 3.01 -28.44
C LEU A 615 7.35 1.60 -27.96
N LEU A 616 6.50 0.62 -28.28
CA LEU A 616 6.74 -0.75 -27.87
C LEU A 616 8.00 -1.32 -28.50
N ARG A 617 8.48 -0.72 -29.60
CA ARG A 617 9.73 -1.15 -30.21
C ARG A 617 10.93 -0.94 -29.30
N VAL A 618 10.81 -0.12 -28.25
CA VAL A 618 11.91 0.10 -27.34
C VAL A 618 12.22 -1.15 -26.53
N PHE A 619 11.30 -2.12 -26.48
CA PHE A 619 11.55 -3.37 -25.77
C PHE A 619 12.56 -4.25 -26.51
N LYS A 620 12.92 -3.92 -27.75
CA LYS A 620 13.96 -4.64 -28.45
C LYS A 620 15.31 -4.49 -27.76
N LEU A 621 15.45 -3.50 -26.88
CA LEU A 621 16.70 -3.28 -26.16
C LEU A 621 16.98 -4.36 -25.13
N ALA A 622 16.02 -5.25 -24.86
CA ALA A 622 16.20 -6.30 -23.86
C ALA A 622 17.24 -7.34 -24.26
N LYS A 623 17.69 -7.33 -25.52
CA LYS A 623 18.74 -8.27 -25.93
C LYS A 623 20.02 -8.04 -25.14
N SER A 624 20.42 -6.78 -24.98
CA SER A 624 21.62 -6.42 -24.25
C SER A 624 21.35 -6.03 -22.81
N TRP A 625 20.27 -5.31 -22.56
CA TRP A 625 19.92 -4.90 -21.20
C TRP A 625 19.44 -6.10 -20.40
N PRO A 626 20.08 -6.46 -19.29
CA PRO A 626 19.60 -7.61 -18.50
C PRO A 626 18.40 -7.24 -17.63
N THR A 627 18.38 -6.01 -17.13
CA THR A 627 17.29 -5.59 -16.25
C THR A 627 15.98 -5.46 -17.01
N LEU A 628 16.04 -5.02 -18.27
CA LEU A 628 14.84 -5.00 -19.10
C LEU A 628 14.30 -6.41 -19.33
N ASN A 629 15.21 -7.38 -19.48
CA ASN A 629 14.79 -8.77 -19.64
C ASN A 629 14.07 -9.26 -18.39
N THR A 630 14.56 -8.89 -17.21
CA THR A 630 13.91 -9.29 -15.96
C THR A 630 12.51 -8.71 -15.87
N LEU A 631 12.33 -7.46 -16.29
CA LEU A 631 11.01 -6.84 -16.26
C LEU A 631 10.05 -7.58 -17.19
N ILE A 632 10.53 -7.98 -18.37
CA ILE A 632 9.69 -8.75 -19.29
C ILE A 632 9.33 -10.10 -18.68
N LYS A 633 10.30 -10.75 -18.03
CA LYS A 633 10.04 -12.04 -17.41
C LYS A 633 9.02 -11.93 -16.28
N ILE A 634 9.03 -10.82 -15.54
CA ILE A 634 8.03 -10.61 -14.49
C ILE A 634 6.64 -10.52 -15.10
N ILE A 635 6.50 -9.75 -16.18
CA ILE A 635 5.21 -9.63 -16.85
C ILE A 635 4.81 -10.96 -17.47
N GLY A 636 5.76 -11.66 -18.09
CA GLY A 636 5.45 -12.93 -18.72
C GLY A 636 5.01 -13.99 -17.73
N ASN A 637 5.62 -14.00 -16.54
CA ASN A 637 5.25 -14.98 -15.52
C ASN A 637 3.82 -14.78 -15.05
N SER A 638 3.39 -13.52 -14.90
CA SER A 638 2.04 -13.25 -14.42
C SER A 638 1.00 -13.80 -15.39
N VAL A 639 1.23 -13.63 -16.69
CA VAL A 639 0.32 -14.18 -17.70
C VAL A 639 0.64 -15.63 -18.01
N GLY A 640 1.82 -16.11 -17.63
CA GLY A 640 2.24 -17.46 -17.95
C GLY A 640 2.09 -18.44 -16.81
N ALA A 641 3.19 -18.72 -16.11
CA ALA A 641 3.15 -19.70 -15.03
C ALA A 641 2.19 -19.31 -13.91
N LEU A 642 1.99 -18.00 -13.71
CA LEU A 642 1.06 -17.49 -12.71
C LEU A 642 -0.27 -17.08 -13.32
N GLY A 643 -0.68 -17.75 -14.41
CA GLY A 643 -1.95 -17.41 -15.04
C GLY A 643 -3.14 -17.70 -14.15
N ASN A 644 -3.10 -18.80 -13.41
CA ASN A 644 -4.23 -19.17 -12.56
C ASN A 644 -4.42 -18.16 -11.44
N LEU A 645 -3.33 -17.70 -10.82
CA LEU A 645 -3.45 -16.73 -9.73
C LEU A 645 -4.01 -15.40 -10.24
N THR A 646 -3.57 -14.97 -11.43
CA THR A 646 -4.14 -13.77 -12.02
C THR A 646 -5.62 -13.96 -12.36
N LEU A 647 -5.98 -15.15 -12.85
CA LEU A 647 -7.37 -15.43 -13.16
C LEU A 647 -8.25 -15.38 -11.92
N VAL A 648 -7.76 -15.91 -10.80
CA VAL A 648 -8.52 -15.87 -9.56
C VAL A 648 -8.72 -14.42 -9.12
N LEU A 649 -7.68 -13.60 -9.21
CA LEU A 649 -7.82 -12.18 -8.88
C LEU A 649 -8.80 -11.49 -9.80
N ALA A 650 -8.74 -11.78 -11.10
CA ALA A 650 -9.67 -11.18 -12.04
C ALA A 650 -11.10 -11.64 -11.78
N ILE A 651 -11.28 -12.92 -11.44
CA ILE A 651 -12.61 -13.44 -11.13
C ILE A 651 -13.14 -12.79 -9.86
N ILE A 652 -12.29 -12.66 -8.83
CA ILE A 652 -12.74 -12.07 -7.57
C ILE A 652 -13.12 -10.61 -7.75
N VAL A 653 -12.32 -9.86 -8.50
CA VAL A 653 -12.60 -8.44 -8.72
C VAL A 653 -13.93 -8.26 -9.45
N PHE A 654 -14.18 -9.10 -10.46
CA PHE A 654 -15.45 -9.01 -11.19
C PHE A 654 -16.63 -9.30 -10.28
N ILE A 655 -16.50 -10.30 -9.41
CA ILE A 655 -17.61 -10.67 -8.53
C ILE A 655 -17.92 -9.54 -7.56
N PHE A 656 -16.90 -8.95 -6.95
CA PHE A 656 -17.12 -7.82 -6.06
C PHE A 656 -17.58 -6.57 -6.82
N ALA A 657 -17.33 -6.51 -8.12
CA ALA A 657 -17.84 -5.41 -8.92
C ALA A 657 -19.34 -5.54 -9.17
N VAL A 658 -19.81 -6.77 -9.40
CA VAL A 658 -21.24 -6.98 -9.64
C VAL A 658 -22.03 -7.21 -8.35
N VAL A 659 -21.36 -7.57 -7.26
CA VAL A 659 -22.05 -7.67 -5.97
C VAL A 659 -22.53 -6.30 -5.54
N GLY A 660 -21.65 -5.30 -5.62
CA GLY A 660 -22.01 -3.95 -5.22
C GLY A 660 -22.83 -3.20 -6.23
N MET A 661 -22.81 -3.61 -7.50
CA MET A 661 -23.55 -2.89 -8.53
C MET A 661 -25.06 -3.04 -8.34
N GLN A 662 -25.51 -4.25 -7.96
CA GLN A 662 -26.94 -4.49 -7.75
C GLN A 662 -27.36 -4.37 -6.30
N LEU A 663 -26.40 -4.22 -5.37
CA LEU A 663 -26.75 -3.99 -3.97
C LEU A 663 -26.91 -2.52 -3.65
N PHE A 664 -26.03 -1.67 -4.19
CA PHE A 664 -26.07 -0.23 -3.94
C PHE A 664 -26.43 0.58 -5.18
N GLY A 665 -26.66 -0.07 -6.31
CA GLY A 665 -26.93 0.68 -7.54
C GLY A 665 -28.22 1.47 -7.47
N LYS A 666 -29.28 0.86 -6.96
CA LYS A 666 -30.56 1.57 -6.86
C LYS A 666 -30.46 2.74 -5.89
N ASN A 667 -29.78 2.54 -4.76
CA ASN A 667 -29.69 3.61 -3.75
C ASN A 667 -28.87 4.78 -4.25
N TYR A 668 -27.79 4.51 -4.98
CA TYR A 668 -26.93 5.59 -5.47
C TYR A 668 -27.69 6.53 -6.39
N SER A 669 -28.51 5.98 -7.29
CA SER A 669 -29.26 6.82 -8.23
C SER A 669 -30.30 7.67 -7.52
N GLU A 670 -31.01 7.08 -6.56
CA GLU A 670 -32.07 7.82 -5.87
C GLU A 670 -31.51 8.84 -4.90
N LEU A 671 -30.47 8.47 -4.16
CA LEU A 671 -29.90 9.30 -3.11
C LEU A 671 -28.58 9.93 -3.54
N ARG A 672 -28.49 10.33 -4.83
CA ARG A 672 -27.28 10.97 -5.32
C ARG A 672 -27.04 12.33 -4.70
N HIS A 673 -28.07 12.99 -4.19
CA HIS A 673 -27.90 14.32 -3.63
C HIS A 673 -27.18 14.28 -2.29
N ARG A 674 -27.26 13.17 -1.57
CA ARG A 674 -26.60 13.05 -0.28
C ARG A 674 -25.09 12.87 -0.40
N ILE A 675 -24.58 12.60 -1.60
CA ILE A 675 -23.15 12.49 -1.84
C ILE A 675 -22.68 13.38 -2.98
N SER A 676 -23.58 14.11 -3.63
CA SER A 676 -23.19 15.02 -4.70
C SER A 676 -22.32 16.15 -4.14
N ASP A 677 -21.36 16.61 -4.94
CA ASP A 677 -20.52 17.72 -4.54
C ASP A 677 -21.36 18.97 -4.35
N SER A 678 -21.90 19.50 -5.44
CA SER A 678 -22.87 20.60 -5.37
C SER A 678 -24.23 20.20 -5.90
N GLY A 679 -24.32 19.77 -7.17
CA GLY A 679 -25.59 19.37 -7.74
C GLY A 679 -25.49 18.29 -8.80
N LEU A 680 -24.31 17.74 -9.00
CA LEU A 680 -24.05 16.82 -10.09
C LEU A 680 -24.03 15.38 -9.59
N LEU A 681 -23.71 14.45 -10.49
CA LEU A 681 -23.56 13.05 -10.11
C LEU A 681 -22.29 12.87 -9.28
N PRO A 682 -22.25 11.87 -8.40
CA PRO A 682 -21.01 11.57 -7.69
C PRO A 682 -19.94 11.06 -8.64
N ARG A 683 -18.68 11.37 -8.30
CA ARG A 683 -17.58 10.95 -9.16
C ARG A 683 -17.39 9.45 -9.13
N TRP A 684 -17.48 8.84 -7.94
CA TRP A 684 -17.28 7.40 -7.77
C TRP A 684 -18.57 6.79 -7.24
N HIS A 685 -19.44 6.38 -8.16
CA HIS A 685 -20.70 5.74 -7.81
C HIS A 685 -20.67 4.28 -8.25
N MET A 686 -21.80 3.60 -8.07
CA MET A 686 -21.88 2.16 -8.33
C MET A 686 -23.11 1.79 -9.16
N MET A 687 -23.82 2.75 -9.71
CA MET A 687 -25.00 2.42 -10.52
C MET A 687 -24.64 1.87 -11.90
N ASP A 688 -23.37 1.92 -12.28
CA ASP A 688 -22.90 1.37 -13.54
C ASP A 688 -21.78 0.37 -13.27
N PHE A 689 -21.68 -0.65 -14.12
CA PHE A 689 -20.69 -1.69 -13.90
C PHE A 689 -19.27 -1.14 -14.00
N PHE A 690 -19.01 -0.29 -14.99
CA PHE A 690 -17.67 0.27 -15.15
C PHE A 690 -17.27 1.08 -13.93
N HIS A 691 -18.18 1.90 -13.41
CA HIS A 691 -17.91 2.63 -12.18
C HIS A 691 -17.85 1.70 -10.98
N ALA A 692 -18.63 0.61 -11.01
CA ALA A 692 -18.54 -0.38 -9.93
C ALA A 692 -17.18 -1.06 -9.91
N PHE A 693 -16.64 -1.38 -11.09
CA PHE A 693 -15.31 -1.99 -11.14
C PHE A 693 -14.23 -1.01 -10.69
N LEU A 694 -14.40 0.27 -11.03
CA LEU A 694 -13.39 1.26 -10.66
C LEU A 694 -13.27 1.38 -9.15
N ILE A 695 -14.39 1.35 -8.43
CA ILE A 695 -14.36 1.40 -6.97
C ILE A 695 -13.61 0.20 -6.42
N ILE A 696 -13.84 -0.99 -6.99
CA ILE A 696 -13.12 -2.18 -6.56
C ILE A 696 -11.64 -2.03 -6.84
N PHE A 697 -11.28 -1.49 -8.01
CA PHE A 697 -9.88 -1.23 -8.32
C PHE A 697 -9.29 -0.20 -7.36
N ARG A 698 -10.05 0.85 -7.04
CA ARG A 698 -9.58 1.87 -6.12
C ARG A 698 -9.35 1.28 -4.74
N ILE A 699 -10.20 0.35 -4.30
CA ILE A 699 -10.02 -0.31 -3.03
C ILE A 699 -8.73 -1.13 -3.03
N LEU A 700 -8.46 -1.84 -4.13
CA LEU A 700 -7.23 -2.62 -4.23
C LEU A 700 -6.00 -1.72 -4.17
N CYS A 701 -6.09 -0.51 -4.73
CA CYS A 701 -4.97 0.44 -4.69
C CYS A 701 -4.71 0.98 -3.29
N GLY A 702 -5.60 0.73 -2.34
CA GLY A 702 -5.39 1.17 -0.97
C GLY A 702 -6.28 2.31 -0.50
N GLU A 703 -7.27 2.71 -1.29
CA GLU A 703 -8.18 3.80 -0.93
C GLU A 703 -9.58 3.23 -0.81
N TRP A 704 -10.04 3.06 0.43
CA TRP A 704 -11.33 2.44 0.70
C TRP A 704 -12.26 3.31 1.53
N ILE A 705 -11.74 4.00 2.55
CA ILE A 705 -12.61 4.75 3.45
C ILE A 705 -13.22 5.96 2.77
N GLU A 706 -12.54 6.51 1.76
CA GLU A 706 -13.07 7.68 1.07
C GLU A 706 -14.38 7.35 0.36
N THR A 707 -14.43 6.20 -0.31
CA THR A 707 -15.65 5.73 -0.96
C THR A 707 -16.59 5.01 -0.02
N MET A 708 -16.14 4.65 1.19
CA MET A 708 -17.02 4.00 2.15
C MET A 708 -17.99 4.98 2.79
N TRP A 709 -17.53 6.21 3.05
CA TRP A 709 -18.42 7.22 3.62
C TRP A 709 -19.57 7.53 2.67
N ASP A 710 -19.27 7.64 1.37
CA ASP A 710 -20.32 7.92 0.40
C ASP A 710 -21.35 6.80 0.35
N CYS A 711 -20.89 5.55 0.39
CA CYS A 711 -21.82 4.42 0.33
C CYS A 711 -22.57 4.25 1.64
N MET A 712 -21.93 4.52 2.78
CA MET A 712 -22.62 4.43 4.07
C MET A 712 -23.70 5.49 4.20
N GLU A 713 -23.50 6.66 3.58
CA GLU A 713 -24.47 7.74 3.63
C GLU A 713 -25.62 7.53 2.63
N VAL A 714 -25.54 6.52 1.78
CA VAL A 714 -26.51 6.32 0.71
C VAL A 714 -27.32 5.04 0.94
N SER A 715 -26.65 3.90 1.05
CA SER A 715 -27.35 2.62 1.11
C SER A 715 -27.62 2.17 2.54
N GLY A 716 -26.56 1.97 3.33
CA GLY A 716 -26.72 1.49 4.69
C GLY A 716 -25.39 1.28 5.40
N GLN A 717 -25.31 1.73 6.65
CA GLN A 717 -24.04 1.66 7.37
C GLN A 717 -23.60 0.23 7.61
N SER A 718 -24.53 -0.64 8.01
CA SER A 718 -24.15 -2.00 8.37
C SER A 718 -23.75 -2.81 7.14
N LEU A 719 -24.56 -2.77 6.09
CA LEU A 719 -24.29 -3.56 4.90
C LEU A 719 -23.04 -3.08 4.18
N CYS A 720 -22.87 -1.76 4.05
CA CYS A 720 -21.71 -1.23 3.35
C CYS A 720 -20.41 -1.55 4.08
N LEU A 721 -20.47 -1.69 5.41
CA LEU A 721 -19.26 -2.02 6.16
C LEU A 721 -18.80 -3.43 5.87
N LEU A 722 -19.73 -4.37 5.71
CA LEU A 722 -19.36 -5.76 5.47
C LEU A 722 -18.75 -5.93 4.09
N VAL A 723 -19.38 -5.37 3.05
CA VAL A 723 -18.92 -5.59 1.69
C VAL A 723 -17.58 -4.90 1.45
N PHE A 724 -17.44 -3.65 1.90
CA PHE A 724 -16.20 -2.91 1.65
C PHE A 724 -15.02 -3.49 2.43
N LEU A 725 -15.27 -4.02 3.62
CA LEU A 725 -14.20 -4.67 4.37
C LEU A 725 -13.89 -6.05 3.84
N LEU A 726 -14.88 -6.77 3.31
CA LEU A 726 -14.64 -8.10 2.77
C LEU A 726 -13.72 -8.03 1.56
N VAL A 727 -13.95 -7.06 0.67
CA VAL A 727 -13.07 -6.90 -0.49
C VAL A 727 -11.72 -6.34 -0.08
N MET A 728 -11.63 -5.70 1.08
CA MET A 728 -10.34 -5.19 1.56
C MET A 728 -9.45 -6.33 2.04
N VAL A 729 -10.03 -7.29 2.76
CA VAL A 729 -9.25 -8.41 3.27
C VAL A 729 -9.00 -9.44 2.16
N ILE A 730 -10.07 -9.84 1.46
CA ILE A 730 -9.92 -10.85 0.43
C ILE A 730 -9.13 -10.31 -0.76
N GLY A 731 -9.40 -9.05 -1.15
CA GLY A 731 -8.71 -8.48 -2.30
C GLY A 731 -7.23 -8.33 -2.09
N ASN A 732 -6.81 -7.83 -0.93
CA ASN A 732 -5.39 -7.67 -0.66
C ASN A 732 -4.71 -9.01 -0.43
N LEU A 733 -5.43 -9.99 0.10
CA LEU A 733 -4.84 -11.31 0.31
C LEU A 733 -4.41 -11.93 -1.01
N VAL A 734 -5.26 -11.83 -2.04
CA VAL A 734 -4.89 -12.36 -3.35
C VAL A 734 -3.80 -11.51 -3.99
N VAL A 735 -3.93 -10.18 -3.89
CA VAL A 735 -2.94 -9.29 -4.51
C VAL A 735 -1.58 -9.48 -3.87
N LEU A 736 -1.53 -9.56 -2.54
CA LEU A 736 -0.25 -9.79 -1.86
C LEU A 736 0.32 -11.16 -2.23
N ASN A 737 -0.54 -12.17 -2.35
CA ASN A 737 -0.08 -13.48 -2.80
C ASN A 737 0.49 -13.41 -4.21
N LEU A 738 -0.18 -12.68 -5.09
CA LEU A 738 0.32 -12.53 -6.46
C LEU A 738 1.61 -11.72 -6.49
N PHE A 739 1.68 -10.64 -5.71
CA PHE A 739 2.88 -9.81 -5.70
C PHE A 739 4.09 -10.57 -5.17
N LEU A 740 3.91 -11.34 -4.09
CA LEU A 740 5.02 -12.10 -3.52
C LEU A 740 5.39 -13.29 -4.40
N ALA A 741 4.41 -13.91 -5.05
CA ALA A 741 4.71 -15.04 -5.94
C ALA A 741 5.57 -14.59 -7.11
N LEU A 742 5.24 -13.44 -7.71
CA LEU A 742 6.03 -12.93 -8.83
C LEU A 742 7.45 -12.57 -8.38
N LEU A 743 7.57 -11.97 -7.20
CA LEU A 743 8.89 -11.55 -6.72
C LEU A 743 9.80 -12.75 -6.46
N LEU A 744 9.27 -13.80 -5.85
CA LEU A 744 10.11 -14.96 -5.53
C LEU A 744 10.40 -15.81 -6.75
N SER A 745 9.42 -15.96 -7.64
CA SER A 745 9.62 -16.82 -8.81
C SER A 745 10.60 -16.20 -9.80
N SER A 746 10.54 -14.88 -9.99
CA SER A 746 11.39 -14.19 -10.95
C SER A 746 12.74 -13.79 -10.36
N PHE A 747 12.98 -14.03 -9.08
CA PHE A 747 14.25 -13.69 -8.46
C PHE A 747 14.77 -14.86 -7.64
N GLY A 872 62.70 19.45 6.97
CA GLY A 872 63.37 19.90 8.18
C GLY A 872 62.83 19.26 9.44
N LYS A 873 63.60 19.34 10.52
CA LYS A 873 63.17 18.77 11.79
C LYS A 873 62.00 19.52 12.39
N VAL A 874 61.88 20.82 12.09
CA VAL A 874 60.79 21.62 12.64
C VAL A 874 59.45 21.13 12.13
N TRP A 875 59.37 20.83 10.82
CA TRP A 875 58.12 20.34 10.25
C TRP A 875 57.71 19.01 10.85
N TRP A 876 58.68 18.11 11.06
CA TRP A 876 58.37 16.82 11.67
C TRP A 876 57.89 16.99 13.10
N ARG A 877 58.53 17.88 13.87
CA ARG A 877 58.17 18.06 15.28
C ARG A 877 56.74 18.61 15.41
N LEU A 878 56.40 19.61 14.60
CA LEU A 878 55.04 20.16 14.67
C LEU A 878 54.01 19.19 14.11
N ARG A 879 54.40 18.35 13.16
CA ARG A 879 53.47 17.35 12.61
C ARG A 879 53.06 16.35 13.68
N LYS A 880 54.01 15.91 14.50
CA LYS A 880 53.68 14.94 15.54
C LYS A 880 52.79 15.55 16.62
N THR A 881 53.02 16.82 16.96
CA THR A 881 52.22 17.46 18.00
C THR A 881 50.76 17.58 17.59
N CYS A 882 50.50 18.01 16.35
CA CYS A 882 49.12 18.12 15.89
C CYS A 882 48.51 16.77 15.60
N TYR A 883 49.34 15.78 15.25
CA TYR A 883 48.83 14.41 15.09
C TYR A 883 48.29 13.87 16.40
N ARG A 884 48.99 14.14 17.51
CA ARG A 884 48.52 13.69 18.81
C ARG A 884 47.22 14.37 19.20
N ILE A 885 47.11 15.67 18.97
CA ILE A 885 45.90 16.39 19.38
C ILE A 885 44.72 16.01 18.51
N VAL A 886 44.95 15.69 17.23
CA VAL A 886 43.85 15.31 16.35
C VAL A 886 43.30 13.95 16.74
N GLU A 887 44.18 12.99 17.01
CA GLU A 887 43.74 11.64 17.39
C GLU A 887 43.23 11.57 18.82
N HIS A 888 43.40 12.63 19.61
CA HIS A 888 42.94 12.61 20.99
C HIS A 888 41.43 12.51 21.06
N SER A 889 40.93 11.73 22.02
CA SER A 889 39.50 11.53 22.15
C SER A 889 38.77 12.83 22.49
N TRP A 890 39.39 13.68 23.31
CA TRP A 890 38.75 14.95 23.68
C TRP A 890 38.50 15.82 22.46
N PHE A 891 39.41 15.79 21.49
CA PHE A 891 39.18 16.52 20.25
C PHE A 891 38.00 15.95 19.47
N GLU A 892 37.86 14.62 19.47
CA GLU A 892 36.78 14.00 18.70
C GLU A 892 35.41 14.37 19.26
N THR A 893 35.25 14.31 20.58
CA THR A 893 33.97 14.68 21.17
C THR A 893 33.74 16.19 21.09
N PHE A 894 34.81 16.98 21.05
CA PHE A 894 34.67 18.42 20.87
C PHE A 894 34.04 18.74 19.52
N ILE A 895 34.49 18.05 18.46
CA ILE A 895 33.92 18.29 17.14
C ILE A 895 32.48 17.82 17.08
N ILE A 896 32.17 16.67 17.68
CA ILE A 896 30.81 16.16 17.69
C ILE A 896 29.88 17.14 18.40
N PHE A 897 30.37 17.77 19.47
CA PHE A 897 29.58 18.78 20.16
C PHE A 897 29.28 19.96 19.24
N MET A 898 30.27 20.39 18.47
CA MET A 898 30.05 21.49 17.54
C MET A 898 29.16 21.07 16.36
N ILE A 899 29.28 19.82 15.92
CA ILE A 899 28.43 19.36 14.81
C ILE A 899 26.97 19.37 15.22
N LEU A 900 26.66 18.93 16.44
CA LEU A 900 25.29 18.96 16.92
C LEU A 900 24.83 20.38 17.19
N LEU A 901 25.69 21.21 17.79
CA LEU A 901 25.31 22.59 18.08
C LEU A 901 25.08 23.39 16.80
N SER A 902 25.98 23.25 15.83
CA SER A 902 25.81 23.99 14.57
C SER A 902 24.54 23.56 13.85
N SER A 903 24.23 22.26 13.86
CA SER A 903 22.98 21.80 13.27
C SER A 903 21.78 22.32 14.03
N GLY A 904 21.89 22.44 15.35
CA GLY A 904 20.77 22.94 16.13
C GLY A 904 20.46 24.39 15.86
N ALA A 905 21.50 25.23 15.71
CA ALA A 905 21.29 26.64 15.45
C ALA A 905 20.65 26.90 14.08
N LEU A 906 20.72 25.93 13.17
CA LEU A 906 20.08 26.09 11.87
C LEU A 906 18.56 26.17 12.00
N ALA A 907 17.98 25.34 12.86
CA ALA A 907 16.53 25.33 13.04
C ALA A 907 16.01 26.56 13.76
N PHE A 908 16.88 27.39 14.31
CA PHE A 908 16.44 28.59 15.03
C PHE A 908 16.03 29.71 14.10
N GLU A 909 16.38 29.64 12.82
CA GLU A 909 16.11 30.72 11.87
C GLU A 909 14.68 30.56 11.31
N ASP A 910 13.71 30.82 12.18
CA ASP A 910 12.31 30.80 11.80
C ASP A 910 11.96 32.11 11.10
N ILE A 911 10.66 32.35 10.88
CA ILE A 911 10.21 33.60 10.28
C ILE A 911 10.08 34.72 11.30
N TYR A 912 10.32 34.43 12.58
CA TYR A 912 10.28 35.45 13.64
C TYR A 912 11.68 35.91 14.05
N LEU A 913 12.71 35.56 13.29
CA LEU A 913 14.07 35.89 13.68
C LEU A 913 14.29 37.40 13.74
N GLU A 914 13.75 38.12 12.75
CA GLU A 914 13.94 39.58 12.72
C GLU A 914 13.31 40.24 13.93
N GLU A 915 12.22 39.68 14.46
CA GLU A 915 11.59 40.24 15.65
C GLU A 915 12.52 40.14 16.86
N ARG A 916 13.16 38.99 17.04
CA ARG A 916 14.05 38.78 18.18
C ARG A 916 15.40 39.42 17.85
N LYS A 917 15.60 40.64 18.34
CA LYS A 917 16.82 41.38 18.00
C LYS A 917 18.06 40.71 18.59
N THR A 918 17.94 40.15 19.79
CA THR A 918 19.10 39.60 20.49
C THR A 918 19.47 38.20 20.02
N ILE A 919 18.70 37.58 19.14
CA ILE A 919 19.00 36.22 18.71
C ILE A 919 19.57 36.22 17.30
N LYS A 920 19.25 37.26 16.51
CA LYS A 920 19.77 37.30 15.15
C LYS A 920 21.25 37.67 15.14
N VAL A 921 21.66 38.61 15.99
CA VAL A 921 23.08 38.93 16.11
C VAL A 921 23.84 37.79 16.78
N LEU A 922 23.21 37.15 17.77
CA LEU A 922 23.85 36.04 18.46
C LEU A 922 24.12 34.87 17.51
N LEU A 923 23.16 34.56 16.64
CA LEU A 923 23.35 33.49 15.67
C LEU A 923 24.46 33.85 14.68
N GLU A 924 24.54 35.12 14.28
CA GLU A 924 25.58 35.55 13.37
C GLU A 924 26.97 35.36 13.99
N TYR A 925 27.11 35.70 15.27
CA TYR A 925 28.36 35.43 15.96
C TYR A 925 28.64 33.94 16.04
N ALA A 926 27.61 33.13 16.31
CA ALA A 926 27.77 31.69 16.38
C ALA A 926 28.21 31.12 15.05
N ASP A 927 27.66 31.64 13.94
CA ASP A 927 28.06 31.17 12.63
C ASP A 927 29.53 31.43 12.36
N LYS A 928 30.03 32.59 12.80
CA LYS A 928 31.45 32.89 12.64
C LYS A 928 32.32 31.93 13.44
N MET A 929 31.90 31.60 14.66
CA MET A 929 32.68 30.67 15.48
C MET A 929 32.68 29.27 14.89
N PHE A 930 31.54 28.82 14.35
CA PHE A 930 31.48 27.48 13.78
C PHE A 930 32.39 27.35 12.56
N THR A 931 32.37 28.35 11.68
CA THR A 931 33.22 28.29 10.50
C THR A 931 34.69 28.54 10.83
N TYR A 932 34.99 29.03 12.04
CA TYR A 932 36.39 29.22 12.43
C TYR A 932 36.95 27.95 13.07
N VAL A 933 36.12 27.21 13.81
CA VAL A 933 36.57 25.97 14.42
C VAL A 933 36.81 24.90 13.35
N PHE A 934 35.87 24.78 12.40
CA PHE A 934 35.97 23.73 11.40
C PHE A 934 37.14 23.96 10.46
N VAL A 935 37.42 25.22 10.11
CA VAL A 935 38.59 25.52 9.29
C VAL A 935 39.87 25.13 10.01
N LEU A 936 39.94 25.44 11.31
CA LEU A 936 41.11 25.05 12.09
C LEU A 936 41.24 23.53 12.14
N GLU A 937 40.12 22.83 12.26
CA GLU A 937 40.16 21.37 12.27
C GLU A 937 40.68 20.82 10.95
N MET A 938 40.24 21.39 9.83
CA MET A 938 40.72 20.95 8.52
C MET A 938 42.22 21.22 8.37
N LEU A 939 42.68 22.40 8.81
CA LEU A 939 44.09 22.72 8.71
C LEU A 939 44.94 21.79 9.56
N LEU A 940 44.46 21.47 10.77
CA LEU A 940 45.20 20.54 11.63
C LEU A 940 45.31 19.17 10.99
N LYS A 941 44.22 18.68 10.40
CA LYS A 941 44.25 17.39 9.71
C LYS A 941 45.17 17.44 8.49
N TRP A 942 45.15 18.56 7.77
CA TRP A 942 46.04 18.71 6.62
C TRP A 942 47.50 18.66 7.03
N VAL A 943 47.85 19.34 8.12
CA VAL A 943 49.23 19.35 8.58
C VAL A 943 49.63 17.99 9.15
N ALA A 944 48.76 17.39 9.97
CA ALA A 944 49.09 16.12 10.60
C ALA A 944 49.07 14.98 9.60
N TYR A 945 47.90 14.73 9.01
CA TYR A 945 47.77 13.66 8.03
C TYR A 945 48.32 14.11 6.68
N GLY A 946 48.66 13.13 5.85
CA GLY A 946 49.15 13.44 4.53
C GLY A 946 48.07 14.03 3.63
N PHE A 947 48.52 14.76 2.62
CA PHE A 947 47.60 15.33 1.65
C PHE A 947 46.85 14.25 0.90
N LYS A 948 47.55 13.17 0.52
CA LYS A 948 46.88 12.04 -0.12
C LYS A 948 45.91 11.36 0.83
N LYS A 949 46.28 11.25 2.11
CA LYS A 949 45.42 10.58 3.07
C LYS A 949 44.09 11.31 3.23
N TYR A 950 44.13 12.65 3.31
CA TYR A 950 42.89 13.40 3.47
C TYR A 950 42.01 13.30 2.23
N PHE A 951 42.61 13.37 1.05
CA PHE A 951 41.83 13.41 -0.17
C PHE A 951 41.43 12.03 -0.68
N THR A 952 41.95 10.95 -0.09
CA THR A 952 41.54 9.60 -0.45
C THR A 952 40.40 9.09 0.41
N ASN A 953 39.95 9.85 1.39
CA ASN A 953 38.84 9.48 2.25
C ASN A 953 37.57 10.16 1.76
N ALA A 954 36.53 9.37 1.50
CA ALA A 954 35.27 9.94 1.04
C ALA A 954 34.65 10.84 2.08
N TRP A 955 34.74 10.45 3.35
CA TRP A 955 34.17 11.28 4.42
C TRP A 955 34.87 12.63 4.50
N CYS A 956 36.20 12.64 4.37
CA CYS A 956 36.93 13.91 4.43
C CYS A 956 36.59 14.80 3.25
N TRP A 957 36.31 14.22 2.08
CA TRP A 957 35.86 15.02 0.94
C TRP A 957 34.50 15.65 1.21
N LEU A 958 33.62 14.92 1.90
CA LEU A 958 32.31 15.47 2.24
C LEU A 958 32.43 16.69 3.14
N ASP A 959 33.32 16.61 4.15
CA ASP A 959 33.52 17.75 5.03
C ASP A 959 34.19 18.91 4.29
N PHE A 960 35.07 18.61 3.34
CA PHE A 960 35.78 19.65 2.61
C PHE A 960 34.82 20.51 1.81
N LEU A 961 33.84 19.88 1.15
CA LEU A 961 32.87 20.64 0.37
C LEU A 961 32.02 21.55 1.25
N ILE A 962 31.60 21.04 2.41
CA ILE A 962 30.71 21.80 3.28
C ILE A 962 31.42 23.05 3.80
N VAL A 963 32.67 22.90 4.24
CA VAL A 963 33.43 24.04 4.75
C VAL A 963 33.73 25.01 3.61
N ASP A 964 33.98 24.50 2.41
CA ASP A 964 34.25 25.36 1.27
C ASP A 964 33.06 26.28 0.97
N VAL A 965 31.85 25.73 1.03
CA VAL A 965 30.66 26.55 0.82
C VAL A 965 30.54 27.59 1.93
N SER A 966 30.78 27.18 3.18
CA SER A 966 30.72 28.13 4.28
C SER A 966 31.77 29.22 4.16
N LEU A 967 32.99 28.84 3.74
CA LEU A 967 34.06 29.83 3.60
C LEU A 967 33.76 30.82 2.49
N VAL A 968 33.19 30.35 1.38
CA VAL A 968 32.88 31.26 0.27
C VAL A 968 31.83 32.27 0.69
N SER A 969 30.79 31.83 1.39
CA SER A 969 29.76 32.76 1.85
C SER A 969 30.33 33.79 2.82
N LEU A 970 31.19 33.35 3.74
CA LEU A 970 31.80 34.28 4.69
C LEU A 970 32.72 35.26 3.99
N VAL A 971 33.57 34.76 3.08
CA VAL A 971 34.53 35.64 2.42
C VAL A 971 33.82 36.60 1.47
N ALA A 972 32.67 36.21 0.92
CA ALA A 972 31.91 37.13 0.07
C ALA A 972 31.23 38.21 0.90
N ASN A 973 30.72 37.84 2.08
CA ASN A 973 30.06 38.82 2.94
C ASN A 973 31.05 39.88 3.42
N THR A 974 32.26 39.48 3.78
CA THR A 974 33.27 40.43 4.23
C THR A 974 33.78 41.28 3.07
N LEU A 975 33.75 40.75 1.85
CA LEU A 975 34.21 41.49 0.69
C LEU A 975 33.24 42.56 0.23
N GLY A 976 32.04 42.61 0.80
CA GLY A 976 31.05 43.58 0.36
C GLY A 976 30.24 43.15 -0.84
N PHE A 977 30.22 41.85 -1.14
CA PHE A 977 29.49 41.33 -2.30
C PHE A 977 28.36 40.42 -1.84
N ALA A 978 27.60 40.85 -0.84
CA ALA A 978 26.49 40.07 -0.32
C ALA A 978 25.18 40.45 -1.02
N GLU A 979 24.15 39.64 -0.78
CA GLU A 979 22.80 39.86 -1.29
C GLU A 979 22.78 39.91 -2.83
N MET A 980 23.66 39.17 -3.47
CA MET A 980 23.68 39.07 -4.92
C MET A 980 22.83 37.88 -5.36
N GLY A 981 22.92 37.51 -6.63
CA GLY A 981 22.15 36.42 -7.17
C GLY A 981 22.66 35.05 -6.78
N PRO A 982 23.87 34.70 -7.24
CA PRO A 982 24.39 33.36 -6.92
C PRO A 982 24.78 33.21 -5.46
N ILE A 983 25.29 34.27 -4.83
CA ILE A 983 25.72 34.17 -3.44
C ILE A 983 24.54 33.86 -2.53
N LYS A 984 23.42 34.55 -2.74
CA LYS A 984 22.24 34.32 -1.91
C LYS A 984 21.71 32.89 -2.08
N SER A 985 21.88 32.31 -3.27
CA SER A 985 21.49 30.92 -3.46
C SER A 985 22.46 29.97 -2.77
N LEU A 986 23.72 30.38 -2.63
CA LEU A 986 24.69 29.53 -1.95
C LEU A 986 24.49 29.53 -0.44
N ARG A 987 23.91 30.60 0.11
CA ARG A 987 23.64 30.65 1.54
C ARG A 987 22.58 29.63 1.94
N THR A 988 21.62 29.36 1.05
CA THR A 988 20.61 28.34 1.32
C THR A 988 21.26 26.97 1.52
N LEU A 989 22.38 26.71 0.85
CA LEU A 989 23.10 25.45 0.97
C LEU A 989 23.74 25.25 2.34
N ARG A 990 23.51 26.14 3.30
CA ARG A 990 23.90 25.89 4.67
C ARG A 990 23.12 24.74 5.31
N ALA A 991 22.02 24.30 4.67
CA ALA A 991 21.24 23.19 5.18
C ALA A 991 21.96 21.86 5.08
N LEU A 992 23.11 21.81 4.40
CA LEU A 992 23.94 20.62 4.35
C LEU A 992 24.88 20.50 5.55
N ARG A 993 24.82 21.46 6.47
CA ARG A 993 25.64 21.36 7.69
C ARG A 993 25.39 20.08 8.49
N PRO A 994 24.16 19.58 8.66
CA PRO A 994 23.99 18.33 9.41
C PRO A 994 24.67 17.12 8.79
N LEU A 995 25.05 17.19 7.50
CA LEU A 995 25.67 16.04 6.85
C LEU A 995 27.01 15.67 7.47
N ARG A 996 27.63 16.58 8.23
CA ARG A 996 28.90 16.26 8.86
C ARG A 996 28.78 15.19 9.94
N ALA A 997 27.57 15.00 10.49
CA ALA A 997 27.38 14.01 11.54
C ALA A 997 27.37 12.58 11.03
N LEU A 998 27.35 12.38 9.71
CA LEU A 998 27.28 11.02 9.16
C LEU A 998 28.54 10.23 9.49
N SER A 999 29.71 10.83 9.31
CA SER A 999 30.96 10.11 9.47
C SER A 999 31.35 9.88 10.93
N ARG A 1000 30.65 10.51 11.88
CA ARG A 1000 31.04 10.42 13.28
C ARG A 1000 30.33 9.27 13.99
N PHE A 1001 29.01 9.22 13.91
CA PHE A 1001 28.25 8.15 14.55
C PHE A 1001 28.32 6.89 13.71
N GLU A 1002 28.86 5.82 14.29
CA GLU A 1002 28.96 4.55 13.56
C GLU A 1002 27.58 3.95 13.29
N GLY A 1003 26.58 4.30 14.10
CA GLY A 1003 25.23 3.82 13.82
C GLY A 1003 24.67 4.32 12.51
N MET A 1004 25.03 5.54 12.12
CA MET A 1004 24.60 6.11 10.85
C MET A 1004 25.57 5.79 9.72
N ARG A 1005 26.87 5.68 10.04
CA ARG A 1005 27.86 5.41 9.00
C ARG A 1005 27.65 4.04 8.38
N VAL A 1006 27.35 3.03 9.20
CA VAL A 1006 27.15 1.68 8.67
C VAL A 1006 25.89 1.61 7.82
N VAL A 1007 24.88 2.42 8.13
CA VAL A 1007 23.68 2.47 7.29
C VAL A 1007 24.01 3.10 5.95
N VAL A 1008 24.73 4.22 5.97
CA VAL A 1008 25.14 4.87 4.73
C VAL A 1008 26.02 3.94 3.91
N ASN A 1009 26.90 3.19 4.58
CA ASN A 1009 27.74 2.21 3.88
C ASN A 1009 26.90 1.15 3.19
N ALA A 1010 25.70 0.85 3.72
CA ALA A 1010 24.84 -0.14 3.09
C ALA A 1010 24.17 0.41 1.83
N LEU A 1011 23.69 1.65 1.88
CA LEU A 1011 23.01 2.23 0.71
C LEU A 1011 23.99 2.62 -0.38
N VAL A 1012 25.24 2.93 -0.03
CA VAL A 1012 26.23 3.26 -1.05
C VAL A 1012 26.51 2.06 -1.94
N GLY A 1013 26.53 0.86 -1.35
CA GLY A 1013 26.75 -0.35 -2.13
C GLY A 1013 25.61 -0.70 -3.05
N ALA A 1014 24.41 -0.17 -2.80
CA ALA A 1014 23.25 -0.42 -3.65
C ALA A 1014 23.05 0.64 -4.72
N ILE A 1015 23.90 1.66 -4.76
CA ILE A 1015 23.73 2.71 -5.76
C ILE A 1015 23.80 2.18 -7.20
N PRO A 1016 24.77 1.34 -7.56
CA PRO A 1016 24.75 0.76 -8.92
C PRO A 1016 23.50 -0.06 -9.20
N SER A 1017 22.97 -0.77 -8.20
CA SER A 1017 21.76 -1.56 -8.42
C SER A 1017 20.53 -0.67 -8.52
N ILE A 1018 20.46 0.38 -7.70
CA ILE A 1018 19.34 1.30 -7.77
C ILE A 1018 19.33 2.06 -9.09
N MET A 1019 20.52 2.45 -9.57
CA MET A 1019 20.60 3.19 -10.82
C MET A 1019 20.10 2.37 -12.00
N ASN A 1020 20.41 1.07 -12.01
CA ASN A 1020 19.98 0.22 -13.11
C ASN A 1020 18.46 0.11 -13.16
N VAL A 1021 17.82 0.01 -11.99
CA VAL A 1021 16.36 -0.08 -11.96
C VAL A 1021 15.72 1.24 -12.39
N LEU A 1022 16.27 2.36 -11.92
CA LEU A 1022 15.71 3.66 -12.27
C LEU A 1022 15.72 3.89 -13.78
N LEU A 1023 16.77 3.44 -14.46
CA LEU A 1023 16.82 3.57 -15.91
C LEU A 1023 15.73 2.75 -16.58
N VAL A 1024 15.49 1.53 -16.08
CA VAL A 1024 14.43 0.70 -16.65
C VAL A 1024 13.06 1.33 -16.41
N CYS A 1025 12.82 1.78 -15.18
CA CYS A 1025 11.56 2.46 -14.89
C CYS A 1025 11.44 3.77 -15.67
N LEU A 1026 12.56 4.45 -15.91
CA LEU A 1026 12.53 5.65 -16.75
C LEU A 1026 12.11 5.31 -18.18
N ILE A 1027 12.61 4.19 -18.71
CA ILE A 1027 12.22 3.78 -20.05
C ILE A 1027 10.77 3.30 -20.06
N PHE A 1028 10.38 2.52 -19.04
CA PHE A 1028 9.01 2.05 -18.95
C PHE A 1028 8.02 3.21 -18.82
N TRP A 1029 8.35 4.20 -18.00
CA TRP A 1029 7.48 5.36 -17.85
C TRP A 1029 7.57 6.31 -19.04
N LEU A 1030 8.63 6.19 -19.86
CA LEU A 1030 8.72 7.03 -21.05
C LEU A 1030 7.69 6.64 -22.09
N ILE A 1031 7.30 5.36 -22.11
CA ILE A 1031 6.25 4.91 -23.02
C ILE A 1031 4.91 5.53 -22.64
N PHE A 1032 4.58 5.50 -21.34
CA PHE A 1032 3.29 6.01 -20.90
C PHE A 1032 3.24 7.53 -20.97
N SER A 1033 4.35 8.20 -20.66
CA SER A 1033 4.36 9.66 -20.69
C SER A 1033 4.18 10.18 -22.11
N ILE A 1034 4.88 9.59 -23.09
CA ILE A 1034 4.71 10.00 -24.47
C ILE A 1034 3.31 9.66 -24.95
N MET A 1035 2.81 8.48 -24.61
CA MET A 1035 1.44 8.11 -24.96
C MET A 1035 0.43 9.01 -24.27
N GLY A 1036 0.67 9.34 -23.00
CA GLY A 1036 -0.23 10.24 -22.29
C GLY A 1036 -0.22 11.65 -22.87
N VAL A 1037 0.95 12.11 -23.30
CA VAL A 1037 1.03 13.43 -23.92
C VAL A 1037 0.22 13.47 -25.21
N ASN A 1038 0.29 12.40 -26.01
CA ASN A 1038 -0.49 12.33 -27.23
C ASN A 1038 -1.99 12.34 -26.93
N LEU A 1039 -2.40 11.61 -25.90
CA LEU A 1039 -3.82 11.56 -25.56
C LEU A 1039 -4.32 12.88 -24.99
N PHE A 1040 -3.56 13.47 -24.06
CA PHE A 1040 -3.92 14.74 -23.43
C PHE A 1040 -2.79 15.73 -23.65
N ALA A 1041 -3.07 16.80 -24.40
CA ALA A 1041 -2.10 17.87 -24.60
C ALA A 1041 -2.89 19.14 -24.91
N GLY A 1042 -3.02 20.02 -23.92
CA GLY A 1042 -3.84 21.19 -24.06
C GLY A 1042 -5.31 20.97 -23.78
N LYS A 1043 -5.71 19.77 -23.38
CA LYS A 1043 -7.07 19.48 -23.01
C LYS A 1043 -7.34 19.65 -21.53
N PHE A 1044 -6.35 20.10 -20.76
CA PHE A 1044 -6.48 20.29 -19.32
C PHE A 1044 -6.83 21.73 -18.95
N GLY A 1045 -7.13 22.58 -19.92
CA GLY A 1045 -7.43 23.97 -19.65
C GLY A 1045 -8.89 24.18 -19.35
N ARG A 1046 -9.17 24.89 -18.26
CA ARG A 1046 -10.53 25.17 -17.82
C ARG A 1046 -10.69 26.67 -17.65
N CYS A 1047 -11.75 27.22 -18.24
CA CYS A 1047 -12.02 28.67 -18.15
C CYS A 1047 -12.84 28.92 -16.90
N ILE A 1048 -12.15 29.17 -15.79
CA ILE A 1048 -12.80 29.36 -14.51
C ILE A 1048 -13.20 30.83 -14.34
N ASN A 1049 -14.18 31.06 -13.49
CA ASN A 1049 -14.65 32.39 -13.14
C ASN A 1049 -14.24 32.68 -11.71
N GLN A 1050 -13.38 33.68 -11.53
CA GLN A 1050 -12.76 33.92 -10.22
C GLN A 1050 -13.75 34.46 -9.19
N THR A 1051 -14.84 35.08 -9.63
CA THR A 1051 -15.82 35.61 -8.67
C THR A 1051 -16.47 34.50 -7.86
N GLU A 1052 -16.80 33.38 -8.52
CA GLU A 1052 -17.41 32.25 -7.83
C GLU A 1052 -16.35 31.42 -7.11
N GLY A 1053 -15.40 30.88 -7.87
CA GLY A 1053 -14.38 30.02 -7.31
C GLY A 1053 -13.72 29.24 -8.42
N ASP A 1054 -12.89 28.27 -8.01
CA ASP A 1054 -12.18 27.42 -8.97
C ASP A 1054 -13.15 26.31 -9.37
N LEU A 1055 -14.05 26.66 -10.29
CA LEU A 1055 -15.05 25.75 -10.82
C LEU A 1055 -15.09 25.91 -12.33
N PRO A 1056 -14.87 24.85 -13.11
CA PRO A 1056 -15.05 24.96 -14.55
C PRO A 1056 -16.49 25.28 -14.92
N LEU A 1057 -16.66 26.05 -15.99
CA LEU A 1057 -17.97 26.46 -16.44
C LEU A 1057 -18.52 25.47 -17.47
N ASN A 1058 -19.81 25.62 -17.77
CA ASN A 1058 -20.45 24.81 -18.80
C ASN A 1058 -20.00 25.26 -20.19
N TYR A 1059 -20.11 24.35 -21.16
CA TYR A 1059 -19.81 24.75 -22.53
C TYR A 1059 -20.93 25.53 -23.17
N THR A 1060 -22.13 25.53 -22.57
CA THR A 1060 -23.24 26.30 -23.11
C THR A 1060 -22.98 27.79 -23.02
N ILE A 1061 -21.98 28.21 -22.25
CA ILE A 1061 -21.55 29.61 -22.17
C ILE A 1061 -20.14 29.79 -22.73
N VAL A 1062 -19.21 28.95 -22.29
CA VAL A 1062 -17.82 29.04 -22.73
C VAL A 1062 -17.41 27.67 -23.26
N ASN A 1063 -17.17 27.59 -24.57
CA ASN A 1063 -16.90 26.30 -25.21
C ASN A 1063 -15.41 25.98 -25.29
N ASN A 1064 -14.57 26.96 -25.64
CA ASN A 1064 -13.15 26.72 -25.79
C ASN A 1064 -12.40 27.96 -25.27
N LYS A 1065 -11.09 27.98 -25.50
CA LYS A 1065 -10.28 29.11 -25.04
C LYS A 1065 -10.64 30.39 -25.80
N SER A 1066 -11.01 30.27 -27.08
CA SER A 1066 -11.36 31.45 -27.86
C SER A 1066 -12.60 32.14 -27.31
N GLU A 1067 -13.61 31.37 -26.92
CA GLU A 1067 -14.81 31.97 -26.37
C GLU A 1067 -14.57 32.55 -24.97
N CYS A 1068 -13.69 31.93 -24.19
CA CYS A 1068 -13.40 32.45 -22.86
C CYS A 1068 -12.76 33.83 -22.95
N GLU A 1069 -11.86 34.04 -23.92
CA GLU A 1069 -11.27 35.36 -24.10
C GLU A 1069 -12.24 36.33 -24.77
N SER A 1070 -13.21 35.82 -25.52
CA SER A 1070 -14.19 36.69 -26.17
C SER A 1070 -15.03 37.42 -25.15
N PHE A 1071 -15.42 36.74 -24.07
CA PHE A 1071 -16.21 37.33 -23.01
C PHE A 1071 -15.34 37.99 -21.93
N ASN A 1072 -14.02 37.98 -22.12
CA ASN A 1072 -13.08 38.60 -21.17
C ASN A 1072 -13.16 40.11 -21.34
N VAL A 1073 -14.22 40.70 -20.78
CA VAL A 1073 -14.44 42.13 -20.85
C VAL A 1073 -14.55 42.71 -19.45
N THR A 1074 -14.97 41.87 -18.50
CA THR A 1074 -15.09 42.27 -17.11
C THR A 1074 -13.90 41.83 -16.26
N GLY A 1075 -12.91 41.18 -16.86
CA GLY A 1075 -11.71 40.78 -16.11
C GLY A 1075 -11.97 39.79 -15.00
N GLU A 1076 -12.82 38.79 -15.26
CA GLU A 1076 -13.10 37.78 -14.24
C GLU A 1076 -13.13 36.37 -14.79
N LEU A 1077 -12.69 36.16 -16.03
CA LEU A 1077 -12.65 34.84 -16.65
C LEU A 1077 -11.19 34.50 -16.94
N TYR A 1078 -10.61 33.62 -16.14
CA TYR A 1078 -9.22 33.22 -16.29
C TYR A 1078 -9.15 31.82 -16.89
N TRP A 1079 -8.37 31.67 -17.95
CA TRP A 1079 -8.15 30.35 -18.57
C TRP A 1079 -6.97 29.70 -17.88
N THR A 1080 -7.27 29.04 -16.77
CA THR A 1080 -6.24 28.37 -15.99
C THR A 1080 -6.07 26.93 -16.49
N LYS A 1081 -5.29 26.14 -15.77
CA LYS A 1081 -5.07 24.75 -16.10
C LYS A 1081 -4.64 24.01 -14.85
N VAL A 1082 -4.77 22.68 -14.89
CA VAL A 1082 -4.34 21.86 -13.77
C VAL A 1082 -2.84 22.05 -13.54
N LYS A 1083 -2.45 22.19 -12.28
CA LYS A 1083 -1.04 22.42 -11.96
C LYS A 1083 -0.17 21.26 -12.43
N VAL A 1084 -0.64 20.03 -12.21
CA VAL A 1084 0.03 18.83 -12.71
C VAL A 1084 -0.78 18.32 -13.89
N ASN A 1085 -0.17 18.30 -15.07
CA ASN A 1085 -0.90 18.02 -16.30
C ASN A 1085 0.01 17.31 -17.29
N PHE A 1086 -0.58 16.90 -18.40
CA PHE A 1086 0.12 16.31 -19.53
C PHE A 1086 0.19 17.36 -20.63
N ASP A 1087 1.24 18.19 -20.58
CA ASP A 1087 1.51 19.14 -21.65
C ASP A 1087 2.82 18.86 -22.38
N ASN A 1088 3.74 18.14 -21.76
CA ASN A 1088 4.97 17.71 -22.40
C ASN A 1088 5.53 16.54 -21.59
N VAL A 1089 6.55 15.89 -22.15
CA VAL A 1089 7.08 14.67 -21.53
C VAL A 1089 7.66 14.99 -20.15
N GLY A 1090 8.30 16.16 -20.01
CA GLY A 1090 8.79 16.55 -18.69
C GLY A 1090 7.69 16.73 -17.69
N ALA A 1091 6.59 17.37 -18.10
CA ALA A 1091 5.45 17.54 -17.20
C ALA A 1091 4.69 16.24 -17.03
N GLY A 1092 4.72 15.36 -18.02
CA GLY A 1092 4.05 14.08 -17.90
C GLY A 1092 4.69 13.16 -16.89
N TYR A 1093 6.01 13.28 -16.70
CA TYR A 1093 6.70 12.43 -15.74
C TYR A 1093 6.20 12.67 -14.32
N LEU A 1094 5.98 13.94 -13.96
CA LEU A 1094 5.45 14.26 -12.63
C LEU A 1094 4.04 13.69 -12.45
N ALA A 1095 3.20 13.79 -13.48
CA ALA A 1095 1.84 13.26 -13.39
C ALA A 1095 1.85 11.75 -13.19
N LEU A 1096 2.74 11.05 -13.91
CA LEU A 1096 2.84 9.60 -13.73
C LEU A 1096 3.33 9.25 -12.33
N LEU A 1097 4.26 10.05 -11.79
CA LEU A 1097 4.74 9.82 -10.42
C LEU A 1097 3.61 9.97 -9.41
N GLN A 1098 2.76 11.00 -9.59
CA GLN A 1098 1.64 11.19 -8.68
C GLN A 1098 0.62 10.07 -8.82
N VAL A 1099 0.35 9.63 -10.04
CA VAL A 1099 -0.62 8.56 -10.26
C VAL A 1099 -0.10 7.24 -9.68
N ALA A 1100 1.18 6.93 -9.93
CA ALA A 1100 1.76 5.68 -9.45
C ALA A 1100 1.81 5.65 -7.92
N THR A 1101 2.10 6.79 -7.29
CA THR A 1101 2.16 6.88 -5.85
C THR A 1101 0.78 6.98 -5.21
N PHE A 1102 -0.28 7.11 -6.02
CA PHE A 1102 -1.66 7.22 -5.56
C PHE A 1102 -1.91 8.47 -4.73
N LYS A 1103 -1.08 9.49 -4.89
CA LYS A 1103 -1.26 10.77 -4.21
C LYS A 1103 -1.47 11.85 -5.25
N GLY A 1104 -2.63 12.51 -5.18
CA GLY A 1104 -2.98 13.53 -6.15
C GLY A 1104 -3.43 13.02 -7.48
N TRP A 1105 -3.59 11.70 -7.63
CA TRP A 1105 -4.08 11.15 -8.89
C TRP A 1105 -5.55 11.46 -9.11
N MET A 1106 -6.30 11.78 -8.05
CA MET A 1106 -7.72 12.08 -8.20
C MET A 1106 -7.93 13.28 -9.13
N ASP A 1107 -7.18 14.36 -8.90
CA ASP A 1107 -7.34 15.56 -9.72
C ASP A 1107 -6.80 15.37 -11.14
N ILE A 1108 -6.07 14.30 -11.41
CA ILE A 1108 -5.58 14.03 -12.76
C ILE A 1108 -6.61 13.26 -13.57
N MET A 1109 -7.15 12.17 -13.01
CA MET A 1109 -8.18 11.42 -13.72
C MET A 1109 -9.46 12.24 -13.87
N TYR A 1110 -9.79 13.05 -12.88
CA TYR A 1110 -10.98 13.90 -12.98
C TYR A 1110 -10.86 14.88 -14.14
N ALA A 1111 -9.67 15.44 -14.34
CA ALA A 1111 -9.45 16.38 -15.43
C ALA A 1111 -9.10 15.69 -16.74
N ALA A 1112 -8.87 14.38 -16.74
CA ALA A 1112 -8.56 13.64 -17.95
C ALA A 1112 -9.76 12.91 -18.53
N VAL A 1113 -10.68 12.44 -17.68
CA VAL A 1113 -11.91 11.81 -18.15
C VAL A 1113 -12.95 12.89 -18.39
N ASP A 1114 -12.51 14.16 -18.35
CA ASP A 1114 -13.34 15.29 -18.71
C ASP A 1114 -12.85 16.00 -19.96
N SER A 1115 -11.71 15.62 -20.51
CA SER A 1115 -11.15 16.30 -21.68
C SER A 1115 -12.09 16.14 -22.87
N ARG A 1116 -12.24 17.23 -23.62
CA ARG A 1116 -13.21 17.29 -24.73
C ARG A 1116 -12.55 17.86 -25.98
N GLY A 1117 -11.30 17.53 -26.21
CA GLY A 1117 -10.59 17.99 -27.39
C GLY A 1117 -9.50 18.97 -27.03
N TYR A 1118 -8.89 19.53 -28.09
CA TYR A 1118 -7.76 20.44 -27.94
C TYR A 1118 -8.26 21.84 -27.57
N GLU A 1119 -7.82 22.32 -26.41
CA GLU A 1119 -8.19 23.65 -25.92
C GLU A 1119 -9.71 23.84 -25.86
N GLU A 1120 -10.41 22.82 -25.37
CA GLU A 1120 -11.86 22.86 -25.26
C GLU A 1120 -12.27 22.69 -23.81
N GLN A 1121 -13.43 23.27 -23.48
CA GLN A 1121 -13.90 23.26 -22.11
C GLN A 1121 -14.29 21.84 -21.69
N PRO A 1122 -13.89 21.40 -20.49
CA PRO A 1122 -14.19 20.04 -20.06
C PRO A 1122 -15.66 19.83 -19.75
N GLN A 1123 -16.07 18.57 -19.79
CA GLN A 1123 -17.43 18.14 -19.46
C GLN A 1123 -17.39 16.94 -18.53
N TRP A 1124 -18.41 16.85 -17.67
CA TRP A 1124 -18.54 15.74 -16.74
C TRP A 1124 -18.49 14.39 -17.45
N GLU A 1125 -17.45 13.62 -17.18
CA GLU A 1125 -17.29 12.25 -17.68
C GLU A 1125 -17.39 12.15 -19.20
N ASP A 1126 -17.20 13.26 -19.92
CA ASP A 1126 -17.03 13.18 -21.36
C ASP A 1126 -15.64 12.63 -21.67
N ASN A 1127 -15.59 11.64 -22.57
CA ASN A 1127 -14.41 10.78 -22.71
C ASN A 1127 -14.14 10.03 -21.40
N LEU A 1128 -15.17 9.28 -20.98
CA LEU A 1128 -15.11 8.58 -19.70
C LEU A 1128 -14.10 7.44 -19.71
N TYR A 1129 -13.94 6.76 -20.84
CA TYR A 1129 -13.06 5.60 -20.90
C TYR A 1129 -11.59 5.97 -20.84
N MET A 1130 -11.24 7.24 -20.60
CA MET A 1130 -9.87 7.60 -20.27
C MET A 1130 -9.44 7.05 -18.92
N TYR A 1131 -10.38 6.57 -18.10
CA TYR A 1131 -10.03 5.88 -16.87
C TYR A 1131 -9.22 4.63 -17.16
N ILE A 1132 -9.43 4.00 -18.32
CA ILE A 1132 -8.72 2.78 -18.66
C ILE A 1132 -7.23 3.03 -18.77
N TYR A 1133 -6.85 4.20 -19.31
CA TYR A 1133 -5.42 4.52 -19.45
C TYR A 1133 -4.73 4.56 -18.10
N PHE A 1134 -5.39 5.14 -17.09
CA PHE A 1134 -4.78 5.21 -15.77
C PHE A 1134 -4.81 3.88 -15.03
N VAL A 1135 -5.80 3.04 -15.30
CA VAL A 1135 -5.85 1.73 -14.67
C VAL A 1135 -4.74 0.82 -15.21
N VAL A 1136 -4.53 0.85 -16.53
CA VAL A 1136 -3.51 0.01 -17.13
C VAL A 1136 -2.12 0.42 -16.65
N PHE A 1137 -1.88 1.73 -16.52
CA PHE A 1137 -0.57 2.20 -16.06
C PHE A 1137 -0.26 1.68 -14.66
N ILE A 1138 -1.25 1.71 -13.77
CA ILE A 1138 -1.03 1.26 -12.40
C ILE A 1138 -0.69 -0.23 -12.37
N ILE A 1139 -1.34 -1.02 -13.22
CA ILE A 1139 -1.04 -2.45 -13.27
C ILE A 1139 0.37 -2.70 -13.75
N PHE A 1140 0.86 -1.88 -14.69
CA PHE A 1140 2.17 -2.06 -15.30
C PHE A 1140 3.24 -1.18 -14.68
N GLY A 1141 3.02 0.14 -14.67
CA GLY A 1141 4.03 1.06 -14.20
C GLY A 1141 4.12 1.23 -12.70
N SER A 1142 3.18 0.68 -11.95
CA SER A 1142 3.19 0.80 -10.50
C SER A 1142 3.19 -0.54 -9.76
N PHE A 1143 2.66 -1.60 -10.38
CA PHE A 1143 2.66 -2.92 -9.76
C PHE A 1143 3.85 -3.76 -10.22
N PHE A 1144 3.97 -3.98 -11.53
CA PHE A 1144 5.09 -4.75 -12.05
C PHE A 1144 6.41 -4.00 -11.88
N THR A 1145 6.40 -2.68 -12.08
CA THR A 1145 7.61 -1.90 -11.91
C THR A 1145 8.10 -1.93 -10.46
N LEU A 1146 7.18 -1.79 -9.50
CA LEU A 1146 7.56 -1.89 -8.09
C LEU A 1146 8.07 -3.29 -7.77
N ASN A 1147 7.47 -4.32 -8.37
CA ASN A 1147 7.93 -5.68 -8.14
C ASN A 1147 9.38 -5.86 -8.59
N LEU A 1148 9.75 -5.23 -9.71
CA LEU A 1148 11.12 -5.32 -10.17
C LEU A 1148 12.09 -4.64 -9.20
N PHE A 1149 11.70 -3.48 -8.67
CA PHE A 1149 12.59 -2.74 -7.79
C PHE A 1149 12.87 -3.50 -6.50
N ILE A 1150 11.83 -4.01 -5.84
CA ILE A 1150 12.01 -4.72 -4.59
C ILE A 1150 12.77 -6.02 -4.82
N GLY A 1151 12.53 -6.68 -5.95
CA GLY A 1151 13.27 -7.89 -6.27
C GLY A 1151 14.75 -7.64 -6.44
N VAL A 1152 15.12 -6.54 -7.11
CA VAL A 1152 16.52 -6.21 -7.30
C VAL A 1152 17.17 -5.83 -5.98
N ILE A 1153 16.50 -5.00 -5.18
CA ILE A 1153 17.05 -4.57 -3.91
C ILE A 1153 17.25 -5.76 -2.98
N ILE A 1154 16.27 -6.67 -2.94
CA ILE A 1154 16.41 -7.88 -2.14
C ILE A 1154 17.61 -8.70 -2.64
N ASP A 1155 17.73 -8.84 -3.96
CA ASP A 1155 18.84 -9.61 -4.51
C ASP A 1155 20.18 -8.95 -4.21
N ASN A 1156 20.24 -7.62 -4.32
CA ASN A 1156 21.49 -6.91 -4.08
C ASN A 1156 21.92 -7.00 -2.62
N PHE A 1157 21.00 -6.71 -1.70
CA PHE A 1157 21.32 -6.75 -0.28
C PHE A 1157 21.56 -8.17 0.22
N ASN A 1158 21.01 -9.18 -0.46
CA ASN A 1158 21.38 -10.55 -0.14
C ASN A 1158 22.84 -10.82 -0.47
N GLN A 1159 23.32 -10.27 -1.58
CA GLN A 1159 24.73 -10.42 -1.94
C GLN A 1159 25.65 -9.75 -0.93
N GLN A 1160 25.25 -8.57 -0.44
CA GLN A 1160 26.07 -7.87 0.55
C GLN A 1160 26.18 -8.67 1.84
N LYS A 1161 25.09 -9.31 2.26
CA LYS A 1161 25.13 -10.13 3.47
C LYS A 1161 26.10 -11.30 3.30
N LYS A 1162 26.08 -11.95 2.13
CA LYS A 1162 27.03 -13.02 1.87
C LYS A 1162 28.45 -12.48 1.74
N LYS A 1163 28.60 -11.31 1.11
CA LYS A 1163 29.94 -10.73 0.93
C LYS A 1163 30.56 -10.35 2.27
N LEU A 1164 29.76 -9.81 3.19
CA LEU A 1164 30.28 -9.40 4.49
C LEU A 1164 30.59 -10.58 5.40
N GLY A 1165 30.18 -11.80 5.02
CA GLY A 1165 30.47 -12.97 5.82
C GLY A 1165 29.29 -13.46 6.63
N GLY A 1166 28.10 -13.39 6.07
CA GLY A 1166 26.90 -13.83 6.76
C GLY A 1166 26.60 -13.05 8.02
N GLN A 1167 26.73 -11.73 7.97
CA GLN A 1167 26.50 -10.87 9.11
C GLN A 1167 25.51 -9.78 8.73
N ASP A 1168 24.85 -9.21 9.74
CA ASP A 1168 23.89 -8.15 9.51
C ASP A 1168 24.58 -6.94 8.92
N ILE A 1169 23.87 -6.25 8.01
CA ILE A 1169 24.45 -5.13 7.29
C ILE A 1169 24.23 -3.81 8.03
N PHE A 1170 23.06 -3.63 8.65
CA PHE A 1170 22.69 -2.36 9.27
C PHE A 1170 22.97 -2.36 10.77
N MET A 1171 24.02 -3.05 11.21
CA MET A 1171 24.34 -3.13 12.63
C MET A 1171 25.82 -2.90 12.85
N THR A 1172 26.14 -2.18 13.92
CA THR A 1172 27.53 -1.90 14.27
C THR A 1172 28.15 -3.10 14.98
N GLU A 1173 29.43 -2.97 15.33
CA GLU A 1173 30.11 -4.05 16.04
C GLU A 1173 29.64 -4.17 17.47
N GLU A 1174 29.50 -3.03 18.17
CA GLU A 1174 29.04 -3.06 19.56
C GLU A 1174 27.60 -3.56 19.64
N GLN A 1175 26.75 -3.15 18.71
CA GLN A 1175 25.36 -3.62 18.70
C GLN A 1175 25.29 -5.11 18.45
N LYS A 1176 26.19 -5.66 17.63
CA LYS A 1176 26.19 -7.09 17.36
C LYS A 1176 26.45 -7.88 18.63
N LYS A 1177 27.36 -7.40 19.48
CA LYS A 1177 27.63 -8.08 20.74
C LYS A 1177 26.40 -8.11 21.63
N TYR A 1178 25.70 -6.98 21.75
CA TYR A 1178 24.51 -6.93 22.59
C TYR A 1178 23.39 -7.78 22.03
N TYR A 1179 23.17 -7.72 20.71
CA TYR A 1179 22.12 -8.52 20.10
C TYR A 1179 22.41 -10.02 20.22
N ASN A 1180 23.66 -10.41 20.01
CA ASN A 1180 24.02 -11.82 20.19
C ASN A 1180 23.86 -12.25 21.64
N ALA A 1181 24.28 -11.41 22.58
CA ALA A 1181 24.11 -11.73 23.99
C ALA A 1181 22.64 -11.78 24.37
N MET A 1182 21.83 -10.86 23.86
CA MET A 1182 20.41 -10.86 24.16
C MET A 1182 19.69 -11.99 23.44
N LYS A 1183 20.24 -12.49 22.33
CA LYS A 1183 19.63 -13.64 21.65
C LYS A 1183 19.62 -14.86 22.55
N LYS A 1184 20.70 -15.09 23.30
CA LYS A 1184 20.74 -16.21 24.24
C LYS A 1184 19.75 -16.04 25.38
N LEU A 1185 19.35 -14.80 25.69
CA LEU A 1185 18.36 -14.58 26.73
C LEU A 1185 17.03 -15.21 26.38
N GLY A 1186 16.73 -15.36 25.09
CA GLY A 1186 15.51 -15.99 24.64
C GLY A 1186 15.51 -17.49 24.67
N SER A 1187 16.63 -18.11 25.06
CA SER A 1187 16.70 -19.56 25.16
C SER A 1187 15.78 -20.07 26.26
N LYS A 1188 15.04 -21.14 25.96
CA LYS A 1188 14.08 -21.71 26.91
C LYS A 1188 14.80 -22.77 27.73
N LYS A 1189 15.06 -22.46 29.00
CA LYS A 1189 15.69 -23.38 29.95
C LYS A 1189 14.75 -23.54 31.13
N PRO A 1190 13.89 -24.55 31.13
CA PRO A 1190 12.94 -24.73 32.24
C PRO A 1190 13.67 -24.99 33.55
N GLN A 1191 13.51 -24.07 34.49
CA GLN A 1191 14.16 -24.18 35.79
C GLN A 1191 13.41 -25.19 36.66
N LYS A 1192 14.09 -25.62 37.73
CA LYS A 1192 13.49 -26.55 38.66
C LYS A 1192 12.33 -25.88 39.41
N PRO A 1193 11.31 -26.65 39.78
CA PRO A 1193 10.19 -26.06 40.53
C PRO A 1193 10.64 -25.49 41.86
N ILE A 1194 10.01 -24.39 42.25
CA ILE A 1194 10.34 -23.73 43.52
C ILE A 1194 9.98 -24.65 44.68
N PRO A 1195 10.87 -24.83 45.66
CA PRO A 1195 10.53 -25.68 46.80
C PRO A 1195 9.32 -25.15 47.57
N ARG A 1196 8.50 -26.07 48.05
CA ARG A 1196 7.29 -25.69 48.77
C ARG A 1196 7.66 -25.15 50.16
N PRO A 1197 7.20 -23.96 50.53
CA PRO A 1197 7.48 -23.45 51.88
C PRO A 1197 6.78 -24.30 52.93
N LEU A 1198 7.51 -24.65 53.98
CA LEU A 1198 6.99 -25.52 55.04
C LEU A 1198 6.38 -24.72 56.18
N ASN A 1199 5.46 -23.80 55.85
CA ASN A 1199 4.73 -23.02 56.83
C ASN A 1199 3.26 -23.41 56.92
N LYS A 1200 2.90 -24.58 56.38
CA LYS A 1200 1.53 -25.10 56.39
C LYS A 1200 0.60 -24.17 55.60
N TYR A 1201 0.32 -22.99 56.14
CA TYR A 1201 -0.52 -22.04 55.42
C TYR A 1201 0.14 -21.56 54.13
N GLN A 1202 1.45 -21.29 54.19
CA GLN A 1202 2.17 -20.90 52.97
C GLN A 1202 2.22 -22.05 51.96
N GLY A 1203 2.36 -23.29 52.45
CA GLY A 1203 2.31 -24.42 51.55
C GLY A 1203 0.93 -24.61 50.93
N PHE A 1204 -0.12 -24.34 51.70
CA PHE A 1204 -1.48 -24.50 51.19
C PHE A 1204 -1.76 -23.51 50.07
N ILE A 1205 -1.39 -22.24 50.26
CA ILE A 1205 -1.61 -21.25 49.21
C ILE A 1205 -0.69 -21.52 48.03
N PHE A 1206 0.48 -22.10 48.26
CA PHE A 1206 1.38 -22.44 47.17
C PHE A 1206 0.76 -23.47 46.24
N ASP A 1207 0.06 -24.45 46.79
CA ASP A 1207 -0.57 -25.48 45.97
C ASP A 1207 -1.66 -24.89 45.09
N ILE A 1208 -2.47 -23.98 45.63
CA ILE A 1208 -3.58 -23.41 44.86
C ILE A 1208 -3.15 -22.31 43.92
N VAL A 1209 -1.93 -21.80 44.06
CA VAL A 1209 -1.43 -20.73 43.21
C VAL A 1209 -0.59 -21.28 42.05
N THR A 1210 0.30 -22.23 42.31
CA THR A 1210 1.12 -22.80 41.26
C THR A 1210 0.32 -23.61 40.26
N LYS A 1211 -0.91 -24.00 40.61
CA LYS A 1211 -1.77 -24.67 39.66
C LYS A 1211 -2.06 -23.76 38.47
N GLN A 1212 -1.98 -24.31 37.27
CA GLN A 1212 -2.19 -23.52 36.06
C GLN A 1212 -3.60 -22.93 35.98
N ALA A 1213 -4.57 -23.55 36.65
CA ALA A 1213 -5.93 -23.03 36.65
C ALA A 1213 -6.00 -21.63 37.25
N PHE A 1214 -5.09 -21.32 38.18
CA PHE A 1214 -5.04 -19.97 38.73
C PHE A 1214 -4.68 -18.94 37.65
N ASP A 1215 -3.76 -19.31 36.75
CA ASP A 1215 -3.40 -18.42 35.67
C ASP A 1215 -4.56 -18.22 34.69
N VAL A 1216 -5.35 -19.27 34.48
CA VAL A 1216 -6.54 -19.13 33.63
C VAL A 1216 -7.52 -18.14 34.25
N THR A 1217 -7.72 -18.20 35.57
CA THR A 1217 -8.58 -17.24 36.24
C THR A 1217 -8.02 -15.83 36.11
N ILE A 1218 -6.70 -15.68 36.27
CA ILE A 1218 -6.08 -14.37 36.08
C ILE A 1218 -6.23 -13.93 34.63
N MET A 1219 -6.02 -14.84 33.68
CA MET A 1219 -6.18 -14.49 32.27
C MET A 1219 -7.63 -14.11 31.95
N PHE A 1220 -8.59 -14.81 32.56
CA PHE A 1220 -9.99 -14.45 32.38
C PHE A 1220 -10.28 -13.07 32.97
N LEU A 1221 -9.67 -12.76 34.11
CA LEU A 1221 -9.89 -11.46 34.74
C LEU A 1221 -9.31 -10.32 33.89
N ILE A 1222 -8.21 -10.59 33.19
CA ILE A 1222 -7.64 -9.58 32.30
C ILE A 1222 -8.63 -9.23 31.19
N CYS A 1223 -9.27 -10.25 30.60
CA CYS A 1223 -10.23 -10.00 29.54
C CYS A 1223 -11.43 -9.22 30.06
N LEU A 1224 -11.90 -9.54 31.27
CA LEU A 1224 -12.99 -8.78 31.87
C LEU A 1224 -12.58 -7.34 32.11
N ASN A 1225 -11.36 -7.12 32.60
CA ASN A 1225 -10.85 -5.77 32.75
C ASN A 1225 -10.68 -5.09 31.40
N MET A 1226 -10.26 -5.86 30.39
CA MET A 1226 -10.17 -5.31 29.04
C MET A 1226 -11.56 -4.95 28.50
N VAL A 1227 -12.56 -5.78 28.80
CA VAL A 1227 -13.91 -5.52 28.31
C VAL A 1227 -14.49 -4.26 28.98
N THR A 1228 -14.28 -4.11 30.28
CA THR A 1228 -14.88 -2.98 31.00
C THR A 1228 -14.30 -1.64 30.60
N MET A 1229 -13.19 -1.61 29.85
CA MET A 1229 -12.63 -0.36 29.37
C MET A 1229 -13.14 0.03 27.99
N MET A 1230 -13.74 -0.90 27.24
CA MET A 1230 -14.38 -0.55 25.99
C MET A 1230 -15.74 0.11 26.18
N VAL A 1231 -16.33 -0.03 27.37
CA VAL A 1231 -17.62 0.59 27.64
C VAL A 1231 -17.51 2.11 27.73
N GLU A 1232 -16.30 2.64 27.93
CA GLU A 1232 -16.11 4.07 28.03
C GLU A 1232 -16.61 4.78 26.78
N THR A 1233 -17.37 5.85 26.98
CA THR A 1233 -17.95 6.62 25.90
C THR A 1233 -17.96 8.09 26.29
N ASP A 1234 -18.03 8.96 25.27
CA ASP A 1234 -18.09 10.39 25.53
C ASP A 1234 -19.35 10.78 26.29
N ASP A 1235 -20.49 10.19 25.91
CA ASP A 1235 -21.77 10.47 26.57
C ASP A 1235 -21.87 9.59 27.81
N GLN A 1236 -21.13 9.98 28.85
CA GLN A 1236 -21.04 9.22 30.09
C GLN A 1236 -21.86 9.94 31.16
N SER A 1237 -22.97 9.32 31.56
CA SER A 1237 -23.77 9.85 32.66
C SER A 1237 -23.05 9.62 33.98
N PRO A 1238 -23.37 10.42 35.00
CA PRO A 1238 -22.73 10.19 36.31
C PRO A 1238 -22.99 8.81 36.86
N GLU A 1239 -24.18 8.24 36.62
CA GLU A 1239 -24.47 6.89 37.08
C GLU A 1239 -23.58 5.86 36.40
N LYS A 1240 -23.32 6.03 35.10
CA LYS A 1240 -22.42 5.12 34.41
C LYS A 1240 -20.98 5.31 34.90
N VAL A 1241 -20.59 6.55 35.19
CA VAL A 1241 -19.24 6.80 35.68
C VAL A 1241 -19.02 6.15 37.04
N ASN A 1242 -20.01 6.28 37.94
CA ASN A 1242 -19.85 5.71 39.28
C ASN A 1242 -19.79 4.18 39.23
N ILE A 1243 -20.62 3.55 38.39
CA ILE A 1243 -20.61 2.10 38.30
C ILE A 1243 -19.28 1.60 37.75
N LEU A 1244 -18.76 2.25 36.71
CA LEU A 1244 -17.47 1.86 36.16
C LEU A 1244 -16.35 2.10 37.17
N ALA A 1245 -16.42 3.21 37.92
CA ALA A 1245 -15.41 3.48 38.94
C ALA A 1245 -15.44 2.41 40.02
N LYS A 1246 -16.63 1.99 40.44
CA LYS A 1246 -16.73 0.92 41.43
C LYS A 1246 -16.20 -0.40 40.88
N ILE A 1247 -16.50 -0.70 39.61
CA ILE A 1247 -16.02 -1.94 39.00
C ILE A 1247 -14.50 -1.94 38.94
N ASN A 1248 -13.90 -0.81 38.55
CA ASN A 1248 -12.45 -0.73 38.51
C ASN A 1248 -11.84 -0.89 39.89
N LEU A 1249 -12.50 -0.36 40.92
CA LEU A 1249 -12.00 -0.51 42.29
C LEU A 1249 -11.96 -1.98 42.70
N LEU A 1250 -12.97 -2.75 42.29
CA LEU A 1250 -12.96 -4.19 42.57
C LEU A 1250 -11.81 -4.87 41.84
N PHE A 1251 -11.57 -4.50 40.58
CA PHE A 1251 -10.52 -5.16 39.80
C PHE A 1251 -9.14 -4.87 40.37
N VAL A 1252 -8.90 -3.62 40.78
CA VAL A 1252 -7.59 -3.29 41.36
C VAL A 1252 -7.43 -3.95 42.73
N ALA A 1253 -8.53 -4.19 43.44
CA ALA A 1253 -8.45 -4.82 44.75
C ALA A 1253 -8.09 -6.30 44.64
N ILE A 1254 -8.75 -7.02 43.73
CA ILE A 1254 -8.49 -8.45 43.59
C ILE A 1254 -7.10 -8.69 43.01
N PHE A 1255 -6.66 -7.82 42.08
CA PHE A 1255 -5.34 -7.99 41.50
C PHE A 1255 -4.25 -7.78 42.52
N THR A 1256 -4.42 -6.77 43.40
CA THR A 1256 -3.50 -6.62 44.52
C THR A 1256 -3.59 -7.81 45.46
N GLY A 1257 -4.80 -8.32 45.69
CA GLY A 1257 -4.95 -9.50 46.53
C GLY A 1257 -4.27 -10.72 45.96
N GLU A 1258 -4.41 -10.95 44.66
CA GLU A 1258 -3.75 -12.09 44.04
C GLU A 1258 -2.24 -11.88 43.95
N CYS A 1259 -1.79 -10.63 43.89
CA CYS A 1259 -0.36 -10.36 43.90
C CYS A 1259 0.23 -10.49 45.30
N ILE A 1260 -0.57 -10.22 46.34
CA ILE A 1260 -0.07 -10.31 47.70
C ILE A 1260 -0.10 -11.73 48.24
N VAL A 1261 -0.84 -12.64 47.61
CA VAL A 1261 -0.85 -14.03 48.05
C VAL A 1261 0.13 -14.88 47.24
N LYS A 1262 0.30 -14.59 45.95
CA LYS A 1262 1.29 -15.30 45.16
C LYS A 1262 2.70 -14.97 45.64
N MET A 1263 2.96 -13.71 45.97
CA MET A 1263 4.27 -13.33 46.49
C MET A 1263 4.49 -13.82 47.91
N ALA A 1264 3.41 -13.95 48.69
CA ALA A 1264 3.54 -14.44 50.06
C ALA A 1264 4.05 -15.88 50.08
N ALA A 1265 3.55 -16.72 49.18
CA ALA A 1265 4.01 -18.10 49.11
C ALA A 1265 5.48 -18.19 48.74
N LEU A 1266 5.92 -17.36 47.79
CA LEU A 1266 7.31 -17.42 47.34
C LEU A 1266 8.23 -16.66 48.29
N ARG A 1267 8.01 -15.35 48.41
CA ARG A 1267 8.64 -14.45 49.37
C ARG A 1267 10.15 -14.29 49.17
N HIS A 1268 10.79 -15.10 48.33
CA HIS A 1268 12.24 -15.03 48.21
C HIS A 1268 12.78 -15.18 46.79
N TYR A 1269 11.93 -15.26 45.77
CA TYR A 1269 12.41 -15.43 44.40
C TYR A 1269 11.64 -14.54 43.44
N TYR A 1270 11.45 -13.28 43.82
CA TYR A 1270 10.78 -12.34 42.92
C TYR A 1270 11.66 -12.03 41.70
N PHE A 1271 12.98 -12.14 41.84
CA PHE A 1271 13.88 -11.82 40.73
C PHE A 1271 13.68 -12.77 39.55
N THR A 1272 13.55 -14.06 39.83
CA THR A 1272 13.32 -15.02 38.75
C THR A 1272 11.91 -14.86 38.18
N ASN A 1273 11.72 -15.42 36.98
CA ASN A 1273 10.45 -15.31 36.26
C ASN A 1273 10.09 -13.83 36.03
N SER A 1274 10.90 -13.20 35.18
CA SER A 1274 10.85 -11.75 34.98
C SER A 1274 9.43 -11.22 34.81
N TRP A 1275 8.51 -12.05 34.35
CA TRP A 1275 7.11 -11.63 34.30
C TRP A 1275 6.52 -11.40 35.68
N ASN A 1276 7.13 -11.97 36.72
CA ASN A 1276 6.63 -11.78 38.08
C ASN A 1276 7.03 -10.43 38.66
N ILE A 1277 7.91 -9.68 38.00
CA ILE A 1277 8.18 -8.31 38.44
C ILE A 1277 7.36 -7.30 37.64
N PHE A 1278 6.92 -7.65 36.42
CA PHE A 1278 6.09 -6.73 35.65
C PHE A 1278 4.72 -6.53 36.30
N ASP A 1279 4.11 -7.61 36.76
CA ASP A 1279 2.81 -7.48 37.43
C ASP A 1279 2.93 -6.83 38.79
N PHE A 1280 4.07 -6.97 39.46
CA PHE A 1280 4.27 -6.32 40.75
C PHE A 1280 4.29 -4.80 40.60
N VAL A 1281 4.99 -4.29 39.58
CA VAL A 1281 5.05 -2.85 39.38
C VAL A 1281 3.76 -2.31 38.78
N VAL A 1282 3.07 -3.10 37.96
CA VAL A 1282 1.81 -2.63 37.40
C VAL A 1282 0.72 -2.59 38.46
N VAL A 1283 0.77 -3.50 39.44
CA VAL A 1283 -0.18 -3.45 40.53
C VAL A 1283 0.10 -2.25 41.43
N ILE A 1284 1.38 -2.00 41.73
CA ILE A 1284 1.74 -0.82 42.52
C ILE A 1284 1.35 0.45 41.79
N LEU A 1285 1.60 0.50 40.48
CA LEU A 1285 1.16 1.64 39.68
C LEU A 1285 -0.37 1.75 39.70
N SER A 1286 -1.06 0.61 39.59
CA SER A 1286 -2.51 0.62 39.69
C SER A 1286 -2.96 1.04 41.10
N ILE A 1287 -2.23 0.61 42.13
CA ILE A 1287 -2.54 1.04 43.48
C ILE A 1287 -2.36 2.55 43.62
N VAL A 1288 -1.27 3.08 43.05
CA VAL A 1288 -1.06 4.53 43.06
C VAL A 1288 -2.16 5.25 42.30
N GLY A 1289 -2.54 4.72 41.13
CA GLY A 1289 -3.57 5.35 40.34
C GLY A 1289 -4.94 5.30 41.00
N THR A 1290 -5.28 4.17 41.61
CA THR A 1290 -6.61 4.02 42.20
C THR A 1290 -6.78 4.84 43.48
N VAL A 1291 -5.70 5.22 44.13
CA VAL A 1291 -5.81 6.07 45.31
C VAL A 1291 -5.64 7.55 44.96
N LEU A 1292 -4.91 7.85 43.88
CA LEU A 1292 -4.78 9.23 43.44
C LEU A 1292 -6.10 9.74 42.85
N SER A 1293 -6.84 8.88 42.16
CA SER A 1293 -8.13 9.28 41.60
C SER A 1293 -9.10 9.69 42.70
N ASP A 1294 -9.15 8.93 43.78
CA ASP A 1294 -9.95 9.35 44.94
C ASP A 1294 -9.39 10.63 45.55
N ILE A 1295 -8.06 10.72 45.62
CA ILE A 1295 -7.42 11.94 46.12
C ILE A 1295 -7.72 13.11 45.19
N ILE A 1296 -7.63 12.90 43.87
CA ILE A 1296 -7.83 13.97 42.91
C ILE A 1296 -9.22 14.57 43.04
N GLN A 1297 -10.23 13.73 43.27
CA GLN A 1297 -11.58 14.22 43.46
C GLN A 1297 -11.68 15.12 44.70
N LYS A 1298 -10.88 14.83 45.73
CA LYS A 1298 -10.82 15.66 46.93
C LYS A 1298 -9.67 16.65 46.91
N TYR A 1299 -8.91 16.72 45.82
CA TYR A 1299 -7.79 17.64 45.71
C TYR A 1299 -7.92 18.48 44.44
N PHE A 1300 -6.86 19.19 44.07
CA PHE A 1300 -6.87 19.99 42.85
C PHE A 1300 -7.11 19.09 41.63
N PHE A 1301 -8.01 19.51 40.77
CA PHE A 1301 -8.35 18.71 39.59
C PHE A 1301 -7.30 18.89 38.50
N SER A 1302 -6.78 17.78 38.01
CA SER A 1302 -5.78 17.82 36.95
C SER A 1302 -6.45 18.10 35.62
N PRO A 1303 -6.01 19.14 34.89
CA PRO A 1303 -6.63 19.41 33.57
C PRO A 1303 -6.38 18.30 32.56
N THR A 1304 -5.12 17.90 32.38
CA THR A 1304 -4.78 16.83 31.46
C THR A 1304 -3.98 15.70 32.10
N LEU A 1305 -3.46 15.88 33.30
CA LEU A 1305 -2.72 14.81 33.95
C LEU A 1305 -3.63 13.69 34.43
N PHE A 1306 -4.92 13.96 34.59
CA PHE A 1306 -5.86 12.90 34.97
C PHE A 1306 -6.05 11.91 33.83
N ARG A 1307 -5.97 12.37 32.58
CA ARG A 1307 -6.08 11.45 31.46
C ARG A 1307 -4.93 10.47 31.43
N VAL A 1308 -3.72 10.92 31.77
CA VAL A 1308 -2.54 10.06 31.71
C VAL A 1308 -2.64 8.94 32.74
N ILE A 1309 -2.98 9.29 33.99
CA ILE A 1309 -3.09 8.27 35.02
C ILE A 1309 -4.25 7.32 34.73
N ARG A 1310 -5.34 7.84 34.16
CA ARG A 1310 -6.42 6.97 33.69
C ARG A 1310 -5.93 6.05 32.58
N LEU A 1311 -5.11 6.59 31.67
CA LEU A 1311 -4.61 5.85 30.52
C LEU A 1311 -3.49 4.88 30.89
N ALA A 1312 -2.86 5.05 32.05
CA ALA A 1312 -1.77 4.16 32.45
C ALA A 1312 -2.23 2.77 32.85
N ARG A 1313 -3.50 2.42 32.64
CA ARG A 1313 -4.03 1.12 33.03
C ARG A 1313 -3.93 0.08 31.92
N ILE A 1314 -3.35 0.43 30.76
CA ILE A 1314 -3.15 -0.56 29.71
C ILE A 1314 -2.08 -1.58 30.07
N GLY A 1315 -1.40 -1.40 31.21
CA GLY A 1315 -0.44 -2.39 31.66
C GLY A 1315 -1.09 -3.73 31.96
N ARG A 1316 -2.32 -3.71 32.47
CA ARG A 1316 -3.05 -4.95 32.71
C ARG A 1316 -3.30 -5.68 31.40
N ILE A 1317 -3.62 -4.93 30.33
CA ILE A 1317 -3.83 -5.56 29.03
C ILE A 1317 -2.54 -6.15 28.51
N LEU A 1318 -1.40 -5.51 28.79
CA LEU A 1318 -0.11 -6.02 28.35
C LEU A 1318 0.35 -7.25 29.13
N ARG A 1319 -0.44 -7.71 30.10
CA ARG A 1319 -0.11 -8.93 30.82
C ARG A 1319 -0.48 -10.20 30.05
N LEU A 1320 -1.18 -10.07 28.93
CA LEU A 1320 -1.58 -11.22 28.12
C LEU A 1320 -0.43 -11.79 27.30
N ILE A 1321 0.71 -11.11 27.24
CA ILE A 1321 1.84 -11.61 26.48
C ILE A 1321 2.39 -12.90 27.07
N ARG A 1322 2.33 -13.04 28.40
CA ARG A 1322 2.90 -14.20 29.07
C ARG A 1322 2.23 -15.49 28.61
N GLY A 1323 0.90 -15.48 28.48
CA GLY A 1323 0.17 -16.67 28.10
C GLY A 1323 0.06 -16.96 26.63
N ALA A 1324 0.54 -16.05 25.77
CA ALA A 1324 0.44 -16.20 24.32
C ALA A 1324 1.82 -16.52 23.78
N LYS A 1325 2.00 -17.76 23.31
CA LYS A 1325 3.29 -18.16 22.74
C LYS A 1325 3.52 -17.51 21.38
N GLY A 1326 2.49 -17.52 20.53
CA GLY A 1326 2.66 -16.94 19.20
C GLY A 1326 2.90 -15.45 19.24
N ILE A 1327 2.18 -14.74 20.11
CA ILE A 1327 2.36 -13.29 20.23
C ILE A 1327 3.76 -12.97 20.77
N ARG A 1328 4.21 -13.72 21.77
CA ARG A 1328 5.51 -13.47 22.37
C ARG A 1328 6.64 -13.70 21.36
N THR A 1329 6.53 -14.75 20.54
CA THR A 1329 7.55 -15.02 19.54
C THR A 1329 7.63 -13.90 18.51
N LEU A 1330 6.48 -13.42 18.04
CA LEU A 1330 6.49 -12.32 17.08
C LEU A 1330 7.03 -11.03 17.70
N LEU A 1331 6.65 -10.75 18.95
CA LEU A 1331 7.18 -9.58 19.63
C LEU A 1331 8.67 -9.71 19.89
N PHE A 1332 9.16 -10.93 20.09
CA PHE A 1332 10.60 -11.14 20.26
C PHE A 1332 11.37 -10.79 19.01
N ALA A 1333 10.77 -11.00 17.83
CA ALA A 1333 11.41 -10.60 16.59
C ALA A 1333 11.58 -9.09 16.50
N LEU A 1334 10.59 -8.34 16.98
CA LEU A 1334 10.71 -6.88 16.99
C LEU A 1334 11.85 -6.43 17.91
N MET A 1335 11.98 -7.07 19.08
CA MET A 1335 13.10 -6.73 19.96
C MET A 1335 14.44 -7.07 19.33
N MET A 1336 14.50 -8.15 18.54
CA MET A 1336 15.72 -8.46 17.80
C MET A 1336 16.04 -7.35 16.80
N SER A 1337 15.02 -6.82 16.13
CA SER A 1337 15.19 -5.82 15.09
C SER A 1337 15.23 -4.39 15.63
N LEU A 1338 15.11 -4.20 16.95
CA LEU A 1338 15.18 -2.86 17.51
C LEU A 1338 16.53 -2.18 17.27
N PRO A 1339 17.68 -2.80 17.56
CA PRO A 1339 18.95 -2.14 17.24
C PRO A 1339 19.14 -1.88 15.76
N ALA A 1340 18.65 -2.76 14.90
CA ALA A 1340 18.80 -2.55 13.46
C ALA A 1340 17.93 -1.40 12.98
N LEU A 1341 16.71 -1.29 13.50
CA LEU A 1341 15.82 -0.20 13.09
C LEU A 1341 16.29 1.14 13.63
N PHE A 1342 16.94 1.16 14.79
CA PHE A 1342 17.42 2.41 15.36
C PHE A 1342 18.49 3.04 14.48
N ASN A 1343 19.40 2.23 13.94
CA ASN A 1343 20.44 2.76 13.07
C ASN A 1343 19.85 3.36 11.79
N ILE A 1344 18.87 2.68 11.19
CA ILE A 1344 18.24 3.19 9.98
C ILE A 1344 17.44 4.45 10.28
N GLY A 1345 16.76 4.48 11.43
CA GLY A 1345 15.99 5.66 11.80
C GLY A 1345 16.85 6.84 12.19
N LEU A 1346 18.08 6.61 12.61
CA LEU A 1346 19.00 7.71 12.87
C LEU A 1346 19.30 8.47 11.59
N LEU A 1347 19.43 7.75 10.47
CA LEU A 1347 19.69 8.40 9.20
C LEU A 1347 18.45 9.09 8.64
N LEU A 1348 17.28 8.47 8.78
CA LEU A 1348 16.06 9.05 8.21
C LEU A 1348 15.73 10.38 8.88
N PHE A 1349 15.87 10.45 10.20
CA PHE A 1349 15.60 11.70 10.91
CA PHE A 1349 15.59 11.71 10.88
C PHE A 1349 16.62 12.77 10.54
N LEU A 1350 17.87 12.38 10.31
CA LEU A 1350 18.88 13.34 9.87
C LEU A 1350 18.53 13.89 8.48
N VAL A 1351 18.11 13.01 7.58
CA VAL A 1351 17.68 13.46 6.25
C VAL A 1351 16.44 14.33 6.36
N MET A 1352 15.49 13.92 7.20
CA MET A 1352 14.28 14.72 7.41
C MET A 1352 14.63 16.06 8.04
N PHE A 1353 15.64 16.09 8.92
CA PHE A 1353 16.10 17.36 9.47
C PHE A 1353 16.71 18.24 8.39
N ILE A 1354 17.48 17.65 7.48
CA ILE A 1354 18.12 18.42 6.42
C ILE A 1354 17.07 19.02 5.48
N TYR A 1355 16.07 18.22 5.09
CA TYR A 1355 15.04 18.70 4.19
C TYR A 1355 14.15 19.73 4.87
N SER A 1356 13.95 19.62 6.18
CA SER A 1356 13.13 20.60 6.88
C SER A 1356 13.76 21.99 6.84
N ILE A 1357 15.08 22.06 7.04
CA ILE A 1357 15.77 23.34 6.95
C ILE A 1357 15.70 23.89 5.53
N PHE A 1358 15.75 23.01 4.53
CA PHE A 1358 15.58 23.45 3.15
C PHE A 1358 14.19 24.03 2.93
N GLY A 1359 13.17 23.44 3.55
CA GLY A 1359 11.81 23.93 3.39
C GLY A 1359 11.61 25.32 3.99
N MET A 1360 12.18 25.56 5.18
CA MET A 1360 12.01 26.86 5.83
C MET A 1360 12.68 27.97 5.05
N ALA A 1361 13.84 27.69 4.43
CA ALA A 1361 14.53 28.71 3.66
C ALA A 1361 13.87 28.99 2.32
N ASN A 1362 13.30 27.96 1.68
CA ASN A 1362 12.71 28.12 0.37
C ASN A 1362 11.19 28.37 0.44
N PHE A 1363 10.45 27.44 1.04
CA PHE A 1363 9.00 27.42 0.95
C PHE A 1363 8.32 28.19 2.07
N ALA A 1364 9.01 29.14 2.69
CA ALA A 1364 8.34 30.05 3.61
C ALA A 1364 7.68 31.19 2.84
N TYR A 1365 6.68 31.79 3.47
CA TYR A 1365 5.91 32.88 2.85
C TYR A 1365 5.28 32.46 1.53
N VAL A 1366 4.74 31.24 1.49
CA VAL A 1366 3.98 30.77 0.35
C VAL A 1366 2.50 30.93 0.67
N LYS A 1367 1.69 30.99 -0.38
CA LYS A 1367 0.25 31.15 -0.19
C LYS A 1367 -0.33 29.91 0.47
N TRP A 1368 -1.15 30.12 1.50
CA TRP A 1368 -1.79 29.00 2.18
C TRP A 1368 -2.88 28.42 1.29
N GLU A 1369 -2.85 27.11 1.11
CA GLU A 1369 -3.70 26.44 0.13
C GLU A 1369 -4.02 25.05 0.67
N ALA A 1370 -4.47 24.17 -0.24
CA ALA A 1370 -5.00 22.86 0.15
C ALA A 1370 -4.13 22.15 1.18
N GLY A 1371 -2.87 21.90 0.85
CA GLY A 1371 -2.01 21.16 1.75
C GLY A 1371 -1.35 21.96 2.83
N ILE A 1372 -1.38 23.29 2.75
CA ILE A 1372 -0.69 24.16 3.69
C ILE A 1372 -1.74 24.99 4.42
N ASP A 1373 -2.10 24.56 5.62
CA ASP A 1373 -3.03 25.31 6.46
C ASP A 1373 -2.26 26.33 7.28
N ASP A 1374 -2.92 26.94 8.26
CA ASP A 1374 -2.26 27.86 9.17
C ASP A 1374 -1.44 27.14 10.24
N MET A 1375 -1.55 25.82 10.33
CA MET A 1375 -0.82 25.04 11.31
C MET A 1375 0.16 24.06 10.71
N PHE A 1376 0.08 23.77 9.41
CA PHE A 1376 0.97 22.82 8.78
C PHE A 1376 1.76 23.46 7.66
N ASN A 1377 2.34 24.63 7.93
CA ASN A 1377 3.14 25.36 6.96
C ASN A 1377 4.62 25.04 7.17
N PHE A 1378 5.48 25.77 6.46
CA PHE A 1378 6.93 25.60 6.56
C PHE A 1378 7.60 26.77 7.27
N GLN A 1379 6.83 27.60 7.96
CA GLN A 1379 7.38 28.81 8.55
C GLN A 1379 8.30 28.50 9.73
N THR A 1380 7.93 27.53 10.55
CA THR A 1380 8.65 27.21 11.77
C THR A 1380 9.17 25.78 11.70
N PHE A 1381 10.27 25.53 12.40
CA PHE A 1381 10.83 24.17 12.43
C PHE A 1381 9.82 23.17 12.99
N ALA A 1382 9.02 23.60 13.97
CA ALA A 1382 7.99 22.70 14.50
C ALA A 1382 6.96 22.36 13.44
N ASN A 1383 6.51 23.35 12.67
CA ASN A 1383 5.51 23.09 11.64
C ASN A 1383 6.10 22.31 10.47
N SER A 1384 7.33 22.64 10.06
CA SER A 1384 7.94 21.91 8.95
C SER A 1384 8.28 20.48 9.34
N MET A 1385 8.56 20.24 10.62
CA MET A 1385 8.80 18.88 11.09
C MET A 1385 7.53 18.03 10.95
N LEU A 1386 6.38 18.62 11.25
CA LEU A 1386 5.12 17.89 11.13
C LEU A 1386 4.83 17.52 9.68
N CYS A 1387 5.08 18.44 8.75
CA CYS A 1387 4.81 18.18 7.34
C CYS A 1387 5.70 17.06 6.81
N LEU A 1388 7.00 17.10 7.14
CA LEU A 1388 7.92 16.11 6.59
C LEU A 1388 7.65 14.71 7.13
N PHE A 1389 7.23 14.60 8.39
CA PHE A 1389 6.85 13.30 8.92
C PHE A 1389 5.65 12.74 8.16
N GLN A 1390 4.72 13.61 7.77
CA GLN A 1390 3.59 13.18 6.96
C GLN A 1390 4.05 12.70 5.59
N ILE A 1391 5.01 13.40 4.98
CA ILE A 1391 5.53 13.00 3.67
C ILE A 1391 6.45 11.79 3.76
N THR A 1392 6.93 11.44 4.96
CA THR A 1392 7.79 10.28 5.09
C THR A 1392 7.07 9.01 4.66
N THR A 1393 5.81 8.87 5.03
CA THR A 1393 4.98 7.78 4.54
C THR A 1393 4.41 8.05 3.15
N SER A 1394 4.92 9.06 2.46
CA SER A 1394 4.49 9.41 1.10
C SER A 1394 2.99 9.67 1.04
N ALA A 1395 2.46 10.32 2.07
CA ALA A 1395 1.03 10.60 2.19
C ALA A 1395 0.80 12.10 2.09
N GLY A 1396 -0.08 12.50 1.19
CA GLY A 1396 -0.43 13.91 1.05
C GLY A 1396 0.70 14.80 0.58
N TRP A 1397 1.67 14.23 -0.13
CA TRP A 1397 2.73 15.06 -0.69
C TRP A 1397 2.26 15.88 -1.88
N ASP A 1398 1.21 15.41 -2.57
CA ASP A 1398 0.64 16.20 -3.65
C ASP A 1398 -0.01 17.48 -3.14
N GLY A 1399 -0.72 17.39 -2.01
CA GLY A 1399 -1.39 18.56 -1.47
C GLY A 1399 -0.42 19.65 -1.06
N LEU A 1400 0.74 19.26 -0.52
CA LEU A 1400 1.75 20.25 -0.15
C LEU A 1400 2.46 20.82 -1.36
N LEU A 1401 2.58 20.04 -2.44
CA LEU A 1401 3.28 20.52 -3.63
C LEU A 1401 2.47 21.54 -4.41
N SER A 1402 1.14 21.46 -4.34
CA SER A 1402 0.30 22.34 -5.15
C SER A 1402 0.50 23.82 -4.86
N PRO A 1403 0.56 24.29 -3.61
CA PRO A 1403 0.75 25.73 -3.38
C PRO A 1403 2.12 26.26 -3.81
N ILE A 1404 3.07 25.39 -4.12
CA ILE A 1404 4.36 25.85 -4.65
C ILE A 1404 4.33 25.89 -6.18
N LEU A 1405 3.62 24.98 -6.82
CA LEU A 1405 3.61 24.92 -8.28
C LEU A 1405 3.04 26.20 -8.89
N ASN A 1406 1.97 26.72 -8.30
CA ASN A 1406 1.30 27.89 -8.88
C ASN A 1406 2.19 29.12 -8.80
N THR A 1407 2.07 29.98 -9.81
CA THR A 1407 2.81 31.24 -9.84
C THR A 1407 2.00 32.24 -10.65
N GLY A 1408 2.05 33.50 -10.23
CA GLY A 1408 1.33 34.55 -10.90
C GLY A 1408 -0.16 34.48 -10.68
N PRO A 1409 -0.86 35.58 -10.95
CA PRO A 1409 -2.32 35.60 -10.80
C PRO A 1409 -2.98 34.67 -11.80
N PRO A 1410 -4.22 34.22 -11.55
CA PRO A 1410 -5.10 34.57 -10.42
C PRO A 1410 -4.91 33.66 -9.22
N TYR A 1411 -3.97 32.73 -9.28
CA TYR A 1411 -3.74 31.82 -8.15
C TYR A 1411 -2.93 32.49 -7.05
N CYS A 1412 -1.73 32.95 -7.39
CA CYS A 1412 -0.86 33.60 -6.43
C CYS A 1412 -0.96 35.12 -6.58
N ASP A 1413 -0.11 35.84 -5.85
CA ASP A 1413 -0.08 37.30 -5.93
C ASP A 1413 1.32 37.77 -5.57
N PRO A 1414 2.20 37.92 -6.56
CA PRO A 1414 3.55 38.43 -6.29
C PRO A 1414 3.53 39.90 -5.93
N ASN A 1415 4.71 40.49 -5.72
CA ASN A 1415 4.85 41.88 -5.27
C ASN A 1415 4.13 42.10 -3.94
N LEU A 1416 4.16 41.09 -3.07
CA LEU A 1416 3.56 41.17 -1.76
C LEU A 1416 4.65 41.35 -0.70
N PRO A 1417 4.51 42.31 0.21
CA PRO A 1417 5.57 42.53 1.20
C PRO A 1417 5.75 41.32 2.11
N ASN A 1418 7.00 41.06 2.48
CA ASN A 1418 7.35 39.98 3.39
C ASN A 1418 8.35 40.50 4.40
N SER A 1419 8.36 39.88 5.58
CA SER A 1419 9.18 40.38 6.68
C SER A 1419 10.66 40.14 6.42
N ASN A 1420 11.02 38.94 5.99
CA ASN A 1420 12.43 38.55 5.86
C ASN A 1420 13.00 38.93 4.50
N GLY A 1421 12.79 40.18 4.08
CA GLY A 1421 13.43 40.69 2.88
C GLY A 1421 12.80 40.27 1.58
N SER A 1422 12.18 39.08 1.56
CA SER A 1422 11.60 38.54 0.34
C SER A 1422 10.34 39.33 -0.04
N ARG A 1423 9.76 38.97 -1.18
CA ARG A 1423 8.55 39.62 -1.66
C ARG A 1423 7.71 38.62 -2.45
N GLY A 1424 6.40 38.75 -2.34
CA GLY A 1424 5.49 37.90 -3.06
C GLY A 1424 5.28 36.55 -2.40
N ASN A 1425 4.04 36.09 -2.37
CA ASN A 1425 3.69 34.79 -1.78
C ASN A 1425 3.55 33.70 -2.84
N CYS A 1426 4.30 33.80 -3.92
CA CYS A 1426 4.25 32.81 -4.99
C CYS A 1426 5.09 31.59 -4.62
N GLY A 1427 5.17 30.65 -5.55
CA GLY A 1427 5.96 29.45 -5.36
C GLY A 1427 7.03 29.31 -6.43
N SER A 1428 7.88 28.31 -6.25
CA SER A 1428 8.98 28.02 -7.17
C SER A 1428 8.77 26.64 -7.77
N PRO A 1429 8.22 26.54 -8.99
CA PRO A 1429 8.00 25.20 -9.58
C PRO A 1429 9.28 24.42 -9.78
N ALA A 1430 10.40 25.08 -10.06
CA ALA A 1430 11.64 24.38 -10.35
C ALA A 1430 12.15 23.59 -9.15
N VAL A 1431 12.43 24.30 -8.05
CA VAL A 1431 12.94 23.63 -6.85
C VAL A 1431 11.83 22.94 -6.07
N GLY A 1432 10.57 23.38 -6.23
CA GLY A 1432 9.48 22.73 -5.51
C GLY A 1432 9.29 21.28 -5.92
N ILE A 1433 9.43 21.00 -7.23
CA ILE A 1433 9.33 19.63 -7.71
C ILE A 1433 10.55 18.83 -7.26
N LEU A 1434 11.74 19.43 -7.34
CA LEU A 1434 12.96 18.73 -6.96
C LEU A 1434 12.96 18.39 -5.48
N PHE A 1435 12.43 19.29 -4.65
CA PHE A 1435 12.40 19.05 -3.20
C PHE A 1435 11.54 17.83 -2.87
N PHE A 1436 10.31 17.80 -3.40
CA PHE A 1436 9.38 16.73 -3.02
C PHE A 1436 9.71 15.41 -3.73
N THR A 1437 10.14 15.48 -4.99
CA THR A 1437 10.43 14.25 -5.72
C THR A 1437 11.60 13.50 -5.10
N THR A 1438 12.68 14.22 -4.76
CA THR A 1438 13.84 13.57 -4.18
C THR A 1438 13.54 13.01 -2.79
N TYR A 1439 12.80 13.76 -1.97
CA TYR A 1439 12.50 13.28 -0.63
C TYR A 1439 11.60 12.06 -0.64
N ILE A 1440 10.66 11.99 -1.60
CA ILE A 1440 9.83 10.80 -1.74
C ILE A 1440 10.68 9.59 -2.08
N ILE A 1441 11.65 9.76 -2.99
CA ILE A 1441 12.52 8.66 -3.37
C ILE A 1441 13.48 8.32 -2.24
N ILE A 1442 14.07 9.33 -1.61
CA ILE A 1442 15.06 9.09 -0.56
C ILE A 1442 14.41 8.37 0.62
N SER A 1443 13.22 8.82 1.03
CA SER A 1443 12.54 8.19 2.16
C SER A 1443 12.16 6.75 1.84
N PHE A 1444 11.75 6.48 0.60
CA PHE A 1444 11.35 5.13 0.24
C PHE A 1444 12.51 4.14 0.35
N LEU A 1445 13.70 4.55 -0.10
CA LEU A 1445 14.86 3.67 -0.01
C LEU A 1445 15.20 3.35 1.44
N ILE A 1446 15.14 4.36 2.32
CA ILE A 1446 15.40 4.15 3.73
C ILE A 1446 14.31 3.29 4.35
N VAL A 1447 13.06 3.52 3.96
CA VAL A 1447 11.95 2.72 4.47
C VAL A 1447 12.09 1.27 4.03
N VAL A 1448 12.48 1.04 2.77
CA VAL A 1448 12.68 -0.31 2.28
C VAL A 1448 13.79 -1.01 3.06
N ASN A 1449 14.83 -0.25 3.44
CA ASN A 1449 15.87 -0.80 4.31
C ASN A 1449 15.29 -1.30 5.62
N MET A 1450 14.24 -0.65 6.11
CA MET A 1450 13.57 -1.09 7.34
C MET A 1450 12.69 -2.30 7.10
N TYR A 1451 12.07 -2.39 5.92
CA TYR A 1451 11.15 -3.50 5.65
C TYR A 1451 11.88 -4.84 5.67
N ILE A 1452 13.09 -4.88 5.12
CA ILE A 1452 13.83 -6.14 5.05
C ILE A 1452 14.57 -6.46 6.35
N ALA A 1453 14.90 -5.45 7.15
CA ALA A 1453 15.60 -5.70 8.40
C ALA A 1453 14.76 -6.54 9.34
N ILE A 1454 13.45 -6.27 9.41
CA ILE A 1454 12.56 -7.08 10.22
C ILE A 1454 12.38 -8.47 9.59
N ILE A 1455 12.29 -8.53 8.26
CA ILE A 1455 12.06 -9.81 7.59
C ILE A 1455 13.21 -10.76 7.84
N LEU A 1456 14.45 -10.28 7.70
CA LEU A 1456 15.60 -11.12 7.98
C LEU A 1456 15.66 -11.55 9.44
N GLU A 1457 15.27 -10.65 10.35
CA GLU A 1457 15.17 -11.04 11.76
C GLU A 1457 14.03 -12.03 11.97
N ASN A 1458 12.91 -11.82 11.27
CA ASN A 1458 11.79 -12.76 11.38
C ASN A 1458 12.15 -14.13 10.85
N PHE A 1459 12.87 -14.18 9.72
CA PHE A 1459 13.29 -15.46 9.18
C PHE A 1459 14.25 -16.18 10.11
N SER A 1460 15.18 -15.44 10.71
CA SER A 1460 16.15 -16.06 11.62
C SER A 1460 15.47 -16.58 12.89
N VAL A 1461 14.53 -15.81 13.43
CA VAL A 1461 13.86 -16.20 14.67
C VAL A 1461 12.90 -17.36 14.49
N ALA A 1462 12.54 -17.70 13.26
CA ALA A 1462 11.63 -18.81 12.99
C ALA A 1462 12.30 -20.15 13.26
C1 NAG B . -12.45 26.19 26.28
C2 NAG B . -13.69 25.37 26.65
C3 NAG B . -14.83 26.26 27.15
C4 NAG B . -14.69 27.70 26.69
C5 NAG B . -13.32 28.27 27.05
C6 NAG B . -13.38 29.10 28.33
C7 NAG B . -13.57 23.41 25.22
C8 NAG B . -12.81 23.35 23.93
N2 NAG B . -14.12 24.60 25.50
O3 NAG B . -14.84 26.24 28.58
O4 NAG B . -14.93 27.81 25.28
O5 NAG B . -12.33 27.25 27.22
O6 NAG B . -13.58 28.23 29.45
O7 NAG B . -13.66 22.45 25.97
C1 NAG B . -16.17 25.97 29.08
C2 NAG B . -16.87 27.26 29.50
C3 NAG B . -18.19 26.94 30.20
C4 NAG B . -19.04 25.94 29.39
C5 NAG B . -18.21 24.82 28.77
C6 NAG B . -19.03 24.06 27.74
C7 NAG B . -16.28 29.24 30.80
C8 NAG B . -16.54 30.27 29.75
N2 NAG B . -15.98 28.02 30.37
O3 NAG B . -18.95 28.14 30.35
O4 NAG B . -19.97 25.33 30.29
O5 NAG B . -17.02 25.28 28.15
O6 NAG B . -20.24 23.57 28.33
O7 NAG B . -16.32 29.52 32.00
C1 BMA B . -21.24 26.00 30.30
C2 BMA B . -22.31 24.96 30.63
C3 BMA B . -23.67 25.60 30.87
C4 BMA B . -23.56 26.71 31.90
C5 BMA B . -22.50 27.71 31.44
C6 BMA B . -22.35 28.84 32.46
O2 BMA B . -21.92 24.24 31.80
O3 BMA B . -24.57 24.59 31.36
O4 BMA B . -24.81 27.38 32.04
O5 BMA B . -21.25 27.06 31.27
O6 BMA B . -21.94 28.29 33.72
C1 MAN B . -25.73 24.55 30.51
C2 MAN B . -26.89 23.97 31.32
C3 MAN B . -26.58 22.52 31.72
C4 MAN B . -26.21 21.71 30.49
C5 MAN B . -25.11 22.40 29.69
C6 MAN B . -24.80 21.64 28.41
O2 MAN B . -28.08 23.99 30.52
O3 MAN B . -27.74 21.95 32.34
O4 MAN B . -25.74 20.42 30.90
O5 MAN B . -25.52 23.74 29.36
O6 MAN B . -24.40 20.31 28.74
C1 NAG C . -18.73 35.10 -12.28
C2 NAG C . -19.57 35.63 -13.45
C3 NAG C . -20.65 36.61 -13.03
C4 NAG C . -21.44 35.98 -11.89
C5 NAG C . -20.51 35.74 -10.73
C6 NAG C . -21.26 35.19 -9.52
C7 NAG C . -19.04 36.39 -15.70
C8 NAG C . -19.67 35.21 -16.37
N2 NAG C . -18.68 36.22 -14.43
O3 NAG C . -21.52 36.88 -14.12
O4 NAG C . -22.60 36.76 -11.52
O5 NAG C . -19.50 34.82 -11.10
O6 NAG C . -20.37 35.07 -8.41
O7 NAG C . -18.88 37.45 -16.29
C1 NAG C . -22.30 38.13 -11.21
C2 NAG C . -23.46 38.99 -11.73
C3 NAG C . -23.31 40.44 -11.29
C4 NAG C . -23.13 40.51 -9.78
C5 NAG C . -21.95 39.67 -9.37
C6 NAG C . -21.77 39.68 -7.86
C7 NAG C . -24.33 38.01 -13.76
C8 NAG C . -25.81 38.19 -13.55
N2 NAG C . -23.55 38.91 -13.16
O3 NAG C . -24.48 41.18 -11.67
O4 NAG C . -22.93 41.87 -9.38
O5 NAG C . -22.12 38.31 -9.81
O6 NAG C . -22.83 38.95 -7.25
O7 NAG C . -23.87 37.09 -14.43
C1 NAG D . -14.36 27.59 -30.46
C2 NAG D . -14.22 26.97 -31.85
C3 NAG D . -15.58 26.53 -32.37
C4 NAG D . -16.53 27.72 -32.43
C5 NAG D . -16.53 28.44 -31.09
C6 NAG D . -17.94 28.57 -30.56
C7 NAG D . -12.32 28.08 -32.89
C8 NAG D . -11.53 26.82 -32.91
N2 NAG D . -13.64 27.93 -32.77
O3 NAG D . -16.12 25.53 -31.49
O4 NAG D . -16.10 28.62 -33.46
O5 NAG D . -15.74 27.74 -30.12
O6 NAG D . -18.49 27.26 -30.33
O7 NAG D . -11.80 29.18 -32.98
C1 NAG D . -17.21 29.04 -34.29
C2 NAG D . -17.84 27.80 -34.94
C3 NAG D . -19.13 28.13 -35.68
C4 NAG D . -20.06 28.93 -34.78
C5 NAG D . -19.35 30.15 -34.25
C6 NAG D . -20.26 31.00 -33.36
C7 NAG D . -16.52 27.67 -37.01
C8 NAG D . -16.89 26.87 -38.23
N2 NAG D . -16.91 27.16 -35.85
O3 NAG D . -19.77 26.92 -36.09
O4 NAG D . -21.22 29.34 -35.52
O5 NAG D . -18.19 29.74 -33.51
O6 NAG D . -20.59 30.25 -32.18
O7 NAG D . -15.91 28.72 -37.10
C1 NAG E . -9.38 37.97 -18.38
C2 NAG E . -8.05 37.30 -18.69
C3 NAG E . -7.11 37.43 -17.50
C4 NAG E . -6.95 38.90 -17.12
C5 NAG E . -8.32 39.58 -16.96
C6 NAG E . -8.14 41.08 -16.77
C7 NAG E . -8.33 35.47 -20.25
C8 NAG E . -7.26 34.50 -20.68
N2 NAG E . -8.24 35.90 -19.00
O3 NAG E . -5.83 36.89 -17.85
O4 NAG E . -6.28 38.96 -15.86
O5 NAG E . -9.17 39.35 -18.09
O6 NAG E . -7.58 41.64 -17.96
O7 NAG E . -9.22 35.84 -21.01
C1 NAG E . -4.92 39.42 -16.04
C2 NAG E . -4.34 39.70 -14.67
C3 NAG E . -2.90 40.17 -14.76
C4 NAG E . -2.07 39.19 -15.58
C5 NAG E . -2.76 38.88 -16.90
C6 NAG E . -1.99 37.78 -17.66
C7 NAG E . -5.04 41.98 -14.13
C8 NAG E . -4.73 42.79 -12.91
N2 NAG E . -5.14 40.67 -13.94
O3 NAG E . -2.39 40.25 -13.43
O4 NAG E . -0.79 39.77 -15.87
O5 NAG E . -4.11 38.45 -16.71
O6 NAG E . -2.57 37.61 -18.95
O7 NAG E . -5.18 42.50 -15.23
C1 BMA E . 0.20 39.31 -14.92
C2 BMA E . 1.50 39.04 -15.67
C3 BMA E . 2.61 38.63 -14.70
C4 BMA E . 2.75 39.69 -13.62
C5 BMA E . 1.42 39.95 -12.94
C6 BMA E . 1.56 41.08 -11.93
O2 BMA E . 1.90 40.23 -16.37
O3 BMA E . 3.84 38.49 -15.41
O4 BMA E . 3.71 39.25 -12.65
O5 BMA E . 0.42 40.29 -13.91
O6 BMA E . 0.50 41.04 -10.96
C1 MAN E . -0.59 41.89 -11.38
C2 MAN E . -0.12 43.34 -11.41
C3 MAN E . -0.78 44.14 -10.30
C4 MAN E . -0.70 43.38 -8.99
C5 MAN E . -1.39 42.03 -9.13
C6 MAN E . -2.68 42.01 -8.32
O2 MAN E . -0.45 43.93 -12.68
O3 MAN E . -2.14 44.40 -10.64
O4 MAN E . 0.67 43.18 -8.62
O5 MAN E . -1.71 41.78 -10.50
O6 MAN E . -3.00 40.68 -7.90
C1 MAN E . -3.98 40.10 -8.79
C2 MAN E . -5.25 40.94 -8.79
C3 MAN E . -5.95 40.91 -7.44
C4 MAN E . -6.14 39.47 -6.98
C5 MAN E . -4.81 38.72 -7.04
C6 MAN E . -4.99 37.28 -6.61
O2 MAN E . -6.14 40.44 -9.79
O3 MAN E . -7.23 41.55 -7.55
O4 MAN E . -6.62 39.46 -5.63
O5 MAN E . -4.31 38.77 -8.37
O6 MAN E . -3.71 36.63 -6.56
C1 NAG F . -15.59 35.73 21.89
C2 NAG F . -14.86 37.03 22.18
C3 NAG F . -13.55 36.75 22.90
C4 NAG F . -13.82 35.93 24.15
C5 NAG F . -14.60 34.68 23.80
C6 NAG F . -14.96 33.89 25.06
C7 NAG F . -15.43 38.70 20.50
C8 NAG F . -14.89 40.09 20.53
N2 NAG F . -14.60 37.76 20.95
O3 NAG F . -12.92 37.99 23.27
O4 NAG F . -12.57 35.55 24.75
O5 NAG F . -15.81 35.02 23.12
O6 NAG F . -13.76 33.66 25.82
O7 NAG F . -16.55 38.44 20.12
C1 NAG G . -8.47 31.96 6.09
C2 NAG G . -7.21 32.10 6.93
C3 NAG G . -7.19 33.42 7.71
C4 NAG G . -7.45 34.58 6.76
C5 NAG G . -8.75 34.35 6.01
C6 NAG G . -9.05 35.50 5.05
C7 NAG G . -6.47 29.86 7.53
C8 NAG G . -6.85 28.66 8.34
N2 NAG G . -7.09 31.00 7.87
O3 NAG G . -5.92 33.59 8.35
O4 NAG G . -7.53 35.79 7.51
O5 NAG G . -8.68 33.11 5.28
O6 NAG G . -10.34 35.32 4.49
O7 NAG G . -5.64 29.81 6.64
C1 NAG H . -24.25 22.12 -17.63
C2 NAG H . -25.51 21.59 -18.31
C3 NAG H . -26.13 20.44 -17.51
C4 NAG H . -25.07 19.41 -17.14
C5 NAG H . -23.85 20.07 -16.51
C6 NAG H . -22.76 19.04 -16.22
C7 NAG H . -27.72 22.54 -18.78
C8 NAG H . -28.70 23.26 -17.89
N2 NAG H . -26.43 22.70 -18.46
O3 NAG H . -27.13 19.78 -18.27
O4 NAG H . -25.63 18.47 -16.21
O5 NAG H . -23.32 21.05 -17.40
O6 NAG H . -21.61 19.70 -15.69
O7 NAG H . -28.08 21.87 -19.73
C1 LBN I . -23.90 -1.92 12.92
N1 LBN I . -28.70 0.68 9.44
P1 LBN I . -26.20 -0.89 13.69
C2 LBN I . -22.48 -1.50 12.61
C3 LBN I . -21.93 -0.50 13.60
C4 LBN I . -11.42 -4.43 10.67
C5 LBN I . -14.28 -8.54 8.09
C6 LBN I . -28.04 -0.41 10.25
O1 LBN I . -24.66 -0.73 13.28
C7 LBN I . -11.53 -5.83 11.22
C8 LBN I . -14.44 -9.96 7.65
C9 LBN I . -27.27 0.03 11.46
O2 LBN I . -26.95 -1.12 12.29
C10 LBN I . -10.72 -6.05 12.48
C11 LBN I . -13.18 -10.57 7.11
C12 LBN I . -27.68 1.67 8.98
O3 LBN I . -26.31 -2.14 14.52
C13 LBN I . -9.23 -5.83 12.34
C14 LBN I . -13.32 -12.02 6.69
C15 LBN I . -29.71 1.39 10.26
O4 LBN I . -26.67 0.42 14.25
C16 LBN I . -8.43 -7.04 11.90
C17 LBN I . -12.07 -12.63 6.13
C18 LBN I . -29.37 0.10 8.24
C19 LBN I . -8.64 -7.53 10.49
C21 LBN I . -7.79 -8.73 10.14
C25 LBN I . -19.89 0.62 14.02
O5 LBN I . -20.57 -0.19 13.21
C26 LBN I . -18.50 0.86 13.50
O6 LBN I . -20.35 1.09 15.02
C27 LBN I . -17.74 -0.40 13.28
C28 LBN I . -16.47 -0.18 12.46
C29 LBN I . -15.71 -1.43 12.12
C30 LBN I . -15.09 -2.13 13.31
C31 LBN I . -13.62 -2.40 13.15
C32 LBN I . -13.28 -3.33 12.00
C33 LBN I . -11.82 -3.35 11.64
C34 LBN I . -21.62 -3.51 11.60
O7 LBN I . -21.58 -2.64 12.62
C35 LBN I . -20.54 -4.56 11.72
O8 LBN I . -22.42 -3.45 10.71
C36 LBN I . -20.55 -5.54 10.59
C37 LBN I . -19.45 -6.58 10.74
C38 LBN I . -18.04 -6.02 10.64
C39 LBN I . -16.97 -7.00 11.05
C40 LBN I . -16.99 -8.33 10.30
C41 LBN I . -16.63 -8.23 8.85
C42 LBN I . -15.22 -7.81 8.63
C1 LBN J . -8.96 -18.79 19.36
P1 LBN J . -7.86 -19.71 21.58
C2 LBN J . -8.94 -17.64 18.38
C3 LBN J . -9.75 -17.90 17.13
C4 LBN J . -13.95 -7.33 13.64
O1 LBN J . -8.02 -18.58 20.44
O2 LBN J . -7.30 -20.97 20.76
O3 LBN J . -6.79 -19.27 22.54
O4 LBN J . -9.23 -20.06 22.09
C25 LBN J . -8.79 -16.23 15.75
O5 LBN J . -9.88 -16.66 16.39
C26 LBN J . -8.98 -14.82 15.26
O6 LBN J . -7.80 -16.89 15.59
C27 LBN J . -8.94 -14.69 13.77
C28 LBN J . -9.22 -13.27 13.30
C29 LBN J . -10.56 -12.73 13.74
C30 LBN J . -10.82 -11.30 13.34
C31 LBN J . -12.14 -10.76 13.84
C32 LBN J . -12.39 -9.31 13.48
C33 LBN J . -13.70 -8.77 14.00
C34 LBN J . -8.59 -15.66 19.71
O7 LBN J . -9.43 -16.40 18.97
C35 LBN J . -9.20 -14.34 20.10
O8 LBN J . -7.47 -16.01 19.99
C36 LBN J . -9.50 -13.46 18.93
C37 LBN J . -10.11 -12.13 19.33
C38 LBN J . -11.45 -12.26 20.03
C39 LBN J . -12.52 -12.91 19.18
C40 LBN J . -13.87 -13.04 19.88
C41 LBN J . -14.94 -13.70 19.04
C1 LBN K . -9.44 -18.93 26.54
P1 LBN K . -8.11 -19.92 28.60
C2 LBN K . -8.81 -17.54 26.59
C3 LBN K . -7.55 -17.42 25.77
C4 LBN K . -10.93 -7.65 20.56
O1 LBN K . -8.53 -19.93 27.04
C7 LBN K . -12.39 -7.30 20.51
O2 LBN K . -6.90 -18.86 28.64
C10 LBN K . -12.77 -6.36 19.41
O3 LBN K . -7.53 -21.26 28.93
O4 LBN K . -9.26 -19.37 29.39
C25 LBN K . -6.21 -15.75 24.81
O5 LBN K . -7.33 -16.04 25.46
C26 LBN K . -6.36 -14.48 24.01
O6 LBN K . -5.23 -16.45 24.82
C27 LBN K . -5.38 -13.41 24.39
C28 LBN K . -5.60 -12.15 23.58
C29 LBN K . -7.01 -11.61 23.65
C30 LBN K . -7.30 -10.48 22.70
C31 LBN K . -8.75 -10.04 22.71
C32 LBN K . -9.09 -9.01 21.66
C33 LBN K . -10.55 -8.63 21.65
C34 LBN K . -10.75 -16.21 27.03
O7 LBN K . -9.77 -16.53 26.19
C35 LBN K . -11.68 -15.15 26.49
O8 LBN K . -10.87 -16.70 28.13
C36 LBN K . -12.76 -14.76 27.46
C37 LBN K . -13.66 -13.66 26.91
C1 LBN L . 5.60 -13.80 -29.41
N1 LBN L . 6.50 -20.65 -27.69
P1 LBN L . 5.66 -16.35 -28.75
C2 LBN L . 5.29 -13.20 -28.05
C3 LBN L . 6.23 -12.09 -27.64
C4 LBN L . 2.59 -3.01 -23.04
C5 LBN L . -2.44 -3.09 -25.84
C6 LBN L . 5.78 -19.34 -27.94
O1 LBN L . 5.01 -15.12 -29.55
C7 LBN L . 1.96 -2.37 -21.83
C9 LBN L . 5.68 -18.91 -29.39
O2 LBN L . 5.02 -17.62 -29.50
C10 LBN L . 1.12 -1.15 -22.15
C12 LBN L . 5.82 -21.76 -28.40
O3 LBN L . 7.13 -16.34 -29.05
C15 LBN L . 6.50 -20.95 -26.23
O4 LBN L . 5.17 -16.32 -27.32
C18 LBN L . 7.90 -20.56 -28.17
C25 LBN L . 8.46 -11.84 -26.87
O5 LBN L . 7.52 -12.67 -27.32
C26 LBN L . 8.06 -10.39 -27.01
O6 LBN L . 9.50 -12.22 -26.41
C27 LBN L . 7.81 -9.70 -25.70
C28 LBN L . 7.14 -8.36 -25.89
C29 LBN L . 6.55 -7.76 -24.64
C30 LBN L . 5.69 -6.55 -24.88
C31 LBN L . 5.00 -5.99 -23.66
C32 LBN L . 4.11 -4.82 -23.95
C33 LBN L . 3.44 -4.21 -22.73
C34 LBN L . 3.47 -11.87 -28.94
O7 LBN L . 3.91 -12.72 -28.00
C35 LBN L . 3.43 -10.44 -28.50
O8 LBN L . 3.11 -12.24 -30.04
C36 LBN L . 2.06 -9.83 -28.53
C37 LBN L . 2.07 -8.37 -28.11
C38 LBN L . 0.71 -7.72 -28.07
C39 LBN L . 0.74 -6.27 -27.65
C40 LBN L . -0.64 -5.62 -27.54
C41 LBN L . -0.60 -4.19 -27.10
C42 LBN L . -1.96 -3.58 -26.94
C1 LBN M . -3.14 -20.22 -19.76
N1 LBN M . -0.43 -23.32 -16.97
P1 LBN M . -2.69 -22.53 -20.99
C2 LBN M . -4.18 -19.54 -18.90
C3 LBN M . -4.24 -20.11 -17.50
C6 LBN M . -1.27 -24.31 -17.75
O1 LBN M . -3.64 -21.53 -20.17
C9 LBN M . -2.32 -23.74 -18.67
O2 LBN M . -1.72 -23.12 -19.84
C12 LBN M . 0.54 -22.63 -17.86
O3 LBN M . -3.52 -23.67 -21.50
C15 LBN M . 0.32 -24.04 -15.90
O4 LBN M . -1.84 -21.72 -21.94
C18 LBN M . -1.31 -22.31 -16.34
O5 LBN M . -4.66 -21.49 -17.58
C34 LBN M . -4.91 -17.30 -18.45
O7 LBN M . -3.92 -18.10 -18.86
C35 LBN M . -4.57 -15.84 -18.51
O8 LBN M . -5.97 -17.71 -18.07
C36 LBN M . -5.70 -14.97 -18.06
C37 LBN M . -5.48 -13.50 -18.36
C38 LBN M . -6.66 -12.63 -18.01
C39 LBN M . -6.54 -11.20 -18.45
C40 LBN M . -7.77 -10.35 -18.14
C41 LBN M . -7.69 -8.95 -18.67
C1 LBN N . -9.63 -24.35 -20.34
N1 LBN N . -10.06 -29.52 -18.65
P1 LBN N . -7.51 -25.89 -20.15
C2 LBN N . -10.28 -23.31 -21.22
C3 LBN N . -11.66 -22.90 -20.75
C6 LBN N . -9.13 -28.66 -17.84
O1 LBN N . -8.47 -24.93 -21.00
C9 LBN N . -8.02 -27.96 -18.58
O2 LBN N . -8.54 -26.88 -19.41
C12 LBN N . -10.89 -30.36 -17.73
O3 LBN N . -6.66 -26.69 -21.11
C15 LBN N . -9.28 -30.43 -19.53
O4 LBN N . -6.83 -25.05 -19.09
C18 LBN N . -10.97 -28.69 -19.48
C25 LBN N . -12.71 -22.52 -22.83
O5 LBN N . -12.25 -21.99 -21.71
C26 LBN N . -13.22 -21.48 -23.78
O6 LBN N . -12.72 -23.71 -23.05
C27 LBN N . -13.07 -20.08 -23.26
C28 LBN N . -13.69 -19.05 -24.19
C29 LBN N . -13.57 -17.62 -23.70
C30 LBN N . -14.28 -16.61 -24.56
C31 LBN N . -15.77 -16.84 -24.66
C32 LBN N . -16.49 -15.82 -25.52
C34 LBN N . -9.29 -21.32 -20.25
O7 LBN N . -9.48 -22.09 -21.33
C35 LBN N . -9.10 -19.87 -20.58
O8 LBN N . -9.24 -21.74 -19.12
C36 LBN N . -10.10 -18.99 -19.89
C37 LBN N . -9.84 -17.52 -20.09
C38 LBN N . -10.77 -16.62 -19.32
C39 LBN N . -10.47 -15.15 -19.44
C40 LBN N . -11.38 -14.25 -18.60
C41 LBN N . -11.06 -12.80 -18.68
C1 LBN O . 18.12 24.53 -5.21
N1 LBN O . 16.06 30.86 -3.07
P1 LBN O . 18.38 26.90 -4.07
C2 LBN O . 18.90 23.81 -4.13
C3 LBN O . 18.33 22.46 -3.76
C4 LBN O . 21.86 12.49 1.20
C6 LBN O . 16.56 29.64 -3.81
O1 LBN O . 18.56 25.92 -5.32
C7 LBN O . 21.75 11.34 2.18
C9 LBN O . 18.06 29.55 -4.00
O2 LBN O . 18.41 28.35 -4.76
C10 LBN O . 22.82 10.28 2.00
C12 LBN O . 14.58 30.82 -2.96
O3 LBN O . 17.01 26.65 -3.51
C13 LBN O . 22.64 9.08 2.88
C15 LBN O . 16.45 32.09 -3.81
O4 LBN O . 19.59 26.79 -3.18
C16 LBN O . 21.34 8.33 2.64
C18 LBN O . 16.65 30.91 -1.71
C25 LBN O . 16.33 21.57 -2.85
O5 LBN O . 16.99 22.65 -3.25
C26 LBN O . 17.15 20.31 -3.02
O6 LBN O . 15.21 21.61 -2.42
C27 LBN O . 17.37 19.58 -1.73
C28 LBN O . 18.36 18.44 -1.88
C29 LBN O . 18.59 17.64 -0.63
C30 LBN O . 19.64 16.58 -0.76
C31 LBN O . 19.76 15.67 0.44
C32 LBN O . 20.81 14.60 0.29
C33 LBN O . 20.80 13.55 1.37
C34 LBN O . 20.63 22.87 -5.57
O7 LBN O . 20.31 23.65 -4.52
C35 LBN O . 22.12 22.62 -5.64
O8 LBN O . 19.86 22.41 -6.36
C36 LBN O . 22.48 21.18 -5.54
C37 LBN O . 23.99 20.96 -5.62
C1 LBN P . 10.60 22.73 -14.41
N1 LBN P . 7.70 29.07 -16.12
P1 LBN P . 9.41 25.00 -15.03
C2 LBN P . 10.31 21.25 -14.20
C3 LBN P . 9.62 20.60 -15.36
C4 LBN P . 11.28 9.62 -11.25
C5 LBN P . 15.21 11.90 -9.13
C6 LBN P . 7.93 27.73 -15.44
O1 LBN P . 9.36 23.43 -14.68
C7 LBN P . 10.84 8.19 -11.48
C8 LBN P . 16.58 11.33 -9.36
C9 LBN P . 7.62 26.51 -16.27
O2 LBN P . 7.91 25.30 -15.52
C10 LBN P . 11.82 7.16 -10.97
C11 LBN P . 16.88 10.14 -8.52
C12 LBN P . 8.03 30.18 -15.19
O3 LBN P . 10.31 25.17 -16.21
C13 LBN P . 11.38 5.74 -11.20
C14 LBN P . 16.91 10.43 -7.03
C15 LBN P . 8.57 29.18 -17.32
O4 LBN P . 9.67 25.74 -13.75
C16 LBN P . 12.26 4.71 -10.53
C17 LBN P . 17.37 9.27 -6.17
C18 LBN P . 6.28 29.20 -16.53
C20 LBN P . 18.76 8.79 -6.48
C22 LBN P . 19.23 7.63 -5.63
C25 LBN P . 9.43 18.48 -14.34
O5 LBN P . 9.93 19.19 -15.34
C26 LBN P . 10.36 17.37 -13.93
O6 LBN P . 8.38 18.72 -13.82
C27 LBN P . 9.80 16.00 -14.11
C28 LBN P . 10.80 14.92 -13.75
C29 LBN P . 11.21 14.92 -12.29
C30 LBN P . 10.10 14.52 -11.36
C31 LBN P . 9.62 13.10 -11.55
C32 LBN P . 10.69 12.07 -11.36
C33 LBN P . 10.24 10.65 -11.59
C34 LBN P . 12.09 20.60 -12.69
O7 LBN P . 11.52 20.51 -13.91
C35 LBN P . 13.02 19.46 -12.43
O8 LBN P . 11.85 21.50 -11.92
C36 LBN P . 13.72 19.56 -11.10
C37 LBN P . 14.37 18.24 -10.69
C38 LBN P . 15.21 17.61 -11.77
C39 LBN P . 15.91 16.34 -11.33
C40 LBN P . 14.99 15.29 -10.72
C41 LBN P . 15.70 14.03 -10.30
C42 LBN P . 14.81 13.06 -9.60
C1 LBN Q . 33.07 3.60 1.17
N1 LBN Q . 39.19 1.16 2.15
P1 LBN Q . 34.98 4.08 2.97
C2 LBN Q . 32.72 4.94 0.56
C3 LBN Q . 31.94 5.85 1.49
C4 LBN Q . 24.79 15.96 -2.11
C5 LBN Q . 24.69 9.13 -2.57
C6 LBN Q . 37.71 1.42 1.98
O1 LBN Q . 33.45 3.77 2.57
C7 LBN Q . 23.78 16.86 -1.47
C8 LBN Q . 24.56 10.13 -3.67
C9 LBN Q . 37.21 2.72 2.57
O2 LBN Q . 35.77 2.81 2.38
C10 LBN Q . 23.09 17.80 -2.43
C11 LBN Q . 23.38 11.05 -3.50
C12 LBN Q . 39.55 1.11 3.60
O3 LBN Q . 35.46 5.31 2.26
C14 LBN Q . 23.19 12.04 -4.62
C15 LBN Q . 39.99 2.25 1.50
O4 LBN Q . 35.08 4.00 4.48
C17 LBN Q . 21.99 12.95 -4.46
C18 LBN Q . 39.55 -0.14 1.51
C25 LBN Q . 30.66 7.81 1.41
O5 LBN Q . 31.44 6.97 0.74
C26 LBN Q . 29.99 8.80 0.50
O6 LBN Q . 30.49 7.75 2.61
C27 LBN Q . 28.98 9.65 1.20
C28 LBN Q . 28.23 10.57 0.25
C29 LBN Q . 27.17 11.41 0.90
C30 LBN Q . 26.40 12.29 -0.05
C31 LBN Q . 27.28 13.26 -0.83
C32 LBN Q . 26.52 14.14 -1.80
C33 LBN Q . 25.50 15.04 -1.15
C34 LBN Q . 34.20 5.57 -1.24
O7 LBN Q . 33.93 5.60 0.08
C35 LBN Q . 32.97 5.55 -2.11
O8 LBN Q . 35.32 5.56 -1.66
C36 LBN Q . 32.97 6.64 -3.14
C37 LBN Q . 31.63 6.77 -3.86
C38 LBN Q . 30.50 7.22 -2.97
C39 LBN Q . 29.19 7.39 -3.68
C40 LBN Q . 28.04 7.81 -2.76
C41 LBN Q . 26.70 7.90 -3.44
C42 LBN Q . 25.59 8.18 -2.48
C1 LBN R . 8.43 30.83 19.55
N1 LBN R . 1.84 33.98 17.22
P1 LBN R . 6.21 32.28 19.47
C2 LBN R . 9.03 29.60 18.92
C3 LBN R . 10.52 29.46 19.19
C4 LBN R . 18.93 18.92 16.55
C5 LBN R . 13.81 17.63 18.64
C6 LBN R . 2.87 32.89 17.48
O1 LBN R . 7.06 30.97 19.07
C7 LBN R . 20.15 18.18 17.03
C8 LBN R . 14.47 17.52 19.98
C9 LBN R . 3.97 33.24 18.44
O2 LBN R . 4.91 32.14 18.54
C10 LBN R . 20.58 17.05 16.12
C11 LBN R . 15.47 16.41 20.05
C12 LBN R . 2.49 35.19 16.69
O3 LBN R . 6.97 33.49 19.00
C13 LBN R . 21.01 17.50 14.75
C15 LBN R . 1.15 34.32 18.50
O4 LBN R . 5.79 32.16 20.90
C16 LBN R . 21.48 16.38 13.85
C18 LBN R . 0.83 33.48 16.25
C25 LBN R . 12.25 27.93 18.73
O5 LBN R . 11.03 28.35 18.43
C26 LBN R . 12.60 26.68 17.97
O6 LBN R . 12.95 28.47 19.55
C27 LBN R . 13.87 26.04 18.42
C28 LBN R . 14.18 24.77 17.64
C29 LBN R . 15.42 24.04 18.10
C30 LBN R . 15.73 22.79 17.31
C31 LBN R . 16.95 22.04 17.79
C32 LBN R . 17.30 20.83 16.95
C33 LBN R . 18.52 20.08 17.43
C34 LBN R . 8.39 27.30 18.74
O7 LBN R . 8.37 28.44 19.46
C35 LBN R . 8.52 26.05 19.56
O8 LBN R . 8.32 27.32 17.53
C36 LBN R . 8.81 24.84 18.72
C37 LBN R . 9.44 23.72 19.52
C38 LBN R . 9.94 22.57 18.67
C39 LBN R . 10.80 21.57 19.41
C40 LBN R . 11.37 20.48 18.52
C41 LBN R . 12.33 19.56 19.21
C42 LBN R . 12.90 18.51 18.31
CAA Y01 S . -16.12 -15.58 -1.67
CBA Y01 S . -16.15 -14.61 -2.84
CAB Y01 S . -15.10 -13.51 -2.65
CAN Y01 S . -17.54 -14.02 -3.05
CAJ Y01 S . -18.14 -13.33 -1.84
CAO Y01 S . -19.53 -12.80 -2.10
CBB Y01 S . -20.24 -12.21 -0.87
CAC Y01 S . -19.49 -10.99 -0.36
CBE Y01 S . -21.72 -11.91 -1.21
CAP Y01 S . -22.35 -13.00 -2.11
CAQ Y01 S . -23.87 -13.00 -1.80
CBG Y01 S . -24.06 -11.78 -0.92
CBI Y01 S . -22.77 -11.73 -0.07
CAE Y01 S . -22.67 -12.90 0.91
CAU Y01 S . -22.78 -10.38 0.66
CAS Y01 S . -24.03 -10.23 1.53
CBF Y01 S . -25.33 -10.36 0.72
CBD Y01 S . -25.35 -11.64 -0.13
CAK Y01 S . -26.55 -11.61 -1.08
CAI Y01 S . -27.79 -11.10 -0.42
CAZ Y01 S . -27.85 -10.55 0.78
CAV Y01 S . -29.18 -10.18 1.41
CBH Y01 S . -26.60 -10.21 1.60
CAD Y01 S . -26.57 -11.17 2.81
CAT Y01 S . -26.72 -8.76 2.08
CAR Y01 S . -28.06 -8.44 2.75
CBC Y01 S . -29.21 -8.73 1.83
OAW Y01 S . -30.46 -8.50 2.54
CAY Y01 S . -31.60 -8.42 1.85
OAG Y01 S . -32.64 -8.87 2.24
CAM Y01 S . -31.45 -7.63 0.58
CAL Y01 S . -31.38 -6.13 0.74
CAX Y01 S . -32.59 -5.50 1.40
OAH Y01 S . -32.44 -4.87 2.47
OAF Y01 S . -33.70 -5.65 0.84
CAJ Y01 T . -20.38 -14.24 4.46
CAO Y01 T . -21.23 -15.07 5.40
CBB Y01 T . -21.69 -14.36 6.67
CAC Y01 T . -20.49 -13.84 7.45
CBE Y01 T . -22.71 -13.26 6.31
CAP Y01 T . -23.88 -13.79 5.44
CAQ Y01 T . -25.13 -12.98 5.80
CBG Y01 T . -24.56 -11.80 6.58
CBI Y01 T . -23.44 -12.44 7.44
CAE Y01 T . -24.00 -13.40 8.50
CAU Y01 T . -22.65 -11.30 8.08
CAS Y01 T . -23.57 -10.38 8.89
CBF Y01 T . -24.71 -9.78 8.04
CBD Y01 T . -25.51 -10.88 7.33
CAK Y01 T . -26.51 -10.26 6.37
CAI Y01 T . -27.19 -9.05 6.93
CAZ Y01 T . -26.85 -8.43 8.04
CAV Y01 T . -27.67 -7.27 8.57
CBH Y01 T . -25.61 -8.79 8.86
CAD Y01 T . -26.07 -9.41 10.18
CAT Y01 T . -24.81 -7.50 9.12
CAR Y01 T . -25.65 -6.35 9.68
CBC Y01 T . -26.82 -6.04 8.77
OAW Y01 T . -27.64 -4.96 9.29
CAY Y01 T . -28.24 -5.07 10.49
OAG Y01 T . -28.13 -6.01 11.22
CAM Y01 T . -29.07 -3.86 10.80
CAL Y01 T . -29.77 -3.86 12.15
CAX Y01 T . -30.61 -2.63 12.42
OAH Y01 T . -30.68 -1.75 11.54
OAF Y01 T . -31.21 -2.56 13.52
CAA Y01 U . -16.96 -10.39 22.07
CBA Y01 U . -16.47 -9.59 20.88
CAB Y01 U . -17.17 -10.03 19.61
CAN Y01 U . -16.63 -8.09 21.11
CAJ Y01 U . -15.88 -7.52 22.28
CAO Y01 U . -16.15 -6.06 22.51
CBB Y01 U . -17.62 -5.70 22.78
CAC Y01 U . -18.14 -6.47 23.98
CBE Y01 U . -17.77 -4.17 22.93
CAP Y01 U . -17.01 -3.40 21.81
CAQ Y01 U . -17.75 -2.06 21.62
CBG Y01 U . -18.76 -2.03 22.76
CBI Y01 U . -19.17 -3.51 22.90
CAE Y01 U . -19.98 -4.00 21.69
CAU Y01 U . -20.01 -3.61 24.19
CAS Y01 U . -21.21 -2.67 24.16
CBF Y01 U . -20.80 -1.20 23.97
CBD Y01 U . -19.89 -1.02 22.73
CAK Y01 U . -19.34 0.40 22.69
CAI Y01 U . -20.35 1.44 23.09
CAZ Y01 U . -21.54 1.18 23.61
CAV Y01 U . -22.51 2.30 23.90
CBH Y01 U . -22.01 -0.23 23.97
CAD Y01 U . -23.09 -0.65 22.96
CAT Y01 U . -22.60 -0.19 25.40
CAR Y01 U . -23.59 0.95 25.63
CBC Y01 U . -22.96 2.27 25.34
OAW Y01 U . -23.92 3.35 25.54
CAY Y01 U . -24.28 3.66 26.78
OAG Y01 U . -23.86 3.11 27.76
CAM Y01 U . -25.25 4.81 26.81
CAL Y01 U . -25.69 5.25 28.20
CAX Y01 U . -26.59 6.47 28.21
OAH Y01 U . -26.91 7.00 27.13
OAF Y01 U . -27.00 6.89 29.32
CAJ Y01 V . -20.20 -17.79 1.43
CAO Y01 V . -20.94 -18.35 0.25
CBB Y01 V . -21.67 -19.68 0.50
CAC Y01 V . -22.73 -19.94 -0.57
CBE Y01 V . -20.70 -20.87 0.72
CAP Y01 V . -21.44 -22.23 0.73
CAQ Y01 V . -20.46 -23.27 0.16
CBG Y01 V . -19.12 -22.57 0.27
CBI Y01 V . -19.44 -21.13 -0.17
CAE Y01 V . -19.77 -21.07 -1.67
CAU Y01 V . -18.18 -20.29 0.14
CAS Y01 V . -16.94 -20.86 -0.55
CBF Y01 V . -16.66 -22.33 -0.17
CBD Y01 V . -17.91 -23.20 -0.40
CAK Y01 V . -17.66 -24.60 0.16
CAI Y01 V . -16.29 -25.12 -0.15
CAZ Y01 V . -15.30 -24.40 -0.66
CAV Y01 V . -13.99 -25.05 -1.06
CBH Y01 V . -15.39 -22.89 -0.86
CAD Y01 V . -15.38 -22.61 -2.37
CAT Y01 V . -14.14 -22.26 -0.20
CAR Y01 V . -12.82 -22.91 -0.63
CBC Y01 V . -12.83 -24.39 -0.35
OAW Y01 V . -11.60 -24.97 -0.89
CAY Y01 V . -11.32 -26.26 -0.63
OAG Y01 V . -11.93 -26.93 0.16
CAM Y01 V . -10.16 -26.75 -1.46
CAL Y01 V . -10.45 -27.76 -2.55
CAX Y01 V . -10.88 -29.14 -2.07
OAH Y01 V . -10.17 -30.11 -2.40
OAF Y01 V . -11.91 -29.24 -1.38
CAJ Y01 W . -5.41 -4.01 -23.14
CAO Y01 W . -6.73 -4.06 -23.85
CBB Y01 W . -7.59 -2.79 -23.73
CAC Y01 W . -6.88 -1.61 -24.37
CBE Y01 W . -8.99 -3.04 -24.32
CAP Y01 W . -9.58 -4.41 -23.86
CAQ Y01 W . -11.11 -4.23 -23.77
CBG Y01 W . -11.35 -2.90 -24.48
CBI Y01 W . -10.15 -2.03 -24.04
CAE Y01 W . -10.21 -1.70 -22.54
CAU Y01 W . -10.19 -0.76 -24.89
CAS Y01 W . -11.53 -0.02 -24.73
CBF Y01 W . -12.74 -0.90 -25.09
CBD Y01 W . -12.72 -2.24 -24.34
CAK Y01 W . -13.81 -3.15 -24.87
CAI Y01 W . -15.10 -2.43 -25.14
CAZ Y01 W . -15.25 -1.12 -25.10
CAV Y01 W . -16.62 -0.50 -25.27
CBH Y01 W . -14.09 -0.14 -24.92
CAD Y01 W . -14.22 0.50 -23.53
CAT Y01 W . -14.20 0.94 -26.02
CAR Y01 W . -15.60 1.55 -26.14
CBC Y01 W . -16.62 0.49 -26.41
OAW Y01 W . -17.97 1.04 -26.49
CAY Y01 W . -18.33 1.73 -27.57
OAG Y01 W . -17.59 2.40 -28.22
CAM Y01 W . -19.77 1.48 -27.94
CAL Y01 W . -20.82 1.66 -26.86
CAX Y01 W . -21.02 3.09 -26.38
OAH Y01 W . -22.16 3.60 -26.52
OAF Y01 W . -20.06 3.67 -25.86
CAA Y01 X . 22.65 10.71 -19.14
CBA Y01 X . 21.51 10.20 -18.27
CAB Y01 X . 22.06 9.53 -17.01
CAN Y01 X . 20.52 11.32 -17.91
CAJ Y01 X . 19.38 10.92 -17.03
CAO Y01 X . 18.34 12.00 -16.84
CBB Y01 X . 17.09 11.58 -16.06
CAC Y01 X . 17.39 11.38 -14.59
CBE Y01 X . 15.87 12.47 -16.37
CAP Y01 X . 14.62 12.07 -15.54
CAQ Y01 X . 13.69 13.29 -15.52
CBG Y01 X . 14.36 14.26 -16.49
CBI Y01 X . 15.86 14.03 -16.26
CAE Y01 X . 16.30 14.51 -14.86
CAU Y01 X . 16.60 14.81 -17.36
CAS Y01 X . 16.23 16.30 -17.31
CBF Y01 X . 14.73 16.55 -17.50
CBD Y01 X . 13.90 15.71 -16.50
CAK Y01 X . 12.42 15.79 -16.87
CAI Y01 X . 12.00 17.17 -17.28
CAZ Y01 X . 12.82 18.19 -17.47
CAV Y01 X . 12.28 19.57 -17.74
CBH Y01 X . 14.34 18.05 -17.45
CAD Y01 X . 14.87 18.75 -16.18
CAT Y01 X . 14.91 18.76 -18.70
CAR Y01 X . 14.37 20.18 -18.91
CBC Y01 X . 12.86 20.16 -19.01
OAW Y01 X . 12.34 21.51 -19.14
CAY Y01 X . 11.22 21.66 -19.84
OAG Y01 X . 11.05 21.18 -20.93
CAM Y01 X . 10.17 22.43 -19.08
CAL Y01 X . 8.90 21.62 -18.86
CAX Y01 X . 7.76 22.37 -18.18
OAH Y01 X . 6.67 22.48 -18.80
OAF Y01 X . 7.96 22.85 -17.05
CAJ Y01 Y . 16.13 10.42 -20.45
CAO Y01 Y . 16.03 11.85 -20.89
CBB Y01 Y . 14.62 12.32 -21.28
CAC Y01 Y . 13.68 12.19 -20.09
CBE Y01 Y . 14.68 13.74 -21.86
CAP Y01 Y . 15.75 13.88 -22.99
CAQ Y01 Y . 15.21 14.90 -24.01
CBG Y01 Y . 14.08 15.57 -23.24
CBI Y01 Y . 13.41 14.41 -22.48
CAE Y01 Y . 12.71 13.43 -23.44
CAU Y01 Y . 12.41 15.04 -21.51
CAS Y01 Y . 11.39 15.93 -22.23
CBF Y01 Y . 12.05 17.03 -23.05
CBD Y01 Y . 13.13 16.48 -24.00
CAK Y01 Y . 13.89 17.64 -24.65
CAI Y01 Y . 13.00 18.77 -25.07
CAZ Y01 Y . 11.71 18.87 -24.76
CAV Y01 Y . 10.87 19.99 -25.34
CBH Y01 Y . 11.01 17.92 -23.80
CAD Y01 Y . 10.01 17.08 -24.61
CAT Y01 Y . 10.25 18.77 -22.76
CAR Y01 Y . 9.38 19.87 -23.39
CBC Y01 Y . 10.20 20.79 -24.26
OAW Y01 Y . 9.30 21.74 -24.91
CAY Y01 Y . 8.81 22.77 -24.21
OAG Y01 Y . 7.75 23.27 -24.43
CAM Y01 Y . 9.79 23.28 -23.17
CAL Y01 Y . 10.14 24.75 -23.27
CAX Y01 Y . 10.78 25.19 -24.57
OAH Y01 Y . 11.95 25.65 -24.53
OAF Y01 Y . 10.13 25.07 -25.62
CAJ Y01 Z . 15.97 6.35 -24.34
CAO Y01 Z . 17.40 6.81 -24.36
CBB Y01 Z . 18.28 6.33 -23.19
CAC Y01 Z . 17.60 6.64 -21.85
CBE Y01 Z . 18.64 4.84 -23.36
CAP Y01 Z . 18.90 4.46 -24.84
CAQ Y01 Z . 19.87 3.26 -24.83
CBG Y01 Z . 19.99 2.90 -23.35
CBI Y01 Z . 19.89 4.26 -22.63
CAE Y01 Z . 21.10 5.15 -22.90
CAU Y01 Z . 19.75 3.95 -21.14
CAS Y01 Z . 20.95 3.14 -20.63
CBF Y01 Z . 21.15 1.82 -21.40
CBD Y01 Z . 21.17 2.03 -22.92
CAK Y01 Z . 21.13 0.68 -23.61
CAI Y01 Z . 22.04 -0.33 -22.97
CAZ Y01 Z . 22.69 -0.14 -21.83
CAV Y01 Z . 23.73 -1.12 -21.35
CBH Y01 Z . 22.42 1.06 -20.91
CAD Y01 Z . 23.67 1.95 -20.92
CAT Y01 Z . 22.17 0.51 -19.49
CAR Y01 Z . 23.28 -0.43 -19.01
CBC Y01 Z . 23.44 -1.60 -19.94
OAW Y01 Z . 24.61 -2.39 -19.52
CAY Y01 Z . 24.60 -2.92 -18.30
OAG Y01 Z . 23.61 -3.15 -17.67
CAM Y01 Z . 26.00 -3.17 -17.80
CAL Y01 Z . 26.14 -3.63 -16.37
CAX Y01 Z . 27.58 -3.73 -15.87
OAH Y01 Z . 28.49 -3.44 -16.67
OAF Y01 Z . 27.77 -4.08 -14.69
CAA Y01 AA . 1.21 -0.28 23.50
CBA Y01 AA . 2.70 0.02 23.60
CAB Y01 AA . 3.24 -0.45 24.95
CAN Y01 AA . 2.98 1.50 23.35
CAJ Y01 AA . 2.39 2.45 24.37
CAO Y01 AA . 2.65 3.90 24.04
CBB Y01 AA . 2.11 4.91 25.06
CAC Y01 AA . 2.76 4.70 26.41
CBE Y01 AA . 2.26 6.35 24.50
CAP Y01 AA . 1.64 6.49 23.09
CAQ Y01 AA . 1.11 7.93 22.98
CBG Y01 AA . 1.75 8.63 24.17
CBI Y01 AA . 1.68 7.57 25.28
CAE Y01 AA . 0.23 7.27 25.71
CAU Y01 AA . 2.51 8.10 26.45
CAS Y01 AA . 1.99 9.46 26.93
CBF Y01 AA . 1.98 10.52 25.81
CBD Y01 AA . 1.24 10.01 24.55
CAK Y01 AA . 1.43 10.99 23.40
CAI Y01 AA . 1.31 12.42 23.84
CAZ Y01 AA . 1.26 12.84 25.10
CAV Y01 AA . 1.00 14.29 25.43
CBH Y01 AA . 1.47 11.90 26.30
CAD Y01 AA . 0.13 11.79 27.05
CAT Y01 AA . 2.54 12.54 27.21
CAR Y01 AA . 2.25 14.01 27.56
CBC Y01 AA . 2.09 14.84 26.32
OAW Y01 AA . 1.79 16.24 26.65
CAY Y01 AA . 0.67 16.55 27.32
OAG Y01 AA . -0.12 15.75 27.75
CAM Y01 AA . 0.53 18.04 27.48
CAL Y01 AA . 0.47 18.55 28.91
CAX Y01 AA . 0.28 20.05 29.04
OAH Y01 AA . 1.15 20.71 29.63
OAF Y01 AA . -0.76 20.55 28.55
CAA Y01 BA . 16.27 8.18 16.53
CBA Y01 BA . 15.69 9.05 17.63
CAB Y01 BA . 15.03 8.20 18.70
CAN Y01 BA . 14.72 10.09 17.06
CAJ Y01 BA . 13.91 10.86 18.07
CAO Y01 BA . 13.18 12.04 17.49
CBB Y01 BA . 12.16 12.71 18.41
CAC Y01 BA . 12.81 13.03 19.76
CBE Y01 BA . 11.56 13.95 17.73
CAP Y01 BA . 11.39 13.77 16.19
CAQ Y01 BA . 10.25 14.72 15.76
CBG Y01 BA . 9.96 15.53 17.02
CBI Y01 BA . 10.18 14.51 18.16
CAE Y01 BA . 9.14 13.38 18.14
CAU Y01 BA . 10.12 15.29 19.48
CAS Y01 BA . 8.81 16.06 19.62
CBF Y01 BA . 8.56 17.03 18.46
CBD Y01 BA . 8.66 16.33 17.09
CAK Y01 BA . 8.62 17.36 15.97
CAI Y01 BA . 7.62 18.45 16.22
CAZ Y01 BA . 6.96 18.64 17.34
CAV Y01 BA . 5.90 19.72 17.45
CBH Y01 BA . 7.24 17.84 18.62
CAD Y01 BA . 6.03 16.91 18.86
CAT Y01 BA . 7.39 18.82 19.79
CAR Y01 BA . 6.29 19.88 19.87
CBC Y01 BA . 6.22 20.66 18.58
OAW Y01 BA . 5.16 21.66 18.64
CAY Y01 BA . 5.34 22.74 19.39
OAG Y01 BA . 6.25 22.89 20.15
CAM Y01 BA . 4.30 23.79 19.11
CAL Y01 BA . 4.47 25.09 19.89
CAX Y01 BA . 3.52 26.21 19.46
OAH Y01 BA . 3.58 27.29 20.08
OAF Y01 BA . 2.75 25.99 18.51
CBB Y01 CA . -18.19 -6.95 31.83
CBE Y01 CA . -19.41 -6.32 32.51
CAP Y01 CA . -19.38 -6.48 34.06
CAQ Y01 CA . -20.17 -5.28 34.63
CBG Y01 CA . -20.81 -4.65 33.40
CBI Y01 CA . -19.73 -4.81 32.32
CAE Y01 CA . -18.48 -3.96 32.60
CAU Y01 CA . -20.36 -4.41 30.97
CAS Y01 CA . -20.93 -3.00 31.03
CBF Y01 CA . -21.96 -2.80 32.16
CBD Y01 CA . -21.41 -3.25 33.52
CAK Y01 CA . -22.52 -3.23 34.56
CAI Y01 CA . -23.41 -2.04 34.45
CAZ Y01 CA . -23.38 -1.16 33.45
CAV Y01 CA . -24.23 0.09 33.48
CBH Y01 CA . -22.53 -1.35 32.19
CAD Y01 CA . -21.42 -0.29 32.20
CAT Y01 CA . -23.44 -1.15 30.96
CAR Y01 CA . -24.27 0.13 31.02
CBC Y01 CA . -25.12 0.17 32.25
OAW Y01 CA . -25.85 1.43 32.29
CAY Y01 CA . -26.84 1.58 33.16
OAG Y01 CA . -27.16 0.76 33.96
CAM Y01 CA . -27.55 2.90 32.98
CAL Y01 CA . -28.66 3.21 33.96
CAX Y01 CA . -29.45 4.48 33.66
OAH Y01 CA . -30.33 4.83 34.46
OAF Y01 CA . -29.17 5.12 32.63
C01 9Z9 DA . -6.88 5.57 -24.73
C02 9Z9 DA . -7.10 4.37 -25.65
C03 9Z9 DA . -6.00 3.30 -25.45
C04 9Z9 DA . -6.56 2.35 -24.35
C05 9Z9 DA . -7.92 2.90 -23.93
C06 9Z9 DA . -8.35 3.57 -25.25
C07 9Z9 DA . -9.66 4.36 -25.31
C08 9Z9 DA . -9.84 4.93 -26.74
C09 9Z9 DA . -8.58 5.67 -27.22
C10 9Z9 DA . -7.31 4.84 -27.09
C11 9Z9 DA . -11.13 5.78 -26.88
C12 9Z9 DA . -11.00 7.16 -26.22
C13 9Z9 DA . -12.30 5.05 -26.23
C14 9Z9 DA . -12.16 4.01 -25.43
C15 9Z9 DA . -10.84 3.45 -24.97
C16 9Z9 DA . -13.69 5.60 -26.55
C17 9Z9 DA . -13.91 5.67 -28.04
C18 9Z9 DA . -12.83 6.52 -28.68
C19 9Z9 DA . -11.44 5.95 -28.38
O20 9Z9 DA . -15.20 6.24 -28.27
O72 9Z9 DA . -5.57 2.36 -23.30
C73 9Z9 DA . -4.33 2.55 -23.95
C74 9Z9 DA . -4.61 3.68 -24.91
C75 9Z9 DA . -3.55 3.98 -25.97
C76 9Z9 DA . -3.27 2.81 -22.89
C77 9Z9 DA . -3.01 1.58 -22.03
C78 9Z9 DA . -2.75 0.35 -22.91
C79 9Z9 DA . -2.77 0.78 -24.36
O80 9Z9 DA . -3.99 1.40 -24.73
C81 9Z9 DA . -3.76 -0.75 -22.67
C01 9Z9 EA . -12.23 -3.59 -17.24
C02 9Z9 EA . -11.77 -2.91 -18.53
C03 9Z9 EA . -10.23 -3.02 -18.73
C04 9Z9 EA . -10.03 -4.41 -19.38
C05 9Z9 EA . -11.42 -4.96 -19.72
C06 9Z9 EA . -12.25 -3.67 -19.78
C07 9Z9 EA . -13.76 -3.75 -19.95
C08 9Z9 EA . -14.36 -2.33 -19.92
C09 9Z9 EA . -13.85 -1.51 -18.72
C10 9Z9 EA . -12.32 -1.49 -18.61
C11 9Z9 EA . -15.91 -2.33 -20.03
C12 9Z9 EA . -16.58 -2.75 -18.71
C13 9Z9 EA . -16.36 -3.30 -21.12
C14 9Z9 EA . -15.54 -4.19 -21.68
C15 9Z9 EA . -14.13 -4.44 -21.26
C16 9Z9 EA . -17.81 -3.20 -21.54
C17 9Z9 EA . -18.16 -1.78 -21.94
C18 9Z9 EA . -17.86 -0.83 -20.82
C19 9Z9 EA . -16.38 -0.91 -20.43
O20 9Z9 EA . -19.55 -1.76 -22.27
C21 9Z9 EA . -20.02 -0.48 -22.70
C22 9Z9 EA . -21.48 -0.56 -23.01
O72 9Z9 EA . -9.32 -5.18 -18.39
C73 9Z9 EA . -8.42 -4.26 -17.80
C74 9Z9 EA . -9.29 -3.05 -17.51
C75 9Z9 EA . -8.59 -1.73 -17.19
C76 9Z9 EA . -7.78 -4.93 -16.59
C77 9Z9 EA . -6.71 -5.93 -17.00
C78 9Z9 EA . -5.60 -5.24 -17.80
C79 9Z9 EA . -6.09 -3.86 -18.22
O80 9Z9 EA . -7.42 -3.88 -18.74
C81 9Z9 EA . -5.16 -6.07 -18.99
N1 YIJ FA . 9.55 7.39 11.17
C4 YIJ FA . 6.53 2.82 6.09
C5 YIJ FA . 7.51 3.27 6.96
C6 YIJ FA . 7.21 4.20 7.94
C7 YIJ FA . 8.26 4.67 8.88
C8 YIJ FA . 7.61 4.89 11.17
C10 YIJ FA . 8.97 4.65 11.80
C13 YIJ FA . 11.19 4.98 12.71
C15 YIJ FA . 9.14 5.15 14.19
C17 YIJ FA . 11.39 4.92 15.33
C20 YIJ FA . 11.88 4.70 17.82
C21 YIJ FA . 11.85 3.17 17.68
C22 YIJ FA . 12.13 2.81 16.23
C24 YIJ FA . 13.71 4.74 16.16
C26 YIJ FA . 13.30 5.54 13.85
C28 YIJ FA . 9.66 7.02 12.58
C1 YIJ FA . 5.91 4.67 8.04
C11 YIJ FA . 9.68 3.54 11.58
C12 YIJ FA . 10.99 3.53 12.27
C14 YIJ FA . 9.73 5.51 12.83
C16 YIJ FA . 10.03 5.60 15.36
C18 YIJ FA . 12.33 5.33 16.50
C19 YIJ FA . 12.38 6.86 16.68
C2 YIJ FA . 4.93 4.22 7.17
C23 YIJ FA . 13.54 3.24 15.89
C25 YIJ FA . 14.30 5.47 14.95
C27 YIJ FA . 12.03 5.17 13.97
C29 YIJ FA . 10.83 7.32 10.42
C3 YIJ FA . 5.24 3.30 6.20
C30 YIJ FA . 11.50 5.97 10.45
C31 YIJ FA . 8.93 8.71 11.02
C9 YIJ FA . 6.67 5.79 11.95
O1 YIJ FA . 9.41 4.36 8.80
O2 YIJ FA . 7.74 5.45 9.83
O3 YIJ FA . 9.30 5.39 16.57
O4 YIJ FA . 11.17 3.49 15.41
O5 YIJ FA . 11.95 1.45 16.02
O6 YIJ FA . 12.03 5.63 11.74
N1 YIJ GA . 5.53 4.32 -2.33
C4 YIJ GA . -0.62 -0.45 -2.81
C5 YIJ GA . 0.44 0.28 -3.33
C6 YIJ GA . 0.76 1.52 -2.79
C7 YIJ GA . 1.90 2.30 -3.32
C8 YIJ GA . 3.96 1.56 -4.31
C10 YIJ GA . 4.57 2.87 -4.73
C13 YIJ GA . 6.13 4.62 -5.44
C15 YIJ GA . 6.85 2.17 -5.19
C17 YIJ GA . 8.32 3.68 -6.56
C20 YIJ GA . 10.49 3.01 -7.74
C21 YIJ GA . 9.64 2.54 -8.93
C22 YIJ GA . 8.34 3.34 -8.95
C24 YIJ GA . 9.56 5.29 -8.00
C26 YIJ GA . 7.78 6.12 -6.49
C28 YIJ GA . 6.46 3.50 -3.12
C1 YIJ GA . 0.02 2.00 -1.71
C11 YIJ GA . 3.96 3.82 -5.44
C12 YIJ GA . 4.93 4.47 -6.36
C14 YIJ GA . 6.03 3.30 -4.57
C16 YIJ GA . 8.29 2.61 -5.49
C18 YIJ GA . 9.75 4.13 -6.99
C19 YIJ GA . 10.59 4.58 -5.79
C2 YIJ GA . -1.03 1.25 -1.21
C23 YIJ GA . 8.65 4.81 -9.13
C25 YIJ GA . 8.98 6.52 -7.29
C27 YIJ GA . 7.45 4.87 -6.17
C29 YIJ GA . 5.98 5.73 -2.25
C3 YIJ GA . -1.35 0.04 -1.76
C30 YIJ GA . 6.59 6.16 -3.56
C31 YIJ GA . 5.35 3.78 -0.98
C9 YIJ GA . 4.34 1.01 -2.94
O1 YIJ GA . 2.26 3.36 -2.89
O2 YIJ GA . 2.50 1.64 -4.32
O3 YIJ GA . 9.03 1.44 -5.83
O4 YIJ GA . 7.65 3.12 -7.72
O5 YIJ GA . 7.50 2.88 -9.97
O6 YIJ GA . 5.76 5.80 -4.67
#